data_6X9B
#
_entry.id   6X9B
#
_cell.length_a   100.890
_cell.length_b   101.920
_cell.length_c   126.200
_cell.angle_alpha   90.000
_cell.angle_beta   106.440
_cell.angle_gamma   90.000
#
_symmetry.space_group_name_H-M   'P 1 21 1'
#
loop_
_entity.id
_entity.type
_entity.pdbx_description
1 polymer 'Bifunctional protein PutA'
2 non-polymer 'FLAVIN-ADENINE DINUCLEOTIDE'
3 non-polymer DI(HYDROXYETHYL)ETHER
4 non-polymer NICOTINAMIDE-ADENINE-DINUCLEOTIDE
5 non-polymer 'SULFATE ION'
6 non-polymer 'MAGNESIUM ION'
7 non-polymer (4R)-4-hydroxy-D-proline
8 non-polymer 'TRIETHYLENE GLYCOL'
9 water water
#
_entity_poly.entity_id   1
_entity_poly.type   'polypeptide(L)'
_entity_poly.pdbx_seq_one_letter_code
;SMMSPNPLQKPAIDAAPAPFADFAPPVRPQSTLRRAITAAYRRPETECLPPLVEAATQSKEIRDAAASTARKLIEALRGK
HSGSGVEGLVQEYSLSSQEGVALMCLAEALLRIPDTATRDALIRDKIADGNWKSHLGGSRSLFVNAATWGLVVTGKLTST
VNDRSLAAALTRLISRCGEPVIRRGVDMAMRMMGEQFVTGETIREALKRSKELEEKGFSYSYDMLGEAATTAADAERYYR
DYESAIHAIGKASAGRGIYEGPGISIKLSALHPRYSRAQAARVMGELLPRVKALALLAKNYDIGLNIDAEEADRLELSLD
LLEVLCLDGDLSGWNGMGFVVQAYGKRCPFVLDFIIDLARRSGRRIMVRLVKGAYWDAEIKRAQLDGLADFPVFTRKIHT
DVSYIACAAKLLAATDVVFPQFATHNAQTLAAIYHMAGKDFHVGKYEFQCLHGMGEPLYEEVVGRGKLDRPCRIYAPVGT
HETLLAYLVRRLLENGANSSFVHRINDPKVSIDELIADPVEVVRAMPVVGAKHDRIALPAELFGDARTNSAGLDLSNEET
LASLTEALRESAAMKWTALPQLATGPAAGETRTVLNPGDHRDVVGSVTETSEEDARRAVRLAADAAPDWAAVPPSERAAC
LDRAAELMQARMPTLLGLIIREAGKSALNAIAEVREAIDFLRYYAEQTRRTLGPGHGPLGPIVCISPWNFPLAIFTGQIA
AALVAGNPVLAKPAEETPLIAAEGVRILREAGIPASALQLLPGDGRVGAALVAAAETAGVMFTGSTEVARLIQAQLADRL
SPAGRPIPLIAETGGQNAMIVDSSALAEQVVGDVITSAFDSAGQRCSALRVLCLQEDVADRILTMLKGALHELHIGRTDR
LSVDVGPVITSEAKDNIEKHIERMRGLGRKVEQIGLASETGVGTFVPPTIIELEKLSDLQREVFGPVLHVIRYRRDDLDR
LVDDVNATGYGLTFGLHTRLDETIAHVTSRIKAGNLYINRNIIGAVVGVQPFGGRGLSGTGPKAGGPLYLGRLVTTAPVP
PQHSSVHTDPVLLDFAKWLDGKGARAEAEAARNAGSSSALGLDLELPGPVGERNLYTLHARGRILLVPATESGLYHQLAA
ALATGNSVAIDAASGLQASLKNLPQTVGLRVSWSKDWAADGPFAGALVEGDAERIRAVNKAIAALPGPLLLVQAASSGEI
ARNPDAYCLNWLVEEVSASINTAAAGGNASLMAIG
;
_entity_poly.pdbx_strand_id   A,B
#
# COMPACT_ATOMS: atom_id res chain seq x y z
N ALA A 16 -37.69 -34.17 -33.78
CA ALA A 16 -36.44 -33.79 -33.13
C ALA A 16 -35.80 -32.59 -33.83
N PRO A 17 -35.71 -31.46 -33.12
CA PRO A 17 -35.23 -30.23 -33.75
C PRO A 17 -33.78 -30.36 -34.19
N ALA A 18 -33.46 -29.77 -35.34
CA ALA A 18 -32.10 -29.82 -35.85
C ALA A 18 -31.17 -29.03 -34.92
N PRO A 19 -29.98 -29.55 -34.65
CA PRO A 19 -29.07 -28.89 -33.70
C PRO A 19 -28.69 -27.50 -34.18
N PHE A 20 -28.90 -26.50 -33.32
CA PHE A 20 -28.54 -25.11 -33.55
C PHE A 20 -29.37 -24.41 -34.62
N ALA A 21 -30.44 -25.05 -35.09
CA ALA A 21 -31.28 -24.44 -36.12
C ALA A 21 -31.99 -23.18 -35.64
N ASP A 22 -32.13 -23.01 -34.33
CA ASP A 22 -32.76 -21.82 -33.75
C ASP A 22 -31.84 -21.21 -32.69
N PHE A 23 -30.54 -21.19 -32.96
CA PHE A 23 -29.59 -20.85 -31.91
C PHE A 23 -29.79 -19.41 -31.44
N ALA A 24 -29.73 -18.45 -32.36
CA ALA A 24 -29.84 -17.04 -31.97
C ALA A 24 -30.33 -16.16 -33.13
N PRO A 25 -31.47 -16.47 -33.75
CA PRO A 25 -31.93 -15.64 -34.87
C PRO A 25 -32.20 -14.22 -34.40
N PRO A 26 -31.82 -13.22 -35.19
CA PRO A 26 -32.08 -11.82 -34.78
C PRO A 26 -33.57 -11.50 -34.80
N VAL A 27 -33.91 -10.42 -34.10
CA VAL A 27 -35.29 -9.95 -34.07
C VAL A 27 -35.79 -9.67 -35.48
N ARG A 28 -34.95 -9.13 -36.33
CA ARG A 28 -35.32 -8.78 -37.69
C ARG A 28 -34.07 -8.86 -38.56
N PRO A 29 -34.24 -8.97 -39.88
CA PRO A 29 -33.07 -8.93 -40.76
C PRO A 29 -32.33 -7.61 -40.59
N GLN A 30 -31.01 -7.68 -40.55
CA GLN A 30 -30.20 -6.51 -40.26
C GLN A 30 -30.05 -5.67 -41.53
N SER A 31 -30.57 -4.44 -41.50
CA SER A 31 -30.47 -3.51 -42.60
C SER A 31 -29.03 -3.02 -42.75
N THR A 32 -28.78 -2.33 -43.86
CA THR A 32 -27.48 -1.71 -44.09
C THR A 32 -27.11 -0.78 -42.94
N LEU A 33 -28.06 0.01 -42.47
CA LEU A 33 -27.78 0.94 -41.38
C LEU A 33 -27.50 0.18 -40.09
N ARG A 34 -28.26 -0.87 -39.81
CA ARG A 34 -28.01 -1.64 -38.60
C ARG A 34 -26.66 -2.34 -38.64
N ARG A 35 -26.30 -2.91 -39.80
CA ARG A 35 -25.01 -3.59 -39.91
C ARG A 35 -23.85 -2.63 -39.76
N ALA A 36 -24.01 -1.39 -40.21
CA ALA A 36 -22.95 -0.41 -40.00
C ALA A 36 -22.77 -0.12 -38.52
N ILE A 37 -23.85 -0.15 -37.73
CA ILE A 37 -23.71 0.00 -36.29
C ILE A 37 -22.89 -1.15 -35.73
N THR A 38 -23.30 -2.39 -36.05
CA THR A 38 -22.63 -3.56 -35.51
C THR A 38 -21.15 -3.57 -35.90
N ALA A 39 -20.85 -3.13 -37.12
CA ALA A 39 -19.46 -3.12 -37.58
C ALA A 39 -18.56 -2.22 -36.74
N ALA A 40 -19.12 -1.20 -36.10
CA ALA A 40 -18.36 -0.25 -35.29
C ALA A 40 -18.21 -0.66 -33.84
N TYR A 41 -18.84 -1.76 -33.42
CA TYR A 41 -18.98 -2.11 -32.01
C TYR A 41 -17.66 -2.01 -31.26
N ARG A 42 -16.61 -2.66 -31.77
CA ARG A 42 -15.33 -2.65 -31.10
C ARG A 42 -14.22 -2.14 -32.01
N ARG A 43 -14.56 -1.21 -32.88
CA ARG A 43 -13.61 -0.70 -33.86
C ARG A 43 -12.40 -0.10 -33.15
N PRO A 44 -11.18 -0.32 -33.65
CA PRO A 44 -10.01 0.26 -32.98
C PRO A 44 -10.15 1.77 -32.81
N GLU A 45 -9.70 2.26 -31.66
CA GLU A 45 -9.87 3.67 -31.33
C GLU A 45 -9.20 4.58 -32.35
N THR A 46 -8.06 4.16 -32.90
CA THR A 46 -7.42 4.98 -33.92
C THR A 46 -8.22 5.08 -35.21
N GLU A 47 -9.11 4.12 -35.49
CA GLU A 47 -9.96 4.19 -36.67
C GLU A 47 -11.21 5.02 -36.44
N CYS A 48 -11.67 5.14 -35.20
CA CYS A 48 -12.90 5.89 -34.93
C CYS A 48 -12.70 7.39 -35.00
N LEU A 49 -11.54 7.88 -34.54
CA LEU A 49 -11.35 9.31 -34.30
C LEU A 49 -11.29 10.20 -35.54
N PRO A 50 -10.55 9.85 -36.60
CA PRO A 50 -10.39 10.78 -37.72
C PRO A 50 -11.71 11.29 -38.28
N PRO A 51 -12.69 10.42 -38.57
CA PRO A 51 -13.98 10.96 -39.06
C PRO A 51 -14.67 11.84 -38.05
N LEU A 52 -14.53 11.53 -36.75
CA LEU A 52 -15.10 12.40 -35.73
C LEU A 52 -14.41 13.76 -35.71
N VAL A 53 -13.09 13.78 -35.80
CA VAL A 53 -12.37 15.05 -35.90
C VAL A 53 -12.88 15.86 -37.08
N GLU A 54 -12.99 15.23 -38.25
CA GLU A 54 -13.47 15.92 -39.44
C GLU A 54 -14.86 16.51 -39.23
N ALA A 55 -15.77 15.72 -38.64
CA ALA A 55 -17.14 16.16 -38.50
C ALA A 55 -17.29 17.28 -37.46
N ALA A 56 -16.42 17.31 -36.45
CA ALA A 56 -16.50 18.29 -35.37
C ALA A 56 -15.75 19.58 -35.69
N THR A 57 -15.13 19.68 -36.85
CA THR A 57 -14.32 20.85 -37.17
C THR A 57 -15.21 22.06 -37.41
N GLN A 58 -14.77 23.22 -36.87
CA GLN A 58 -15.48 24.48 -37.08
C GLN A 58 -14.47 25.55 -37.48
N SER A 59 -14.98 26.65 -38.01
CA SER A 59 -14.14 27.74 -38.48
C SER A 59 -13.40 28.39 -37.31
N LYS A 60 -12.25 28.99 -37.63
CA LYS A 60 -11.50 29.73 -36.63
C LYS A 60 -12.36 30.81 -35.99
N GLU A 61 -13.20 31.48 -36.79
CA GLU A 61 -14.14 32.45 -36.24
C GLU A 61 -15.02 31.81 -35.18
N ILE A 62 -15.60 30.64 -35.48
CA ILE A 62 -16.47 29.98 -34.52
C ILE A 62 -15.70 29.52 -33.29
N ARG A 63 -14.53 28.91 -33.49
CA ARG A 63 -13.77 28.42 -32.35
C ARG A 63 -13.38 29.53 -31.39
N ASP A 64 -12.98 30.68 -31.92
CA ASP A 64 -12.72 31.85 -31.07
C ASP A 64 -14.00 32.30 -30.36
N ALA A 65 -15.12 32.33 -31.08
CA ALA A 65 -16.37 32.78 -30.46
C ALA A 65 -16.85 31.80 -29.39
N ALA A 66 -16.71 30.50 -29.65
CA ALA A 66 -17.06 29.50 -28.65
C ALA A 66 -16.18 29.62 -27.42
N ALA A 67 -14.87 29.80 -27.62
CA ALA A 67 -13.96 29.93 -26.49
C ALA A 67 -14.33 31.13 -25.63
N SER A 68 -14.72 32.24 -26.26
CA SER A 68 -15.14 33.41 -25.49
C SER A 68 -16.40 33.12 -24.68
N THR A 69 -17.40 32.51 -25.32
CA THR A 69 -18.60 32.11 -24.59
C THR A 69 -18.27 31.14 -23.46
N ALA A 70 -17.41 30.14 -23.74
CA ALA A 70 -17.05 29.19 -22.70
C ALA A 70 -16.36 29.88 -21.52
N ARG A 71 -15.46 30.82 -21.80
CA ARG A 71 -14.80 31.58 -20.74
C ARG A 71 -15.82 32.38 -19.93
N LYS A 72 -16.76 33.03 -20.61
CA LYS A 72 -17.78 33.82 -19.93
C LYS A 72 -18.61 32.95 -19.00
N LEU A 73 -19.07 31.79 -19.47
CA LEU A 73 -19.83 30.89 -18.63
C LEU A 73 -19.03 30.41 -17.44
N ILE A 74 -17.75 30.08 -17.65
CA ILE A 74 -16.92 29.54 -16.57
C ILE A 74 -16.60 30.62 -15.55
N GLU A 75 -16.35 31.84 -16.01
CA GLU A 75 -16.12 32.95 -15.08
C GLU A 75 -17.35 33.20 -14.21
N ALA A 76 -18.54 33.15 -14.81
CA ALA A 76 -19.77 33.26 -14.02
C ALA A 76 -19.90 32.10 -13.04
N LEU A 77 -19.59 30.88 -13.48
CA LEU A 77 -19.68 29.71 -12.61
C LEU A 77 -18.76 29.86 -11.40
N ARG A 78 -17.50 30.23 -11.63
CA ARG A 78 -16.55 30.34 -10.53
C ARG A 78 -16.78 31.60 -9.69
N GLY A 79 -17.54 32.56 -10.21
CA GLY A 79 -17.77 33.80 -9.48
C GLY A 79 -18.93 33.73 -8.51
N LYS A 80 -19.88 32.83 -8.74
CA LYS A 80 -21.01 32.67 -7.83
C LYS A 80 -20.89 31.36 -7.06
N SER A 84 -19.99 24.70 -0.20
CA SER A 84 -21.14 23.80 -0.13
C SER A 84 -21.63 23.63 1.31
N GLY A 85 -22.83 23.04 1.44
CA GLY A 85 -23.39 22.84 2.77
C GLY A 85 -22.55 21.90 3.63
N VAL A 86 -22.14 20.77 3.06
CA VAL A 86 -21.35 19.82 3.84
C VAL A 86 -20.00 20.41 4.21
N GLU A 87 -19.36 21.11 3.27
CA GLU A 87 -18.08 21.77 3.55
C GLU A 87 -18.21 22.77 4.69
N GLY A 88 -19.31 23.54 4.72
CA GLY A 88 -19.50 24.48 5.81
C GLY A 88 -19.78 23.80 7.14
N LEU A 89 -20.43 22.64 7.10
CA LEU A 89 -20.67 21.87 8.30
C LEU A 89 -19.36 21.28 8.83
N VAL A 90 -18.55 20.70 7.95
CA VAL A 90 -17.23 20.22 8.35
C VAL A 90 -16.40 21.33 8.94
N GLN A 91 -16.52 22.54 8.37
CA GLN A 91 -15.76 23.68 8.88
C GLN A 91 -16.26 24.10 10.25
N GLU A 92 -17.57 24.24 10.42
CA GLU A 92 -18.09 24.81 11.67
C GLU A 92 -17.74 23.95 12.88
N TYR A 93 -17.80 22.63 12.73
CA TYR A 93 -17.55 21.72 13.84
C TYR A 93 -16.16 21.08 13.80
N SER A 94 -15.28 21.56 12.90
CA SER A 94 -13.92 21.05 12.80
C SER A 94 -13.87 19.54 12.62
N LEU A 95 -14.72 19.02 11.74
CA LEU A 95 -14.82 17.57 11.57
C LEU A 95 -13.68 17.08 10.69
N SER A 96 -13.15 15.91 11.05
CA SER A 96 -12.32 15.15 10.11
C SER A 96 -13.21 14.59 9.00
N SER A 97 -12.58 14.07 7.94
CA SER A 97 -13.34 13.44 6.87
C SER A 97 -14.19 12.28 7.39
N GLN A 98 -13.59 11.41 8.20
CA GLN A 98 -14.34 10.27 8.72
C GLN A 98 -15.47 10.72 9.63
N GLU A 99 -15.27 11.78 10.42
CA GLU A 99 -16.37 12.35 11.21
C GLU A 99 -17.48 12.86 10.31
N GLY A 100 -17.12 13.57 9.23
CA GLY A 100 -18.15 14.05 8.31
C GLY A 100 -18.96 12.93 7.72
N VAL A 101 -18.28 11.86 7.26
CA VAL A 101 -19.00 10.70 6.73
C VAL A 101 -19.86 10.07 7.81
N ALA A 102 -19.28 9.82 9.00
CA ALA A 102 -20.05 9.19 10.06
C ALA A 102 -21.28 10.02 10.43
N LEU A 103 -21.12 11.35 10.51
CA LEU A 103 -22.28 12.19 10.80
C LEU A 103 -23.36 12.06 9.74
N MET A 104 -22.98 12.04 8.46
CA MET A 104 -24.01 11.90 7.43
C MET A 104 -24.69 10.53 7.51
N CYS A 105 -23.93 9.48 7.84
CA CYS A 105 -24.55 8.17 8.02
C CYS A 105 -25.54 8.17 9.17
N LEU A 106 -25.16 8.80 10.30
CA LEU A 106 -26.07 8.93 11.44
C LEU A 106 -27.33 9.70 11.03
N ALA A 107 -27.16 10.82 10.31
CA ALA A 107 -28.32 11.58 9.87
C ALA A 107 -29.22 10.74 8.97
N GLU A 108 -28.62 9.99 8.04
CA GLU A 108 -29.39 9.08 7.19
C GLU A 108 -30.22 8.12 8.03
N ALA A 109 -29.61 7.52 9.05
CA ALA A 109 -30.31 6.56 9.88
C ALA A 109 -31.43 7.22 10.69
N LEU A 110 -31.16 8.42 11.22
CA LEU A 110 -32.19 9.12 11.96
C LEU A 110 -33.38 9.46 11.08
N LEU A 111 -33.14 9.69 9.79
CA LEU A 111 -34.21 9.99 8.86
C LEU A 111 -35.02 8.76 8.48
N ARG A 112 -34.54 7.55 8.82
CA ARG A 112 -35.36 6.36 8.67
C ARG A 112 -36.45 6.29 9.72
N ILE A 113 -36.37 7.11 10.76
CA ILE A 113 -37.44 7.26 11.73
C ILE A 113 -38.46 8.22 11.14
N PRO A 114 -39.65 7.74 10.76
CA PRO A 114 -40.58 8.60 10.00
C PRO A 114 -41.15 9.74 10.80
N ASP A 115 -41.29 9.59 12.12
CA ASP A 115 -41.98 10.57 12.94
C ASP A 115 -40.99 11.61 13.47
N THR A 116 -41.24 12.88 13.16
CA THR A 116 -40.30 13.94 13.48
C THR A 116 -40.09 14.10 14.98
N ALA A 117 -41.18 14.16 15.76
CA ALA A 117 -41.05 14.30 17.21
C ALA A 117 -40.31 13.12 17.83
N THR A 118 -40.59 11.91 17.34
CA THR A 118 -39.89 10.73 17.85
C THR A 118 -38.41 10.80 17.56
N ARG A 119 -38.05 11.20 16.33
CA ARG A 119 -36.65 11.34 15.99
C ARG A 119 -35.98 12.41 16.84
N ASP A 120 -36.65 13.56 16.99
CA ASP A 120 -36.08 14.63 17.82
C ASP A 120 -35.89 14.17 19.26
N ALA A 121 -36.83 13.38 19.79
CA ALA A 121 -36.69 12.90 21.15
C ALA A 121 -35.51 11.96 21.30
N LEU A 122 -35.31 11.07 20.32
CA LEU A 122 -34.16 10.18 20.35
C LEU A 122 -32.86 10.98 20.32
N ILE A 123 -32.79 11.99 19.45
CA ILE A 123 -31.59 12.82 19.38
C ILE A 123 -31.33 13.48 20.73
N ARG A 124 -32.36 14.10 21.30
CA ARG A 124 -32.16 14.90 22.51
C ARG A 124 -31.85 14.04 23.73
N ASP A 125 -32.64 12.98 23.94
CA ASP A 125 -32.55 12.21 25.18
C ASP A 125 -31.62 11.01 25.10
N LYS A 126 -31.24 10.58 23.90
CA LYS A 126 -30.50 9.33 23.77
C LYS A 126 -29.22 9.47 22.95
N ILE A 127 -29.33 9.96 21.71
CA ILE A 127 -28.15 10.02 20.82
C ILE A 127 -27.15 11.04 21.33
N ALA A 128 -27.62 12.21 21.76
CA ALA A 128 -26.70 13.26 22.15
C ALA A 128 -25.98 12.94 23.45
N ASP A 129 -26.62 12.20 24.35
CA ASP A 129 -26.11 11.99 25.70
C ASP A 129 -24.96 10.99 25.75
N GLY A 130 -24.79 10.18 24.71
CA GLY A 130 -23.68 9.25 24.70
C GLY A 130 -23.85 8.14 23.69
N ASN A 131 -24.09 6.92 24.18
CA ASN A 131 -24.14 5.75 23.34
C ASN A 131 -25.22 5.86 22.27
N TRP A 132 -24.80 6.15 21.04
CA TRP A 132 -25.69 6.06 19.89
C TRP A 132 -25.91 4.61 19.47
N LYS A 133 -25.00 3.71 19.85
CA LYS A 133 -25.07 2.33 19.40
C LYS A 133 -26.38 1.68 19.81
N SER A 134 -26.74 1.77 21.09
CA SER A 134 -27.94 1.10 21.59
C SER A 134 -29.17 1.43 20.77
N HIS A 135 -29.45 2.72 20.59
CA HIS A 135 -30.65 3.13 19.87
C HIS A 135 -30.53 2.91 18.36
N LEU A 136 -29.32 2.83 17.83
CA LEU A 136 -29.14 2.64 16.39
C LEU A 136 -27.98 1.68 16.11
N ARG A 140 -28.68 -3.55 11.30
CA ARG A 140 -28.18 -2.83 10.12
C ARG A 140 -27.17 -1.78 10.56
N SER A 141 -25.94 -1.90 10.07
CA SER A 141 -24.91 -0.92 10.36
C SER A 141 -25.38 0.48 9.95
N LEU A 142 -25.09 1.48 10.79
CA LEU A 142 -25.32 2.86 10.39
C LEU A 142 -24.59 3.21 9.11
N PHE A 143 -23.55 2.47 8.78
CA PHE A 143 -22.58 2.86 7.78
C PHE A 143 -22.74 2.11 6.46
N VAL A 144 -23.91 1.49 6.23
CA VAL A 144 -24.16 0.75 4.99
C VAL A 144 -23.86 1.58 3.74
N ASN A 145 -24.23 2.87 3.76
CA ASN A 145 -24.04 3.72 2.59
C ASN A 145 -22.85 4.66 2.73
N ALA A 146 -21.89 4.30 3.59
CA ALA A 146 -20.79 5.23 3.85
C ALA A 146 -19.92 5.49 2.62
N ALA A 147 -19.89 4.55 1.67
CA ALA A 147 -19.13 4.82 0.44
C ALA A 147 -19.74 5.97 -0.34
N THR A 148 -21.06 6.06 -0.33
CA THR A 148 -21.74 7.18 -0.97
C THR A 148 -21.47 8.49 -0.23
N TRP A 149 -21.70 8.52 1.09
CA TRP A 149 -21.41 9.75 1.83
C TRP A 149 -19.93 10.11 1.75
N GLY A 150 -19.06 9.08 1.66
CA GLY A 150 -17.64 9.36 1.49
C GLY A 150 -17.35 10.13 0.22
N LEU A 151 -18.04 9.78 -0.87
CA LEU A 151 -17.92 10.58 -2.09
C LEU A 151 -18.42 12.00 -1.86
N VAL A 152 -19.53 12.16 -1.14
CA VAL A 152 -20.08 13.48 -0.85
C VAL A 152 -19.09 14.32 -0.05
N VAL A 153 -18.51 13.73 0.99
CA VAL A 153 -17.69 14.49 1.91
C VAL A 153 -16.31 14.75 1.33
N THR A 154 -15.71 13.74 0.71
CA THR A 154 -14.31 13.79 0.32
C THR A 154 -14.10 13.86 -1.19
N GLY A 155 -15.12 13.60 -2.00
CA GLY A 155 -14.90 13.49 -3.43
C GLY A 155 -14.16 12.24 -3.87
N LYS A 156 -13.81 11.35 -2.94
CA LYS A 156 -13.08 10.13 -3.22
C LYS A 156 -13.97 8.93 -2.91
N LEU A 157 -13.90 7.91 -3.77
CA LEU A 157 -14.65 6.68 -3.60
C LEU A 157 -13.79 5.64 -2.91
N THR A 158 -14.31 5.06 -1.82
CA THR A 158 -13.69 3.93 -1.14
C THR A 158 -14.69 2.77 -1.21
N SER A 159 -14.27 1.67 -1.83
CA SER A 159 -15.22 0.62 -2.22
C SER A 159 -15.91 -0.01 -1.01
N THR A 160 -15.18 -0.25 0.07
CA THR A 160 -15.75 -0.81 1.28
C THR A 160 -15.65 0.20 2.42
N VAL A 161 -16.39 -0.06 3.49
CA VAL A 161 -16.60 0.88 4.56
C VAL A 161 -15.75 0.47 5.75
N ASN A 162 -14.89 1.36 6.24
CA ASN A 162 -14.19 1.06 7.49
C ASN A 162 -15.13 1.44 8.63
N ASP A 163 -15.99 0.49 8.99
CA ASP A 163 -17.03 0.74 9.98
C ASP A 163 -16.49 0.91 11.39
N ARG A 164 -15.31 0.40 11.70
CA ARG A 164 -14.76 0.66 13.02
C ARG A 164 -14.20 2.08 13.12
N SER A 165 -13.58 2.58 12.03
CA SER A 165 -13.15 3.97 11.98
C SER A 165 -14.33 4.91 12.09
N LEU A 166 -15.42 4.61 11.37
CA LEU A 166 -16.59 5.47 11.40
C LEU A 166 -17.26 5.44 12.76
N ALA A 167 -17.37 4.26 13.38
CA ALA A 167 -17.95 4.18 14.72
C ALA A 167 -17.13 5.01 15.71
N ALA A 168 -15.81 4.93 15.61
CA ALA A 168 -14.94 5.73 16.47
C ALA A 168 -15.13 7.22 16.22
N ALA A 169 -15.24 7.61 14.96
CA ALA A 169 -15.38 9.02 14.63
C ALA A 169 -16.73 9.56 15.09
N LEU A 170 -17.79 8.74 15.02
CA LEU A 170 -19.12 9.18 15.41
C LEU A 170 -19.20 9.33 16.93
N THR A 171 -18.64 8.38 17.68
CA THR A 171 -18.57 8.58 19.12
C THR A 171 -17.79 9.84 19.45
N ARG A 172 -16.65 10.04 18.78
CA ARG A 172 -15.80 11.19 19.08
C ARG A 172 -16.53 12.50 18.82
N LEU A 173 -17.16 12.62 17.65
CA LEU A 173 -17.81 13.89 17.28
C LEU A 173 -19.01 14.17 18.17
N ILE A 174 -19.79 13.14 18.51
CA ILE A 174 -20.92 13.36 19.40
C ILE A 174 -20.45 13.78 20.79
N SER A 175 -19.42 13.11 21.32
CA SER A 175 -18.93 13.42 22.66
C SER A 175 -18.28 14.79 22.70
N ARG A 176 -17.76 15.26 21.56
CA ARG A 176 -17.15 16.58 21.52
C ARG A 176 -18.18 17.68 21.29
N CYS A 177 -19.13 17.46 20.38
CA CYS A 177 -19.99 18.54 19.92
C CYS A 177 -21.47 18.38 20.28
N GLY A 178 -21.93 17.17 20.57
CA GLY A 178 -23.25 17.02 21.14
C GLY A 178 -24.40 17.22 20.17
N GLU A 179 -25.56 17.52 20.73
CA GLU A 179 -26.77 17.63 19.94
C GLU A 179 -26.68 18.64 18.80
N PRO A 180 -26.04 19.81 18.96
CA PRO A 180 -26.02 20.76 17.84
C PRO A 180 -25.45 20.18 16.56
N VAL A 181 -24.37 19.40 16.64
CA VAL A 181 -23.83 18.86 15.41
C VAL A 181 -24.75 17.80 14.83
N ILE A 182 -25.46 17.05 15.68
CA ILE A 182 -26.41 16.06 15.17
C ILE A 182 -27.54 16.75 14.44
N ARG A 183 -28.06 17.82 15.04
CA ARG A 183 -29.12 18.60 14.43
C ARG A 183 -28.70 19.10 13.06
N ARG A 184 -27.50 19.69 12.98
CA ARG A 184 -27.03 20.21 11.69
C ARG A 184 -26.86 19.08 10.69
N GLY A 185 -26.38 17.92 11.14
CA GLY A 185 -26.25 16.79 10.23
C GLY A 185 -27.58 16.32 9.69
N VAL A 186 -28.56 16.16 10.58
CA VAL A 186 -29.90 15.74 10.17
C VAL A 186 -30.49 16.70 9.14
N ASP A 187 -30.42 18.00 9.42
CA ASP A 187 -31.05 18.97 8.53
C ASP A 187 -30.36 19.02 7.18
N MET A 188 -29.04 18.83 7.17
CA MET A 188 -28.28 18.77 5.92
C MET A 188 -28.65 17.53 5.12
N ALA A 189 -28.65 16.37 5.76
CA ALA A 189 -29.03 15.14 5.06
C ALA A 189 -30.45 15.23 4.55
N MET A 190 -31.35 15.83 5.34
CA MET A 190 -32.73 15.98 4.91
C MET A 190 -32.84 16.82 3.64
N ARG A 191 -32.12 17.94 3.59
CA ARG A 191 -32.13 18.78 2.40
C ARG A 191 -31.50 18.06 1.21
N MET A 192 -30.35 17.42 1.41
CA MET A 192 -29.67 16.78 0.29
C MET A 192 -30.51 15.65 -0.27
N MET A 193 -31.06 14.80 0.60
CA MET A 193 -31.80 13.65 0.12
C MET A 193 -33.22 13.98 -0.31
N GLY A 194 -33.74 15.16 0.06
CA GLY A 194 -35.09 15.50 -0.30
C GLY A 194 -35.18 16.52 -1.42
N GLU A 195 -34.12 17.30 -1.62
CA GLU A 195 -34.15 18.41 -2.57
C GLU A 195 -32.96 18.48 -3.51
N GLN A 196 -31.88 17.76 -3.27
CA GLN A 196 -30.69 17.86 -4.10
C GLN A 196 -30.45 16.61 -4.94
N PHE A 197 -30.37 15.44 -4.31
CA PHE A 197 -30.19 14.21 -5.06
C PHE A 197 -31.46 13.81 -5.79
N VAL A 198 -32.60 14.34 -5.36
CA VAL A 198 -33.87 14.21 -6.06
C VAL A 198 -34.54 15.56 -6.06
N THR A 199 -35.41 15.77 -7.04
CA THR A 199 -36.24 16.96 -7.06
C THR A 199 -37.36 16.85 -6.02
N GLY A 200 -37.86 15.65 -5.79
CA GLY A 200 -38.81 15.40 -4.72
C GLY A 200 -38.87 13.93 -4.43
N GLU A 201 -39.50 13.60 -3.30
CA GLU A 201 -39.63 12.20 -2.90
C GLU A 201 -40.65 11.49 -3.77
N THR A 202 -41.69 12.20 -4.19
CA THR A 202 -42.77 11.66 -5.01
C THR A 202 -42.92 12.56 -6.23
N ILE A 203 -43.60 12.04 -7.25
CA ILE A 203 -43.80 12.85 -8.45
C ILE A 203 -44.58 14.11 -8.15
N ARG A 204 -45.55 14.04 -7.23
CA ARG A 204 -46.32 15.23 -6.90
C ARG A 204 -45.45 16.28 -6.26
N GLU A 205 -44.59 15.88 -5.32
CA GLU A 205 -43.68 16.84 -4.70
C GLU A 205 -42.73 17.40 -5.75
N ALA A 206 -42.23 16.53 -6.64
CA ALA A 206 -41.29 17.01 -7.66
C ALA A 206 -41.95 18.01 -8.58
N LEU A 207 -43.20 17.74 -9.00
CA LEU A 207 -43.93 18.67 -9.86
C LEU A 207 -44.15 20.01 -9.17
N LYS A 208 -44.49 20.00 -7.88
CA LYS A 208 -44.72 21.25 -7.18
C LYS A 208 -43.47 22.13 -7.18
N ARG A 209 -42.29 21.51 -7.07
CA ARG A 209 -41.04 22.24 -7.00
C ARG A 209 -40.50 22.65 -8.37
N SER A 210 -41.13 22.21 -9.45
CA SER A 210 -40.65 22.50 -10.80
C SER A 210 -41.18 23.82 -11.32
N LYS A 211 -42.21 24.38 -10.70
CA LYS A 211 -42.84 25.60 -11.20
C LYS A 211 -41.84 26.75 -11.25
N GLU A 212 -40.97 26.85 -10.25
CA GLU A 212 -40.08 28.00 -10.13
C GLU A 212 -39.18 28.14 -11.36
N LEU A 213 -38.51 27.05 -11.76
CA LEU A 213 -37.61 27.14 -12.91
C LEU A 213 -38.35 27.07 -14.23
N GLU A 214 -39.52 26.42 -14.26
CA GLU A 214 -40.33 26.45 -15.48
C GLU A 214 -40.73 27.88 -15.84
N GLU A 215 -41.02 28.71 -14.83
CA GLU A 215 -41.35 30.11 -15.09
C GLU A 215 -40.19 30.88 -15.70
N LYS A 216 -38.96 30.45 -15.45
CA LYS A 216 -37.77 31.08 -15.98
C LYS A 216 -37.37 30.56 -17.36
N GLY A 217 -38.04 29.53 -17.87
CA GLY A 217 -37.77 29.01 -19.19
C GLY A 217 -37.18 27.61 -19.23
N PHE A 218 -36.98 26.95 -18.09
CA PHE A 218 -36.54 25.57 -18.09
C PHE A 218 -37.74 24.65 -18.27
N SER A 219 -37.43 23.40 -18.64
CA SER A 219 -38.40 22.31 -18.69
C SER A 219 -37.84 21.15 -17.88
N TYR A 220 -38.62 20.06 -17.79
CA TYR A 220 -38.27 18.92 -16.94
C TYR A 220 -38.52 17.60 -17.65
N SER A 221 -37.70 16.62 -17.32
CA SER A 221 -37.95 15.22 -17.63
C SER A 221 -37.70 14.42 -16.36
N TYR A 222 -38.71 13.69 -15.88
CA TYR A 222 -38.59 13.07 -14.56
C TYR A 222 -38.03 11.65 -14.67
N ASP A 223 -37.05 11.36 -13.81
CA ASP A 223 -36.36 10.07 -13.73
C ASP A 223 -36.84 9.38 -12.47
N MET A 224 -37.66 8.34 -12.62
CA MET A 224 -38.24 7.67 -11.46
C MET A 224 -37.28 6.70 -10.78
N LEU A 225 -36.04 6.61 -11.25
CA LEU A 225 -34.92 5.95 -10.58
C LEU A 225 -35.00 4.42 -10.60
N GLY A 226 -35.98 3.83 -11.29
CA GLY A 226 -36.01 2.39 -11.42
C GLY A 226 -34.96 1.90 -12.41
N GLU A 227 -34.38 0.76 -12.09
CA GLU A 227 -33.53 0.07 -13.06
C GLU A 227 -33.29 -1.34 -12.57
N ALA A 228 -32.85 -2.20 -13.50
CA ALA A 228 -32.32 -3.51 -13.15
C ALA A 228 -33.32 -4.34 -12.35
N ALA A 229 -34.52 -4.51 -12.89
CA ALA A 229 -35.49 -5.38 -12.26
C ALA A 229 -34.93 -6.79 -12.15
N THR A 230 -35.10 -7.40 -10.97
CA THR A 230 -34.63 -8.76 -10.72
C THR A 230 -35.72 -9.79 -10.86
N THR A 231 -36.98 -9.40 -10.70
CA THR A 231 -38.10 -10.34 -10.69
C THR A 231 -39.25 -9.74 -11.47
N ALA A 232 -40.21 -10.61 -11.81
CA ALA A 232 -41.44 -10.14 -12.44
C ALA A 232 -42.12 -9.10 -11.56
N ALA A 233 -42.14 -9.31 -10.24
CA ALA A 233 -42.84 -8.40 -9.35
C ALA A 233 -42.19 -7.02 -9.35
N ASP A 234 -40.85 -6.99 -9.39
CA ASP A 234 -40.14 -5.71 -9.42
C ASP A 234 -40.42 -4.96 -10.71
N ALA A 235 -40.37 -5.67 -11.84
CA ALA A 235 -40.67 -5.03 -13.12
C ALA A 235 -42.07 -4.45 -13.11
N GLU A 236 -43.02 -5.20 -12.53
CA GLU A 236 -44.40 -4.73 -12.42
C GLU A 236 -44.49 -3.50 -11.53
N ARG A 237 -43.72 -3.48 -10.43
CA ARG A 237 -43.69 -2.31 -9.56
C ARG A 237 -43.14 -1.09 -10.29
N TYR A 238 -42.05 -1.27 -11.06
CA TYR A 238 -41.50 -0.14 -11.79
C TYR A 238 -42.47 0.33 -12.86
N TYR A 239 -43.15 -0.61 -13.52
CA TYR A 239 -44.16 -0.24 -14.50
C TYR A 239 -45.25 0.62 -13.86
N ARG A 240 -45.78 0.20 -12.72
CA ARG A 240 -46.87 0.99 -12.16
C ARG A 240 -46.39 2.35 -11.65
N ASP A 241 -45.12 2.45 -11.23
CA ASP A 241 -44.54 3.74 -10.88
C ASP A 241 -44.47 4.67 -12.10
N TYR A 242 -43.96 4.15 -13.21
CA TYR A 242 -43.93 4.94 -14.44
C TYR A 242 -45.34 5.37 -14.85
N GLU A 243 -46.30 4.44 -14.84
CA GLU A 243 -47.65 4.77 -15.27
C GLU A 243 -48.25 5.86 -14.38
N SER A 244 -48.10 5.72 -13.06
CA SER A 244 -48.61 6.75 -12.16
C SER A 244 -47.89 8.08 -12.38
N ALA A 245 -46.57 8.03 -12.63
CA ALA A 245 -45.85 9.27 -12.91
C ALA A 245 -46.33 9.93 -14.19
N ILE A 246 -46.60 9.14 -15.24
CA ILE A 246 -47.09 9.70 -16.49
C ILE A 246 -48.40 10.44 -16.27
N HIS A 247 -49.31 9.87 -15.47
CA HIS A 247 -50.57 10.57 -15.21
C HIS A 247 -50.31 11.90 -14.51
N ALA A 248 -49.47 11.90 -13.47
CA ALA A 248 -49.22 13.14 -12.75
C ALA A 248 -48.55 14.17 -13.63
N ILE A 249 -47.57 13.76 -14.43
CA ILE A 249 -46.86 14.69 -15.30
C ILE A 249 -47.79 15.23 -16.38
N GLY A 250 -48.60 14.36 -16.96
CA GLY A 250 -49.51 14.79 -18.02
C GLY A 250 -50.63 15.68 -17.50
N LYS A 251 -51.13 15.39 -16.30
CA LYS A 251 -52.09 16.30 -15.69
C LYS A 251 -51.48 17.67 -15.49
N ALA A 252 -50.22 17.71 -15.04
CA ALA A 252 -49.56 18.98 -14.81
C ALA A 252 -49.15 19.66 -16.10
N SER A 253 -48.77 18.88 -17.12
CA SER A 253 -48.42 19.49 -18.40
C SER A 253 -49.59 20.31 -18.93
N ALA A 254 -50.81 19.83 -18.74
CA ALA A 254 -52.03 20.55 -19.12
C ALA A 254 -51.94 21.16 -20.53
N GLY A 255 -51.55 20.34 -21.49
CA GLY A 255 -51.54 20.78 -22.88
C GLY A 255 -50.35 21.61 -23.32
N ARG A 256 -49.30 21.72 -22.50
CA ARG A 256 -48.14 22.50 -22.90
C ARG A 256 -47.35 21.84 -24.03
N GLY A 257 -47.53 20.54 -24.26
CA GLY A 257 -46.87 19.89 -25.36
C GLY A 257 -45.50 19.35 -24.98
N ILE A 258 -44.84 18.74 -25.96
CA ILE A 258 -43.63 17.97 -25.64
C ILE A 258 -42.38 18.81 -25.46
N TYR A 259 -42.38 20.06 -25.90
CA TYR A 259 -41.19 20.90 -25.82
C TYR A 259 -41.21 21.82 -24.61
N GLU A 260 -42.31 22.56 -24.42
CA GLU A 260 -42.43 23.42 -23.26
C GLU A 260 -42.75 22.61 -21.99
N GLY A 261 -43.55 21.54 -22.15
CA GLY A 261 -44.08 20.84 -21.01
C GLY A 261 -43.18 19.71 -20.57
N PRO A 262 -43.42 19.19 -19.37
CA PRO A 262 -42.55 18.15 -18.82
C PRO A 262 -42.78 16.81 -19.49
N GLY A 263 -41.78 15.95 -19.34
CA GLY A 263 -41.82 14.58 -19.81
C GLY A 263 -41.29 13.60 -18.80
N ILE A 264 -41.18 12.33 -19.20
CA ILE A 264 -40.68 11.27 -18.34
C ILE A 264 -39.53 10.56 -19.05
N SER A 265 -38.63 9.98 -18.25
CA SER A 265 -37.57 9.12 -18.73
C SER A 265 -37.74 7.74 -18.11
N ILE A 266 -37.50 6.69 -18.90
CA ILE A 266 -37.61 5.31 -18.41
C ILE A 266 -36.32 4.57 -18.72
N LYS A 267 -36.07 3.52 -17.95
CA LYS A 267 -35.00 2.58 -18.29
C LYS A 267 -35.64 1.25 -18.63
N LEU A 268 -35.24 0.66 -19.77
CA LEU A 268 -35.85 -0.61 -20.16
C LEU A 268 -35.50 -1.73 -19.20
N SER A 269 -34.32 -1.66 -18.58
CA SER A 269 -33.96 -2.70 -17.61
C SER A 269 -34.91 -2.70 -16.41
N ALA A 270 -35.62 -1.60 -16.16
CA ALA A 270 -36.60 -1.56 -15.07
C ALA A 270 -37.87 -2.32 -15.41
N LEU A 271 -38.15 -2.56 -16.68
CA LEU A 271 -39.44 -3.07 -17.11
C LEU A 271 -39.46 -4.56 -17.45
N HIS A 272 -38.31 -5.25 -17.31
CA HIS A 272 -38.35 -6.69 -17.50
C HIS A 272 -37.14 -7.25 -16.77
N PRO A 273 -37.26 -8.38 -16.07
CA PRO A 273 -36.10 -8.94 -15.35
C PRO A 273 -35.07 -9.64 -16.24
N ARG A 274 -35.39 -9.92 -17.52
CA ARG A 274 -34.41 -10.55 -18.41
C ARG A 274 -34.24 -9.69 -19.68
N TYR A 275 -33.85 -8.44 -19.49
CA TYR A 275 -33.64 -7.53 -20.62
C TYR A 275 -32.22 -7.77 -21.13
N SER A 276 -32.12 -8.61 -22.17
CA SER A 276 -30.83 -8.96 -22.74
C SER A 276 -31.03 -9.52 -24.13
N ARG A 277 -29.96 -9.44 -24.94
CA ARG A 277 -29.97 -10.02 -26.27
C ARG A 277 -30.24 -11.52 -26.22
N ALA A 278 -29.73 -12.21 -25.19
CA ALA A 278 -29.96 -13.65 -25.13
C ALA A 278 -31.44 -13.96 -24.96
N GLN A 279 -32.19 -13.04 -24.38
CA GLN A 279 -33.61 -13.21 -24.15
C GLN A 279 -34.43 -12.32 -25.08
N ALA A 280 -33.93 -12.11 -26.31
CA ALA A 280 -34.55 -11.14 -27.22
C ALA A 280 -36.01 -11.44 -27.47
N ALA A 281 -36.37 -12.71 -27.65
CA ALA A 281 -37.77 -13.05 -27.92
C ALA A 281 -38.67 -12.64 -26.76
N ARG A 282 -38.25 -12.88 -25.52
CA ARG A 282 -39.03 -12.43 -24.37
C ARG A 282 -39.11 -10.92 -24.33
N VAL A 283 -38.00 -10.26 -24.67
CA VAL A 283 -37.99 -8.81 -24.67
C VAL A 283 -39.03 -8.26 -25.65
N MET A 284 -39.02 -8.77 -26.88
CA MET A 284 -39.98 -8.27 -27.87
C MET A 284 -41.40 -8.70 -27.52
N GLY A 285 -41.57 -9.85 -26.88
CA GLY A 285 -42.91 -10.34 -26.62
C GLY A 285 -43.51 -9.77 -25.35
N GLU A 286 -42.68 -9.43 -24.38
CA GLU A 286 -43.19 -9.06 -23.05
C GLU A 286 -42.79 -7.66 -22.62
N LEU A 287 -41.57 -7.21 -22.93
CA LEU A 287 -41.16 -5.86 -22.58
C LEU A 287 -41.77 -4.84 -23.54
N LEU A 288 -41.70 -5.10 -24.85
CA LEU A 288 -42.24 -4.17 -25.84
C LEU A 288 -43.68 -3.75 -25.57
N PRO A 289 -44.63 -4.66 -25.32
CA PRO A 289 -46.01 -4.21 -25.03
C PRO A 289 -46.10 -3.28 -23.85
N ARG A 290 -45.21 -3.44 -22.87
CA ARG A 290 -45.22 -2.56 -21.71
C ARG A 290 -44.79 -1.15 -22.06
N VAL A 291 -43.70 -1.02 -22.82
CA VAL A 291 -43.30 0.30 -23.29
C VAL A 291 -44.40 0.92 -24.14
N LYS A 292 -45.04 0.12 -24.99
CA LYS A 292 -46.10 0.65 -25.84
C LYS A 292 -47.25 1.19 -25.00
N ALA A 293 -47.64 0.46 -23.94
CA ALA A 293 -48.71 0.95 -23.09
C ALA A 293 -48.34 2.27 -22.43
N LEU A 294 -47.11 2.40 -21.95
CA LEU A 294 -46.69 3.67 -21.36
C LEU A 294 -46.67 4.76 -22.41
N ALA A 295 -46.20 4.44 -23.62
CA ALA A 295 -46.12 5.43 -24.68
C ALA A 295 -47.51 5.89 -25.11
N LEU A 296 -48.47 4.97 -25.17
CA LEU A 296 -49.83 5.36 -25.50
C LEU A 296 -50.36 6.38 -24.49
N LEU A 297 -50.05 6.20 -23.21
CA LEU A 297 -50.49 7.16 -22.20
C LEU A 297 -49.76 8.49 -22.37
N ALA A 298 -48.46 8.45 -22.65
CA ALA A 298 -47.73 9.69 -22.92
C ALA A 298 -48.31 10.42 -24.13
N LYS A 299 -48.65 9.67 -25.18
CA LYS A 299 -49.30 10.25 -26.36
C LYS A 299 -50.60 10.96 -26.00
N ASN A 300 -51.42 10.37 -25.13
CA ASN A 300 -52.71 10.99 -24.83
C ASN A 300 -52.53 12.32 -24.09
N TYR A 301 -51.57 12.40 -23.19
CA TYR A 301 -51.27 13.65 -22.50
C TYR A 301 -50.37 14.57 -23.32
N ASP A 302 -49.78 14.06 -24.39
CA ASP A 302 -48.83 14.79 -25.21
C ASP A 302 -47.62 15.28 -24.41
N ILE A 303 -46.95 14.31 -23.77
CA ILE A 303 -45.71 14.57 -23.04
C ILE A 303 -44.62 13.72 -23.68
N GLY A 304 -43.38 14.10 -23.40
CA GLY A 304 -42.25 13.31 -23.85
C GLY A 304 -42.10 12.04 -23.04
N LEU A 305 -41.66 10.98 -23.70
CA LEU A 305 -41.26 9.74 -23.04
C LEU A 305 -39.91 9.33 -23.62
N ASN A 306 -38.87 9.40 -22.81
CA ASN A 306 -37.50 9.17 -23.27
C ASN A 306 -37.03 7.81 -22.80
N ILE A 307 -36.38 7.06 -23.68
CA ILE A 307 -35.73 5.79 -23.30
C ILE A 307 -34.27 6.08 -22.96
N ASP A 308 -33.91 5.94 -21.68
CA ASP A 308 -32.53 6.15 -21.25
C ASP A 308 -31.65 5.06 -21.83
N ALA A 309 -30.37 5.39 -22.02
CA ALA A 309 -29.39 4.42 -22.53
C ALA A 309 -28.59 3.80 -21.39
N GLU A 310 -28.37 2.49 -21.50
CA GLU A 310 -27.73 1.76 -20.41
C GLU A 310 -26.45 1.10 -20.91
N GLU A 311 -26.24 -0.18 -20.58
CA GLU A 311 -24.95 -0.80 -20.90
C GLU A 311 -24.82 -1.04 -22.40
N ALA A 312 -23.57 -1.19 -22.84
CA ALA A 312 -23.29 -1.30 -24.27
C ALA A 312 -23.95 -2.52 -24.89
N ASP A 313 -24.05 -3.61 -24.15
CA ASP A 313 -24.64 -4.81 -24.75
C ASP A 313 -26.15 -4.75 -24.84
N ARG A 314 -26.76 -3.62 -24.45
CA ARG A 314 -28.20 -3.41 -24.62
C ARG A 314 -28.52 -2.39 -25.68
N LEU A 315 -27.52 -1.71 -26.25
CA LEU A 315 -27.77 -0.66 -27.23
C LEU A 315 -28.55 -1.20 -28.43
N GLU A 316 -28.00 -2.19 -29.13
CA GLU A 316 -28.62 -2.60 -30.38
C GLU A 316 -30.00 -3.23 -30.16
N LEU A 317 -30.15 -3.99 -29.07
CA LEU A 317 -31.45 -4.54 -28.74
C LEU A 317 -32.48 -3.44 -28.52
N SER A 318 -32.09 -2.37 -27.83
CA SER A 318 -33.04 -1.27 -27.63
C SER A 318 -33.49 -0.67 -28.95
N LEU A 319 -32.62 -0.70 -29.98
CA LEU A 319 -33.02 -0.19 -31.29
C LEU A 319 -34.19 -0.98 -31.87
N ASP A 320 -34.26 -2.28 -31.60
CA ASP A 320 -35.38 -3.06 -32.09
C ASP A 320 -36.69 -2.60 -31.47
N LEU A 321 -36.67 -2.23 -30.19
CA LEU A 321 -37.87 -1.69 -29.56
C LEU A 321 -38.21 -0.31 -30.14
N LEU A 322 -37.19 0.53 -30.33
CA LEU A 322 -37.45 1.86 -30.89
C LEU A 322 -38.05 1.76 -32.29
N GLU A 323 -37.52 0.84 -33.11
CA GLU A 323 -38.06 0.62 -34.44
C GLU A 323 -39.53 0.24 -34.40
N VAL A 324 -39.91 -0.77 -33.61
CA VAL A 324 -41.30 -1.21 -33.58
C VAL A 324 -42.21 -0.09 -33.10
N LEU A 325 -41.81 0.61 -32.04
CA LEU A 325 -42.66 1.67 -31.49
C LEU A 325 -42.88 2.79 -32.49
N CYS A 326 -41.82 3.20 -33.21
CA CYS A 326 -41.96 4.29 -34.16
C CYS A 326 -42.78 3.91 -35.38
N LEU A 327 -42.88 2.62 -35.70
CA LEU A 327 -43.64 2.13 -36.84
C LEU A 327 -45.05 1.70 -36.44
N ASP A 328 -45.38 1.74 -35.16
CA ASP A 328 -46.68 1.29 -34.66
C ASP A 328 -47.71 2.40 -34.86
N GLY A 329 -48.67 2.15 -35.73
CA GLY A 329 -49.68 3.17 -36.03
C GLY A 329 -50.51 3.61 -34.84
N ASP A 330 -50.60 2.80 -33.78
CA ASP A 330 -51.36 3.25 -32.62
C ASP A 330 -50.72 4.45 -31.94
N LEU A 331 -49.44 4.71 -32.17
CA LEU A 331 -48.73 5.82 -31.55
C LEU A 331 -48.60 7.00 -32.49
N SER A 332 -49.27 6.95 -33.65
CA SER A 332 -49.15 8.02 -34.63
C SER A 332 -49.73 9.31 -34.08
N GLY A 333 -49.21 10.43 -34.57
CA GLY A 333 -49.65 11.75 -34.16
C GLY A 333 -48.91 12.33 -32.98
N TRP A 334 -48.02 11.57 -32.36
CA TRP A 334 -47.28 11.98 -31.18
C TRP A 334 -45.80 11.97 -31.51
N ASN A 335 -45.12 13.07 -31.21
CA ASN A 335 -43.69 13.21 -31.43
C ASN A 335 -42.89 13.16 -30.15
N GLY A 336 -43.47 12.63 -29.07
CA GLY A 336 -42.82 12.64 -27.76
C GLY A 336 -41.87 11.50 -27.49
N MET A 337 -41.82 10.50 -28.35
CA MET A 337 -40.90 9.39 -28.13
CA MET A 337 -40.89 9.39 -28.12
C MET A 337 -39.46 9.89 -28.23
N GLY A 338 -38.67 9.63 -27.18
CA GLY A 338 -37.28 10.05 -27.11
C GLY A 338 -36.34 8.88 -26.88
N PHE A 339 -35.06 9.10 -27.18
CA PHE A 339 -34.09 8.01 -27.13
C PHE A 339 -32.71 8.60 -26.92
N VAL A 340 -31.96 8.05 -25.95
CA VAL A 340 -30.63 8.52 -25.61
C VAL A 340 -29.60 7.78 -26.45
N VAL A 341 -28.58 8.51 -26.91
CA VAL A 341 -27.39 7.91 -27.52
C VAL A 341 -26.16 8.42 -26.79
N GLN A 342 -25.22 7.51 -26.51
CA GLN A 342 -24.04 7.77 -25.68
C GLN A 342 -22.83 8.06 -26.57
N ALA A 343 -22.33 9.29 -26.50
CA ALA A 343 -21.19 9.69 -27.33
C ALA A 343 -19.89 9.00 -26.93
N TYR A 344 -19.80 8.46 -25.72
CA TYR A 344 -18.60 7.69 -25.41
C TYR A 344 -18.54 6.37 -26.16
N GLY A 345 -19.61 6.02 -26.88
CA GLY A 345 -19.66 4.74 -27.57
C GLY A 345 -19.22 4.87 -29.03
N LYS A 346 -18.46 3.88 -29.47
CA LYS A 346 -17.90 3.88 -30.82
C LYS A 346 -18.98 3.77 -31.89
N ARG A 347 -20.18 3.31 -31.54
CA ARG A 347 -21.25 3.17 -32.51
C ARG A 347 -22.09 4.43 -32.66
N CYS A 348 -21.87 5.45 -31.81
CA CYS A 348 -22.74 6.61 -31.69
C CYS A 348 -23.15 7.23 -33.04
N PRO A 349 -22.21 7.67 -33.89
CA PRO A 349 -22.64 8.30 -35.16
C PRO A 349 -23.47 7.38 -36.05
N PHE A 350 -23.18 6.08 -36.04
CA PHE A 350 -23.92 5.12 -36.85
C PHE A 350 -25.29 4.83 -36.28
N VAL A 351 -25.41 4.86 -34.95
CA VAL A 351 -26.71 4.79 -34.31
C VAL A 351 -27.55 6.00 -34.69
N LEU A 352 -26.93 7.20 -34.69
CA LEU A 352 -27.67 8.39 -35.07
C LEU A 352 -28.12 8.34 -36.52
N ASP A 353 -27.25 7.84 -37.42
CA ASP A 353 -27.69 7.64 -38.80
C ASP A 353 -28.93 6.77 -38.87
N PHE A 354 -28.94 5.68 -38.09
CA PHE A 354 -30.09 4.78 -38.06
C PHE A 354 -31.32 5.49 -37.53
N ILE A 355 -31.18 6.21 -36.42
CA ILE A 355 -32.31 6.89 -35.79
C ILE A 355 -32.88 7.96 -36.72
N ILE A 356 -32.01 8.74 -37.36
CA ILE A 356 -32.46 9.79 -38.27
C ILE A 356 -33.23 9.19 -39.43
N ASP A 357 -32.73 8.07 -39.96
CA ASP A 357 -33.45 7.41 -41.04
C ASP A 357 -34.78 6.84 -40.56
N LEU A 358 -34.80 6.28 -39.34
CA LEU A 358 -36.06 5.80 -38.79
C LEU A 358 -37.04 6.95 -38.60
N ALA A 359 -36.55 8.11 -38.18
CA ALA A 359 -37.43 9.27 -38.07
C ALA A 359 -38.01 9.67 -39.41
N ARG A 360 -37.19 9.63 -40.46
CA ARG A 360 -37.69 9.96 -41.79
CA ARG A 360 -37.69 9.96 -41.80
C ARG A 360 -38.72 8.95 -42.26
N ARG A 361 -38.42 7.65 -42.09
CA ARG A 361 -39.33 6.59 -42.54
C ARG A 361 -40.66 6.66 -41.80
N SER A 362 -40.60 6.85 -40.48
CA SER A 362 -41.80 6.79 -39.66
C SER A 362 -42.55 8.11 -39.64
N GLY A 363 -41.89 9.21 -39.99
CA GLY A 363 -42.50 10.51 -39.86
C GLY A 363 -42.63 11.01 -38.43
N ARG A 364 -41.96 10.35 -37.49
CA ARG A 364 -41.94 10.76 -36.08
C ARG A 364 -40.67 11.58 -35.84
N ARG A 365 -40.84 12.74 -35.23
CA ARG A 365 -39.69 13.59 -34.93
C ARG A 365 -39.08 13.10 -33.62
N ILE A 366 -38.17 12.14 -33.72
CA ILE A 366 -37.63 11.47 -32.54
C ILE A 366 -36.84 12.47 -31.72
N MET A 367 -37.09 12.48 -30.41
CA MET A 367 -36.32 13.32 -29.50
C MET A 367 -35.04 12.57 -29.18
N VAL A 368 -33.89 13.12 -29.56
CA VAL A 368 -32.62 12.41 -29.40
C VAL A 368 -31.80 13.13 -28.34
N ARG A 369 -31.64 12.51 -27.17
CA ARG A 369 -30.81 13.07 -26.12
C ARG A 369 -29.40 12.55 -26.33
N LEU A 370 -28.48 13.45 -26.66
CA LEU A 370 -27.06 13.11 -26.78
C LEU A 370 -26.40 13.29 -25.43
N VAL A 371 -25.82 12.21 -24.90
CA VAL A 371 -25.10 12.23 -23.63
C VAL A 371 -23.70 11.69 -23.91
N LYS A 372 -22.82 11.84 -22.91
CA LYS A 372 -21.52 11.20 -23.07
C LYS A 372 -21.57 9.73 -22.67
N GLY A 373 -22.05 9.42 -21.46
CA GLY A 373 -22.27 8.04 -21.05
C GLY A 373 -21.97 7.82 -19.58
N ALA A 374 -22.76 6.98 -18.89
CA ALA A 374 -22.68 6.88 -17.44
C ALA A 374 -21.99 5.62 -16.93
N TYR A 375 -21.59 4.70 -17.81
CA TYR A 375 -21.16 3.37 -17.39
C TYR A 375 -19.71 3.08 -17.77
N TRP A 376 -18.88 4.12 -17.85
CA TRP A 376 -17.57 3.95 -18.48
C TRP A 376 -16.73 2.88 -17.78
N ASP A 377 -16.53 3.01 -16.47
CA ASP A 377 -15.62 2.07 -15.83
C ASP A 377 -16.16 0.65 -15.86
N ALA A 378 -17.49 0.51 -15.89
CA ALA A 378 -18.09 -0.82 -15.99
C ALA A 378 -17.85 -1.43 -17.37
N GLU A 379 -17.86 -0.60 -18.41
CA GLU A 379 -17.61 -1.14 -19.75
C GLU A 379 -16.15 -1.61 -19.88
N ILE A 380 -15.20 -0.89 -19.27
CA ILE A 380 -13.80 -1.32 -19.32
C ILE A 380 -13.64 -2.69 -18.66
N LYS A 381 -14.22 -2.85 -17.47
CA LYS A 381 -14.10 -4.10 -16.74
C LYS A 381 -14.74 -5.26 -17.49
N ARG A 382 -15.94 -5.03 -18.03
CA ARG A 382 -16.66 -6.09 -18.73
C ARG A 382 -15.89 -6.59 -19.94
N ALA A 383 -15.34 -5.67 -20.74
CA ALA A 383 -14.63 -6.09 -21.95
C ALA A 383 -13.38 -6.88 -21.60
N GLN A 384 -12.70 -6.46 -20.53
CA GLN A 384 -11.55 -7.21 -20.04
C GLN A 384 -11.94 -8.59 -19.56
N LEU A 385 -12.99 -8.67 -18.72
CA LEU A 385 -13.42 -9.98 -18.21
C LEU A 385 -13.78 -10.92 -19.36
N ASP A 386 -14.41 -10.40 -20.41
CA ASP A 386 -14.90 -11.26 -21.47
C ASP A 386 -13.86 -11.52 -22.55
N GLY A 387 -12.67 -10.94 -22.43
CA GLY A 387 -11.60 -11.20 -23.37
C GLY A 387 -11.93 -10.79 -24.79
N LEU A 388 -12.62 -9.66 -24.96
CA LEU A 388 -13.07 -9.25 -26.28
C LEU A 388 -12.01 -8.42 -26.99
N ALA A 389 -12.24 -8.19 -28.28
CA ALA A 389 -11.19 -7.64 -29.13
C ALA A 389 -10.83 -6.22 -28.73
N ASP A 390 -11.78 -5.45 -28.22
CA ASP A 390 -11.55 -4.05 -27.90
C ASP A 390 -12.72 -3.58 -27.06
N PHE A 391 -12.68 -2.31 -26.65
CA PHE A 391 -13.77 -1.77 -25.85
C PHE A 391 -14.86 -1.21 -26.75
N PRO A 392 -16.10 -1.20 -26.26
CA PRO A 392 -17.19 -0.54 -26.99
C PRO A 392 -17.32 0.95 -26.69
N VAL A 393 -16.40 1.47 -25.88
CA VAL A 393 -16.34 2.88 -25.52
C VAL A 393 -14.92 3.38 -25.76
N PHE A 394 -14.78 4.69 -25.88
CA PHE A 394 -13.45 5.28 -25.93
C PHE A 394 -12.77 5.13 -24.57
N THR A 395 -11.44 5.27 -24.58
CA THR A 395 -10.65 5.14 -23.36
C THR A 395 -9.97 6.44 -22.96
N ARG A 396 -10.00 7.46 -23.82
CA ARG A 396 -9.55 8.79 -23.45
C ARG A 396 -10.76 9.73 -23.41
N LYS A 397 -10.86 10.48 -22.31
CA LYS A 397 -12.01 11.35 -22.14
C LYS A 397 -12.15 12.35 -23.29
N ILE A 398 -11.02 12.87 -23.78
CA ILE A 398 -11.09 13.83 -24.89
C ILE A 398 -11.69 13.20 -26.15
N HIS A 399 -11.52 11.89 -26.32
CA HIS A 399 -12.13 11.23 -27.47
C HIS A 399 -13.65 11.28 -27.37
N THR A 400 -14.20 11.05 -26.17
CA THR A 400 -15.64 11.20 -25.97
C THR A 400 -16.08 12.64 -26.27
N ASP A 401 -15.28 13.63 -25.88
CA ASP A 401 -15.66 15.01 -26.16
C ASP A 401 -15.73 15.27 -27.66
N VAL A 402 -14.73 14.80 -28.41
CA VAL A 402 -14.75 14.98 -29.86
C VAL A 402 -15.93 14.23 -30.47
N SER A 403 -16.16 13.00 -30.03
CA SER A 403 -17.31 12.24 -30.50
C SER A 403 -18.61 13.01 -30.27
N TYR A 404 -18.74 13.60 -29.08
CA TYR A 404 -19.96 14.34 -28.75
C TYR A 404 -20.17 15.49 -29.72
N ILE A 405 -19.14 16.28 -29.96
CA ILE A 405 -19.28 17.44 -30.82
C ILE A 405 -19.54 17.01 -32.26
N ALA A 406 -18.89 15.92 -32.70
CA ALA A 406 -19.13 15.41 -34.05
C ALA A 406 -20.56 14.93 -34.23
N CYS A 407 -21.09 14.23 -33.22
CA CYS A 407 -22.49 13.78 -33.29
C CYS A 407 -23.46 14.95 -33.19
N ALA A 408 -23.08 16.01 -32.47
CA ALA A 408 -23.89 17.21 -32.42
C ALA A 408 -24.04 17.84 -33.80
N ALA A 409 -22.94 17.88 -34.57
CA ALA A 409 -23.00 18.41 -35.93
C ALA A 409 -23.95 17.58 -36.80
N LYS A 410 -23.93 16.26 -36.61
CA LYS A 410 -24.84 15.41 -37.37
C LYS A 410 -26.29 15.67 -36.98
N LEU A 411 -26.53 15.86 -35.69
CA LEU A 411 -27.90 16.11 -35.23
C LEU A 411 -28.39 17.48 -35.70
N LEU A 412 -27.55 18.51 -35.62
CA LEU A 412 -27.99 19.84 -35.98
C LEU A 412 -28.32 19.97 -37.46
N ALA A 413 -27.83 19.04 -38.28
CA ALA A 413 -28.16 18.99 -39.71
C ALA A 413 -29.47 18.29 -39.99
N ALA A 414 -30.14 17.74 -38.98
CA ALA A 414 -31.39 17.00 -39.17
C ALA A 414 -32.49 17.47 -38.23
N THR A 415 -32.48 18.76 -37.86
CA THR A 415 -33.54 19.26 -36.98
C THR A 415 -34.93 19.23 -37.62
N ASP A 416 -35.02 19.04 -38.95
CA ASP A 416 -36.35 18.89 -39.53
C ASP A 416 -36.97 17.55 -39.20
N VAL A 417 -36.16 16.53 -38.90
CA VAL A 417 -36.70 15.20 -38.66
C VAL A 417 -36.45 14.66 -37.26
N VAL A 418 -35.51 15.23 -36.50
CA VAL A 418 -35.30 14.85 -35.11
C VAL A 418 -35.20 16.12 -34.28
N PHE A 419 -35.40 15.95 -32.98
CA PHE A 419 -35.27 17.03 -32.00
C PHE A 419 -34.03 16.76 -31.15
N PRO A 420 -32.89 17.40 -31.43
CA PRO A 420 -31.67 17.14 -30.63
C PRO A 420 -31.77 17.74 -29.24
N GLN A 421 -31.26 17.00 -28.27
CA GLN A 421 -31.29 17.40 -26.87
C GLN A 421 -29.87 17.17 -26.35
N PHE A 422 -29.16 18.26 -26.11
CA PHE A 422 -27.73 18.18 -25.80
C PHE A 422 -27.54 18.20 -24.28
N ALA A 423 -27.42 17.01 -23.71
CA ALA A 423 -27.27 16.86 -22.27
C ALA A 423 -25.78 16.94 -21.93
N THR A 424 -25.38 18.03 -21.27
CA THR A 424 -24.00 18.14 -20.83
C THR A 424 -23.89 19.24 -19.77
N HIS A 425 -22.94 19.05 -18.85
CA HIS A 425 -22.57 20.03 -17.85
C HIS A 425 -21.28 20.75 -18.20
N ASN A 426 -20.67 20.40 -19.32
CA ASN A 426 -19.37 20.94 -19.73
C ASN A 426 -19.59 22.23 -20.53
N ALA A 427 -19.10 23.35 -19.98
CA ALA A 427 -19.33 24.64 -20.62
C ALA A 427 -18.62 24.76 -21.96
N GLN A 428 -17.49 24.07 -22.13
CA GLN A 428 -16.82 24.08 -23.43
C GLN A 428 -17.66 23.35 -24.46
N THR A 429 -18.12 22.14 -24.12
CA THR A 429 -19.01 21.41 -25.00
C THR A 429 -20.24 22.24 -25.37
N LEU A 430 -20.87 22.84 -24.36
CA LEU A 430 -22.05 23.67 -24.58
C LEU A 430 -21.73 24.79 -25.57
N ALA A 431 -20.66 25.55 -25.31
CA ALA A 431 -20.35 26.70 -26.15
C ALA A 431 -20.08 26.28 -27.59
N ALA A 432 -19.39 25.15 -27.76
CA ALA A 432 -19.09 24.67 -29.11
C ALA A 432 -20.37 24.41 -29.90
N ILE A 433 -21.38 23.81 -29.25
CA ILE A 433 -22.64 23.48 -29.92
C ILE A 433 -23.50 24.73 -30.09
N TYR A 434 -23.51 25.59 -29.08
CA TYR A 434 -24.25 26.85 -29.17
C TYR A 434 -23.86 27.64 -30.42
N HIS A 435 -22.56 27.81 -30.68
CA HIS A 435 -22.15 28.54 -31.88
C HIS A 435 -22.26 27.68 -33.13
N MET A 436 -22.11 26.36 -33.00
CA MET A 436 -22.35 25.49 -34.15
C MET A 436 -23.78 25.61 -34.66
N ALA A 437 -24.75 25.73 -33.75
CA ALA A 437 -26.14 25.78 -34.16
C ALA A 437 -26.49 27.08 -34.87
N GLY A 438 -25.64 28.08 -34.79
CA GLY A 438 -25.87 29.30 -35.52
C GLY A 438 -26.96 30.17 -34.93
N LYS A 439 -27.35 31.17 -35.70
CA LYS A 439 -28.16 32.28 -35.22
C LYS A 439 -29.65 31.97 -35.24
N ASP A 440 -30.12 31.08 -36.11
CA ASP A 440 -31.53 30.80 -36.22
C ASP A 440 -31.97 29.86 -35.10
N PHE A 441 -32.97 30.27 -34.34
CA PHE A 441 -33.48 29.40 -33.30
C PHE A 441 -34.96 29.64 -33.09
N HIS A 442 -35.67 28.58 -32.74
CA HIS A 442 -37.03 28.65 -32.26
C HIS A 442 -37.22 27.52 -31.26
N VAL A 443 -38.16 27.71 -30.32
CA VAL A 443 -38.44 26.63 -29.38
C VAL A 443 -38.93 25.41 -30.16
N GLY A 444 -38.29 24.28 -29.92
CA GLY A 444 -38.56 23.07 -30.64
C GLY A 444 -37.52 22.72 -31.68
N LYS A 445 -36.58 23.60 -31.97
CA LYS A 445 -35.51 23.25 -32.90
C LYS A 445 -34.53 22.29 -32.25
N TYR A 446 -34.04 22.64 -31.07
CA TYR A 446 -33.22 21.77 -30.24
C TYR A 446 -33.25 22.33 -28.83
N GLU A 447 -32.66 21.60 -27.89
CA GLU A 447 -32.54 22.12 -26.53
C GLU A 447 -31.27 21.56 -25.91
N PHE A 448 -30.85 22.19 -24.81
CA PHE A 448 -29.87 21.58 -23.94
C PHE A 448 -30.59 20.87 -22.80
N GLN A 449 -29.85 20.04 -22.06
CA GLN A 449 -30.36 19.38 -20.87
C GLN A 449 -29.28 19.32 -19.80
N CYS A 450 -29.73 19.24 -18.55
CA CYS A 450 -28.81 19.10 -17.43
C CYS A 450 -29.49 18.31 -16.34
N LEU A 451 -28.70 17.93 -15.34
CA LEU A 451 -29.19 17.16 -14.20
C LEU A 451 -29.63 18.10 -13.09
N HIS A 452 -30.75 17.78 -12.47
CA HIS A 452 -31.24 18.56 -11.33
C HIS A 452 -30.16 18.65 -10.25
N GLY A 453 -30.07 19.81 -9.62
CA GLY A 453 -29.15 19.98 -8.51
C GLY A 453 -27.70 19.80 -8.87
N MET A 454 -27.34 20.07 -10.13
CA MET A 454 -25.97 19.93 -10.62
C MET A 454 -25.74 20.92 -11.74
N GLY A 455 -26.63 20.92 -12.74
CA GLY A 455 -26.42 21.77 -13.89
C GLY A 455 -27.06 23.14 -13.86
N GLU A 456 -27.88 23.45 -12.86
CA GLU A 456 -28.53 24.76 -12.84
C GLU A 456 -27.57 25.94 -12.79
N PRO A 457 -26.46 25.90 -12.04
CA PRO A 457 -25.54 27.05 -12.08
C PRO A 457 -25.08 27.39 -13.49
N LEU A 458 -24.75 26.37 -14.29
CA LEU A 458 -24.37 26.62 -15.67
C LEU A 458 -25.55 27.14 -16.49
N TYR A 459 -26.69 26.47 -16.37
CA TYR A 459 -27.79 26.75 -17.29
C TYR A 459 -28.58 28.00 -16.94
N GLU A 460 -28.47 28.50 -15.72
CA GLU A 460 -29.00 29.85 -15.48
C GLU A 460 -28.18 30.93 -16.16
N GLU A 461 -27.01 30.59 -16.70
CA GLU A 461 -26.29 31.50 -17.59
C GLU A 461 -26.66 31.30 -19.06
N VAL A 462 -27.61 30.42 -19.34
CA VAL A 462 -27.95 30.01 -20.70
C VAL A 462 -29.41 30.33 -21.03
N VAL A 463 -30.33 29.92 -20.17
CA VAL A 463 -31.75 30.14 -20.40
C VAL A 463 -32.11 31.61 -20.18
N GLY A 464 -33.02 32.11 -20.99
CA GLY A 464 -33.61 33.42 -20.77
C GLY A 464 -33.20 34.42 -21.84
N ARG A 465 -34.07 35.40 -22.07
CA ARG A 465 -33.80 36.43 -23.08
C ARG A 465 -32.59 37.29 -22.74
N GLY A 466 -32.17 37.32 -21.47
CA GLY A 466 -30.99 38.02 -21.05
C GLY A 466 -29.70 37.23 -21.04
N LYS A 467 -29.76 35.93 -21.34
CA LYS A 467 -28.56 35.11 -21.43
C LYS A 467 -28.32 34.69 -22.87
N LEU A 468 -28.26 33.38 -23.13
CA LEU A 468 -28.10 32.87 -24.49
C LEU A 468 -29.43 32.56 -25.17
N ASP A 469 -30.53 32.67 -24.43
CA ASP A 469 -31.88 32.43 -24.96
C ASP A 469 -32.00 31.06 -25.62
N ARG A 470 -31.49 30.03 -24.93
CA ARG A 470 -31.67 28.65 -25.35
C ARG A 470 -32.27 27.86 -24.19
N PRO A 471 -33.24 26.99 -24.45
CA PRO A 471 -33.92 26.28 -23.37
C PRO A 471 -33.11 25.11 -22.86
N CYS A 472 -33.40 24.73 -21.63
CA CYS A 472 -32.73 23.61 -20.99
C CYS A 472 -33.78 22.78 -20.27
N ARG A 473 -33.73 21.48 -20.47
CA ARG A 473 -34.60 20.52 -19.78
C ARG A 473 -33.82 19.90 -18.64
N ILE A 474 -34.39 19.93 -17.45
CA ILE A 474 -33.74 19.41 -16.25
C ILE A 474 -34.17 17.97 -16.07
N TYR A 475 -33.20 17.06 -16.04
CA TYR A 475 -33.44 15.66 -15.75
C TYR A 475 -33.58 15.57 -14.23
N ALA A 476 -34.79 15.23 -13.77
CA ALA A 476 -35.17 15.38 -12.36
C ALA A 476 -35.39 14.03 -11.69
N PRO A 477 -34.46 13.53 -10.89
CA PRO A 477 -34.70 12.30 -10.15
C PRO A 477 -35.82 12.48 -9.15
N VAL A 478 -36.59 11.40 -8.96
CA VAL A 478 -37.74 11.40 -8.07
C VAL A 478 -37.69 10.07 -7.32
N GLY A 479 -37.69 10.12 -5.99
CA GLY A 479 -37.76 8.89 -5.24
C GLY A 479 -37.44 9.08 -3.78
N THR A 480 -37.64 8.00 -3.04
CA THR A 480 -37.34 7.94 -1.61
C THR A 480 -35.84 7.80 -1.40
N HIS A 481 -35.44 7.90 -0.13
CA HIS A 481 -34.04 7.76 0.22
C HIS A 481 -33.48 6.42 -0.25
N GLU A 482 -34.20 5.33 0.03
CA GLU A 482 -33.74 4.00 -0.37
C GLU A 482 -33.56 3.91 -1.88
N THR A 483 -34.49 4.48 -2.64
CA THR A 483 -34.42 4.43 -4.08
C THR A 483 -33.23 5.24 -4.60
N LEU A 484 -33.01 6.44 -4.05
CA LEU A 484 -31.97 7.31 -4.59
C LEU A 484 -30.58 6.82 -4.20
N LEU A 485 -30.45 6.18 -3.04
CA LEU A 485 -29.14 5.73 -2.58
C LEU A 485 -28.64 4.55 -3.39
N ALA A 486 -29.55 3.79 -4.01
CA ALA A 486 -29.20 2.51 -4.63
C ALA A 486 -28.07 2.65 -5.64
N TYR A 487 -28.17 3.62 -6.56
CA TYR A 487 -27.15 3.84 -7.58
C TYR A 487 -26.64 5.27 -7.58
N LEU A 488 -26.66 5.94 -6.41
CA LEU A 488 -26.16 7.31 -6.32
C LEU A 488 -24.66 7.40 -6.60
N VAL A 489 -23.91 6.33 -6.28
CA VAL A 489 -22.47 6.36 -6.55
C VAL A 489 -22.21 6.56 -8.03
N ARG A 490 -22.94 5.83 -8.88
CA ARG A 490 -22.72 5.97 -10.33
C ARG A 490 -23.02 7.40 -10.77
N ARG A 491 -24.02 8.03 -10.19
CA ARG A 491 -24.37 9.38 -10.57
C ARG A 491 -23.35 10.40 -10.07
N LEU A 492 -22.81 10.18 -8.87
CA LEU A 492 -21.76 11.06 -8.35
C LEU A 492 -20.50 10.98 -9.20
N LEU A 493 -20.21 9.83 -9.80
CA LEU A 493 -19.04 9.69 -10.65
C LEU A 493 -19.20 10.39 -11.99
N GLU A 494 -20.44 10.62 -12.44
CA GLU A 494 -20.65 11.28 -13.73
C GLU A 494 -19.99 12.65 -13.76
N ASN A 495 -20.04 13.38 -12.65
CA ASN A 495 -19.50 14.72 -12.56
C ASN A 495 -18.42 14.86 -11.48
N GLY A 496 -17.92 13.75 -10.94
CA GLY A 496 -16.99 13.82 -9.81
C GLY A 496 -15.63 13.19 -10.03
N ALA A 497 -15.37 12.68 -11.23
CA ALA A 497 -14.07 12.11 -11.54
C ALA A 497 -13.06 13.19 -11.89
N ASN A 498 -11.78 12.83 -11.83
CA ASN A 498 -10.69 13.78 -12.07
C ASN A 498 -10.85 14.48 -13.41
N SER A 499 -11.30 13.76 -14.44
CA SER A 499 -11.47 14.35 -15.76
C SER A 499 -12.82 15.04 -15.95
N SER A 500 -13.70 14.99 -14.95
CA SER A 500 -15.03 15.59 -15.09
C SER A 500 -14.95 17.11 -15.06
N PHE A 501 -15.72 17.76 -15.94
CA PHE A 501 -15.76 19.21 -15.97
C PHE A 501 -16.17 19.80 -14.62
N VAL A 502 -17.15 19.19 -13.96
CA VAL A 502 -17.66 19.77 -12.72
C VAL A 502 -16.60 19.72 -11.63
N HIS A 503 -15.87 18.60 -11.55
CA HIS A 503 -14.77 18.49 -10.62
C HIS A 503 -13.66 19.47 -10.97
N ARG A 504 -13.34 19.60 -12.26
CA ARG A 504 -12.23 20.47 -12.66
C ARG A 504 -12.55 21.94 -12.45
N ILE A 505 -13.79 22.35 -12.69
CA ILE A 505 -14.11 23.76 -12.51
C ILE A 505 -14.02 24.15 -11.04
N ASN A 506 -14.24 23.19 -10.13
CA ASN A 506 -14.08 23.40 -8.71
C ASN A 506 -12.63 23.32 -8.25
N ASP A 507 -11.72 22.81 -9.08
CA ASP A 507 -10.31 22.73 -8.74
C ASP A 507 -9.65 24.06 -9.08
N PRO A 508 -9.18 24.81 -8.07
CA PRO A 508 -8.50 26.10 -8.38
C PRO A 508 -7.18 25.93 -9.11
N LYS A 509 -6.59 24.74 -9.09
CA LYS A 509 -5.36 24.48 -9.83
C LYS A 509 -5.59 24.26 -11.32
N VAL A 510 -6.82 24.37 -11.79
CA VAL A 510 -7.16 24.23 -13.20
C VAL A 510 -7.59 25.61 -13.71
N SER A 511 -6.86 26.13 -14.69
CA SER A 511 -7.13 27.45 -15.20
C SER A 511 -8.32 27.44 -16.15
N ILE A 512 -8.90 28.62 -16.37
CA ILE A 512 -9.99 28.75 -17.32
C ILE A 512 -9.49 28.47 -18.74
N ASP A 513 -8.24 28.82 -19.04
CA ASP A 513 -7.66 28.47 -20.33
C ASP A 513 -7.66 26.96 -20.53
N GLU A 514 -7.30 26.20 -19.49
CA GLU A 514 -7.36 24.74 -19.60
C GLU A 514 -8.79 24.25 -19.80
N LEU A 515 -9.75 24.92 -19.16
CA LEU A 515 -11.14 24.48 -19.25
C LEU A 515 -11.73 24.75 -20.64
N ILE A 516 -11.25 25.78 -21.33
CA ILE A 516 -11.83 26.16 -22.61
C ILE A 516 -11.03 25.60 -23.79
N ALA A 517 -10.03 24.76 -23.50
CA ALA A 517 -9.28 24.12 -24.56
C ALA A 517 -10.21 23.34 -25.47
N ASP A 518 -9.96 23.44 -26.76
CA ASP A 518 -10.80 22.82 -27.77
C ASP A 518 -10.39 21.36 -27.95
N PRO A 519 -11.23 20.42 -27.52
CA PRO A 519 -10.86 19.00 -27.65
C PRO A 519 -10.62 18.57 -29.09
N VAL A 520 -11.31 19.20 -30.05
CA VAL A 520 -11.16 18.82 -31.45
C VAL A 520 -9.75 19.13 -31.94
N GLU A 521 -9.25 20.33 -31.62
CA GLU A 521 -7.91 20.69 -32.08
C GLU A 521 -6.82 19.97 -31.30
N VAL A 522 -7.05 19.70 -30.02
CA VAL A 522 -6.06 18.97 -29.21
C VAL A 522 -5.89 17.55 -29.73
N VAL A 523 -6.99 16.89 -30.07
CA VAL A 523 -6.90 15.55 -30.65
C VAL A 523 -6.22 15.60 -32.01
N ARG A 524 -6.57 16.60 -32.83
CA ARG A 524 -6.02 16.69 -34.18
C ARG A 524 -4.49 16.77 -34.13
N ALA A 525 -3.95 17.51 -33.17
CA ALA A 525 -2.52 17.77 -33.08
C ALA A 525 -1.77 16.71 -32.27
N MET A 526 -2.44 15.64 -31.86
CA MET A 526 -1.75 14.57 -31.18
C MET A 526 -0.90 13.77 -32.19
N PRO A 527 0.17 13.10 -31.72
CA PRO A 527 1.03 12.35 -32.65
C PRO A 527 0.32 11.18 -33.29
N VAL A 528 -0.42 10.42 -32.49
CA VAL A 528 -1.24 9.31 -32.97
C VAL A 528 -2.68 9.69 -32.66
N VAL A 529 -3.44 10.06 -33.69
CA VAL A 529 -4.84 10.42 -33.49
C VAL A 529 -5.60 9.18 -33.01
N GLY A 530 -6.30 9.33 -31.89
CA GLY A 530 -7.19 8.28 -31.43
C GLY A 530 -6.53 7.14 -30.70
N ALA A 531 -5.29 7.30 -30.24
CA ALA A 531 -4.61 6.23 -29.54
C ALA A 531 -5.31 5.86 -28.24
N LYS A 532 -5.39 4.55 -27.98
CA LYS A 532 -5.90 4.03 -26.72
C LYS A 532 -5.16 4.66 -25.55
N HIS A 533 -5.86 4.80 -24.43
CA HIS A 533 -5.22 5.28 -23.21
C HIS A 533 -4.04 4.38 -22.83
N ASP A 534 -2.91 5.01 -22.50
CA ASP A 534 -1.71 4.26 -22.13
C ASP A 534 -1.93 3.35 -20.92
N ARG A 535 -2.83 3.71 -20.01
CA ARG A 535 -2.94 3.02 -18.75
C ARG A 535 -4.11 2.03 -18.69
N ILE A 536 -4.73 1.73 -19.83
CA ILE A 536 -5.82 0.77 -19.86
C ILE A 536 -5.43 -0.33 -20.81
N ALA A 537 -5.39 -1.57 -20.31
CA ALA A 537 -4.96 -2.68 -21.14
C ALA A 537 -6.11 -3.19 -21.99
N LEU A 538 -5.82 -3.43 -23.27
CA LEU A 538 -6.75 -4.20 -24.07
C LEU A 538 -6.93 -5.57 -23.40
N PRO A 539 -8.09 -6.19 -23.55
CA PRO A 539 -8.30 -7.50 -22.93
C PRO A 539 -7.21 -8.51 -23.24
N ALA A 540 -6.71 -8.56 -24.48
CA ALA A 540 -5.68 -9.53 -24.85
C ALA A 540 -4.37 -9.29 -24.12
N GLU A 541 -4.14 -8.09 -23.58
CA GLU A 541 -2.87 -7.73 -22.98
C GLU A 541 -2.97 -7.60 -21.47
N LEU A 542 -4.00 -8.18 -20.85
CA LEU A 542 -4.19 -8.08 -19.42
C LEU A 542 -2.97 -8.52 -18.64
N PHE A 543 -2.23 -9.52 -19.15
CA PHE A 543 -1.08 -10.07 -18.45
C PHE A 543 0.25 -9.59 -19.01
N GLY A 544 0.24 -8.59 -19.90
CA GLY A 544 1.48 -8.01 -20.37
C GLY A 544 2.40 -9.04 -21.00
N ASP A 545 3.68 -8.97 -20.65
CA ASP A 545 4.69 -9.81 -21.27
C ASP A 545 4.60 -11.27 -20.86
N ALA A 546 3.89 -11.57 -19.76
CA ALA A 546 3.88 -12.92 -19.23
C ALA A 546 3.23 -13.90 -20.20
N ARG A 547 2.05 -13.57 -20.70
CA ARG A 547 1.36 -14.45 -21.62
C ARG A 547 0.20 -13.71 -22.26
N THR A 548 -0.30 -14.26 -23.36
CA THR A 548 -1.41 -13.65 -24.08
C THR A 548 -2.72 -14.15 -23.50
N ASN A 549 -3.62 -13.23 -23.15
CA ASN A 549 -4.90 -13.64 -22.60
C ASN A 549 -5.68 -14.39 -23.68
N SER A 550 -6.44 -15.40 -23.25
CA SER A 550 -7.38 -16.01 -24.18
C SER A 550 -8.42 -14.98 -24.60
N ALA A 551 -8.99 -15.19 -25.78
CA ALA A 551 -10.02 -14.30 -26.32
C ALA A 551 -11.37 -15.00 -26.28
N GLY A 552 -12.41 -14.24 -25.97
CA GLY A 552 -13.77 -14.75 -25.97
C GLY A 552 -14.54 -14.36 -27.21
N LEU A 553 -15.87 -14.43 -27.10
CA LEU A 553 -16.75 -14.05 -28.20
C LEU A 553 -17.88 -13.22 -27.65
N ASP A 554 -18.33 -12.25 -28.44
CA ASP A 554 -19.37 -11.31 -28.02
C ASP A 554 -20.73 -11.82 -28.48
N LEU A 555 -21.46 -12.44 -27.55
CA LEU A 555 -22.77 -12.99 -27.86
C LEU A 555 -23.85 -11.92 -27.98
N SER A 556 -23.49 -10.64 -27.86
CA SER A 556 -24.39 -9.54 -28.17
C SER A 556 -24.16 -8.98 -29.57
N ASN A 557 -23.17 -9.49 -30.31
CA ASN A 557 -22.81 -8.98 -31.62
C ASN A 557 -23.47 -9.84 -32.69
N GLU A 558 -24.32 -9.23 -33.53
CA GLU A 558 -25.10 -10.03 -34.49
C GLU A 558 -24.21 -10.73 -35.51
N GLU A 559 -23.11 -10.07 -35.92
CA GLU A 559 -22.17 -10.73 -36.82
C GLU A 559 -21.60 -11.98 -36.18
N THR A 560 -21.22 -11.86 -34.91
CA THR A 560 -20.70 -13.03 -34.19
C THR A 560 -21.76 -14.11 -34.07
N LEU A 561 -23.00 -13.73 -33.76
CA LEU A 561 -24.04 -14.74 -33.59
C LEU A 561 -24.33 -15.45 -34.91
N ALA A 562 -24.31 -14.70 -36.01
CA ALA A 562 -24.57 -15.33 -37.31
C ALA A 562 -23.43 -16.26 -37.71
N SER A 563 -22.18 -15.82 -37.54
CA SER A 563 -21.04 -16.68 -37.83
C SER A 563 -21.03 -17.91 -36.93
N LEU A 564 -21.33 -17.72 -35.65
CA LEU A 564 -21.32 -18.83 -34.70
C LEU A 564 -22.42 -19.82 -35.00
N THR A 565 -23.60 -19.34 -35.39
CA THR A 565 -24.70 -20.22 -35.76
C THR A 565 -24.24 -21.23 -36.81
N GLU A 566 -23.55 -20.74 -37.85
CA GLU A 566 -23.12 -21.65 -38.91
C GLU A 566 -22.04 -22.61 -38.43
N ALA A 567 -21.08 -22.12 -37.65
CA ALA A 567 -20.03 -23.00 -37.15
C ALA A 567 -20.60 -24.05 -36.21
N LEU A 568 -21.55 -23.66 -35.35
CA LEU A 568 -22.17 -24.60 -34.44
C LEU A 568 -22.95 -25.66 -35.20
N ARG A 569 -23.76 -25.24 -36.18
CA ARG A 569 -24.45 -26.20 -37.04
C ARG A 569 -23.48 -27.19 -37.66
N GLU A 570 -22.38 -26.68 -38.23
CA GLU A 570 -21.40 -27.56 -38.87
C GLU A 570 -20.82 -28.55 -37.87
N SER A 571 -20.55 -28.09 -36.64
CA SER A 571 -19.99 -28.99 -35.63
C SER A 571 -20.93 -30.14 -35.32
N ALA A 572 -22.24 -29.91 -35.41
CA ALA A 572 -23.21 -30.96 -35.14
C ALA A 572 -23.33 -31.96 -36.28
N ALA A 573 -22.86 -31.61 -37.46
CA ALA A 573 -22.87 -32.53 -38.58
C ALA A 573 -21.65 -33.47 -38.57
N MET A 574 -20.64 -33.16 -37.77
CA MET A 574 -19.41 -33.93 -37.78
C MET A 574 -19.59 -35.24 -37.03
N LYS A 575 -18.84 -36.25 -37.47
CA LYS A 575 -18.89 -37.58 -36.84
C LYS A 575 -17.76 -37.71 -35.84
N TRP A 576 -17.97 -37.07 -34.68
CA TRP A 576 -16.99 -37.08 -33.61
C TRP A 576 -16.78 -38.50 -33.08
N THR A 577 -15.51 -38.84 -32.86
CA THR A 577 -15.17 -40.13 -32.27
C THR A 577 -14.09 -39.93 -31.21
N ALA A 578 -14.01 -40.92 -30.30
CA ALA A 578 -12.95 -41.04 -29.31
C ALA A 578 -12.52 -42.49 -29.30
N LEU A 579 -11.22 -42.72 -29.50
CA LEU A 579 -10.67 -44.06 -29.57
C LEU A 579 -9.54 -44.15 -28.55
N PRO A 580 -9.20 -45.36 -28.10
CA PRO A 580 -8.00 -45.51 -27.29
C PRO A 580 -6.79 -45.26 -28.17
N GLN A 581 -6.12 -44.13 -27.99
CA GLN A 581 -5.00 -43.73 -28.82
C GLN A 581 -3.72 -44.08 -28.07
N LEU A 582 -3.17 -45.25 -28.37
CA LEU A 582 -1.95 -45.70 -27.73
C LEU A 582 -0.73 -45.18 -28.51
N ALA A 583 0.46 -45.42 -27.95
CA ALA A 583 1.67 -44.92 -28.57
C ALA A 583 1.84 -45.48 -29.96
N THR A 584 1.36 -46.70 -30.18
CA THR A 584 1.55 -47.41 -31.44
C THR A 584 0.38 -47.24 -32.39
N GLY A 585 -0.62 -46.45 -32.01
CA GLY A 585 -1.77 -46.21 -32.84
C GLY A 585 -3.08 -46.51 -32.14
N PRO A 586 -4.19 -46.25 -32.81
CA PRO A 586 -5.50 -46.48 -32.18
C PRO A 586 -5.72 -47.97 -31.93
N ALA A 587 -6.34 -48.29 -30.80
CA ALA A 587 -6.60 -49.67 -30.43
C ALA A 587 -8.08 -49.99 -30.57
N ALA A 588 -8.38 -51.28 -30.80
CA ALA A 588 -9.75 -51.75 -30.87
C ALA A 588 -10.35 -51.83 -29.47
N GLY A 589 -11.67 -51.83 -29.41
CA GLY A 589 -12.35 -51.90 -28.13
C GLY A 589 -13.85 -51.89 -28.32
N GLU A 590 -14.58 -51.83 -27.20
CA GLU A 590 -16.03 -51.81 -27.24
C GLU A 590 -16.51 -50.39 -27.55
N THR A 591 -17.34 -50.26 -28.59
CA THR A 591 -17.76 -48.96 -29.09
C THR A 591 -19.23 -48.69 -28.76
N ARG A 592 -19.53 -47.45 -28.38
CA ARG A 592 -20.91 -47.04 -28.15
C ARG A 592 -21.08 -45.58 -28.54
N THR A 593 -22.34 -45.16 -28.64
CA THR A 593 -22.68 -43.79 -28.99
C THR A 593 -22.62 -42.89 -27.76
N VAL A 594 -22.42 -41.60 -28.02
CA VAL A 594 -22.46 -40.57 -27.01
C VAL A 594 -23.66 -39.69 -27.32
N LEU A 595 -24.57 -39.56 -26.36
CA LEU A 595 -25.85 -38.90 -26.56
C LEU A 595 -25.85 -37.54 -25.87
N ASN A 596 -26.50 -36.57 -26.48
CA ASN A 596 -26.67 -35.25 -25.89
C ASN A 596 -27.48 -35.37 -24.60
N PRO A 597 -26.94 -34.96 -23.44
CA PRO A 597 -27.73 -35.07 -22.20
C PRO A 597 -29.05 -34.30 -22.23
N GLY A 598 -29.15 -33.27 -23.06
CA GLY A 598 -30.38 -32.50 -23.17
C GLY A 598 -31.40 -33.08 -24.11
N ASP A 599 -31.05 -34.15 -24.84
CA ASP A 599 -31.96 -34.78 -25.79
C ASP A 599 -31.28 -36.03 -26.31
N HIS A 600 -31.64 -37.19 -25.73
CA HIS A 600 -30.97 -38.44 -26.03
C HIS A 600 -31.17 -38.92 -27.46
N ARG A 601 -32.07 -38.28 -28.22
CA ARG A 601 -32.21 -38.57 -29.63
C ARG A 601 -31.08 -37.98 -30.47
N ASP A 602 -30.33 -37.02 -29.93
CA ASP A 602 -29.28 -36.32 -30.66
C ASP A 602 -27.95 -37.03 -30.38
N VAL A 603 -27.54 -37.90 -31.29
CA VAL A 603 -26.27 -38.62 -31.16
C VAL A 603 -25.12 -37.68 -31.49
N VAL A 604 -24.20 -37.49 -30.55
CA VAL A 604 -23.09 -36.58 -30.75
C VAL A 604 -21.89 -37.26 -31.38
N GLY A 605 -21.63 -38.52 -31.03
CA GLY A 605 -20.49 -39.22 -31.59
C GLY A 605 -20.44 -40.64 -31.09
N SER A 606 -19.27 -41.27 -31.24
CA SER A 606 -19.08 -42.64 -30.83
C SER A 606 -17.77 -42.75 -30.10
N VAL A 607 -17.75 -43.52 -29.03
CA VAL A 607 -16.53 -43.73 -28.24
C VAL A 607 -16.19 -45.21 -28.26
N THR A 608 -14.92 -45.50 -28.52
CA THR A 608 -14.37 -46.83 -28.33
C THR A 608 -13.59 -46.81 -27.04
N GLU A 609 -13.97 -47.67 -26.10
CA GLU A 609 -13.39 -47.62 -24.77
C GLU A 609 -12.26 -48.63 -24.62
N THR A 610 -11.45 -48.42 -23.58
CA THR A 610 -10.16 -49.09 -23.45
C THR A 610 -10.30 -50.32 -22.58
N SER A 611 -9.72 -51.43 -23.03
CA SER A 611 -9.63 -52.61 -22.20
C SER A 611 -8.60 -52.40 -21.10
N GLU A 612 -8.77 -53.14 -20.00
CA GLU A 612 -7.79 -53.06 -18.93
C GLU A 612 -6.41 -53.49 -19.40
N GLU A 613 -6.35 -54.42 -20.35
CA GLU A 613 -5.06 -54.85 -20.90
C GLU A 613 -4.36 -53.71 -21.61
N ASP A 614 -5.10 -52.97 -22.45
CA ASP A 614 -4.47 -51.90 -23.21
C ASP A 614 -4.10 -50.72 -22.33
N ALA A 615 -4.87 -50.48 -21.27
CA ALA A 615 -4.49 -49.46 -20.29
C ALA A 615 -3.14 -49.80 -19.66
N ARG A 616 -2.94 -51.06 -19.30
CA ARG A 616 -1.64 -51.46 -18.76
C ARG A 616 -0.55 -51.36 -19.82
N ARG A 617 -0.88 -51.73 -21.06
CA ARG A 617 0.08 -51.59 -22.15
C ARG A 617 0.45 -50.13 -22.37
N ALA A 618 -0.51 -49.22 -22.24
CA ALA A 618 -0.22 -47.81 -22.47
C ALA A 618 0.77 -47.28 -21.45
N VAL A 619 0.67 -47.72 -20.19
CA VAL A 619 1.61 -47.26 -19.17
C VAL A 619 3.02 -47.78 -19.48
N ARG A 620 3.12 -49.04 -19.93
CA ARG A 620 4.43 -49.56 -20.30
C ARG A 620 5.02 -48.77 -21.46
N LEU A 621 4.20 -48.45 -22.47
CA LEU A 621 4.68 -47.65 -23.59
C LEU A 621 5.10 -46.26 -23.14
N ALA A 622 4.34 -45.69 -22.20
CA ALA A 622 4.73 -44.40 -21.63
C ALA A 622 6.07 -44.51 -20.91
N ALA A 623 6.26 -45.58 -20.13
CA ALA A 623 7.52 -45.75 -19.42
C ALA A 623 8.68 -45.87 -20.40
N ASP A 624 8.46 -46.55 -21.52
CA ASP A 624 9.51 -46.70 -22.51
C ASP A 624 9.76 -45.40 -23.27
N ALA A 625 8.75 -44.56 -23.38
CA ALA A 625 8.86 -43.27 -24.05
C ALA A 625 9.36 -42.16 -23.16
N ALA A 626 9.47 -42.40 -21.85
CA ALA A 626 9.77 -41.31 -20.92
C ALA A 626 11.10 -40.62 -21.19
N PRO A 627 12.21 -41.32 -21.42
CA PRO A 627 13.47 -40.59 -21.67
C PRO A 627 13.43 -39.69 -22.90
N ASP A 628 12.78 -40.15 -23.98
CA ASP A 628 12.73 -39.34 -25.20
C ASP A 628 11.93 -38.06 -24.97
N TRP A 629 10.87 -38.13 -24.17
CA TRP A 629 10.09 -36.92 -23.90
C TRP A 629 10.82 -36.01 -22.94
N ALA A 630 11.46 -36.58 -21.91
CA ALA A 630 12.20 -35.77 -20.95
C ALA A 630 13.32 -35.00 -21.62
N ALA A 631 13.90 -35.55 -22.69
CA ALA A 631 15.01 -34.91 -23.37
C ALA A 631 14.59 -33.73 -24.24
N VAL A 632 13.29 -33.58 -24.51
CA VAL A 632 12.82 -32.39 -25.21
C VAL A 632 12.96 -31.24 -24.23
N PRO A 633 13.75 -30.21 -24.57
CA PRO A 633 14.04 -29.16 -23.59
C PRO A 633 12.77 -28.46 -23.16
N PRO A 634 12.72 -27.99 -21.91
CA PRO A 634 11.48 -27.37 -21.40
C PRO A 634 10.90 -26.29 -22.29
N SER A 635 11.75 -25.45 -22.91
CA SER A 635 11.24 -24.38 -23.73
C SER A 635 10.50 -24.92 -24.94
N GLU A 636 10.96 -26.05 -25.48
CA GLU A 636 10.29 -26.66 -26.62
C GLU A 636 9.00 -27.35 -26.19
N ARG A 637 9.00 -28.00 -25.02
CA ARG A 637 7.75 -28.51 -24.48
C ARG A 637 6.74 -27.38 -24.26
N ALA A 638 7.21 -26.27 -23.68
CA ALA A 638 6.34 -25.11 -23.53
C ALA A 638 5.86 -24.59 -24.89
N ALA A 639 6.71 -24.68 -25.92
CA ALA A 639 6.30 -24.25 -27.25
C ALA A 639 5.14 -25.08 -27.79
N CYS A 640 5.13 -26.39 -27.52
CA CYS A 640 3.99 -27.22 -27.91
C CYS A 640 2.71 -26.74 -27.24
N LEU A 641 2.79 -26.40 -25.96
CA LEU A 641 1.61 -25.93 -25.25
C LEU A 641 1.08 -24.65 -25.87
N ASP A 642 1.98 -23.72 -26.21
CA ASP A 642 1.55 -22.45 -26.82
C ASP A 642 0.94 -22.69 -28.20
N ARG A 643 1.50 -23.61 -28.97
CA ARG A 643 0.89 -23.95 -30.25
C ARG A 643 -0.48 -24.56 -30.07
N ALA A 644 -0.64 -25.41 -29.04
CA ALA A 644 -1.95 -26.01 -28.78
C ALA A 644 -2.97 -24.93 -28.42
N ALA A 645 -2.56 -23.93 -27.64
CA ALA A 645 -3.47 -22.86 -27.26
C ALA A 645 -3.91 -22.08 -28.49
N GLU A 646 -2.98 -21.79 -29.41
CA GLU A 646 -3.36 -21.16 -30.66
C GLU A 646 -4.38 -22.00 -31.42
N LEU A 647 -4.17 -23.32 -31.47
CA LEU A 647 -5.11 -24.19 -32.18
C LEU A 647 -6.48 -24.18 -31.53
N MET A 648 -6.53 -24.24 -30.19
CA MET A 648 -7.82 -24.22 -29.52
C MET A 648 -8.52 -22.89 -29.70
N GLN A 649 -7.76 -21.80 -29.70
CA GLN A 649 -8.37 -20.49 -29.92
C GLN A 649 -8.96 -20.41 -31.31
N ALA A 650 -8.24 -20.93 -32.30
CA ALA A 650 -8.72 -20.89 -33.68
C ALA A 650 -9.95 -21.78 -33.82
N ARG A 651 -9.96 -22.90 -33.11
CA ARG A 651 -11.03 -23.88 -33.22
C ARG A 651 -12.18 -23.62 -32.24
N MET A 652 -12.13 -22.52 -31.48
CA MET A 652 -13.14 -22.24 -30.46
C MET A 652 -14.58 -22.45 -30.91
N PRO A 653 -15.05 -21.90 -32.05
CA PRO A 653 -16.46 -22.09 -32.41
C PRO A 653 -16.85 -23.56 -32.53
N THR A 654 -16.02 -24.36 -33.18
CA THR A 654 -16.32 -25.79 -33.29
C THR A 654 -16.25 -26.47 -31.93
N LEU A 655 -15.23 -26.14 -31.13
CA LEU A 655 -15.14 -26.68 -29.76
C LEU A 655 -16.38 -26.35 -28.94
N LEU A 656 -16.90 -25.11 -29.05
CA LEU A 656 -18.12 -24.73 -28.34
C LEU A 656 -19.25 -25.69 -28.68
N GLY A 657 -19.45 -25.95 -29.97
CA GLY A 657 -20.53 -26.83 -30.39
C GLY A 657 -20.43 -28.21 -29.79
N LEU A 658 -19.20 -28.74 -29.70
CA LEU A 658 -19.04 -30.06 -29.12
C LEU A 658 -19.31 -30.05 -27.63
N ILE A 659 -18.80 -29.04 -26.91
CA ILE A 659 -19.04 -28.94 -25.48
C ILE A 659 -20.54 -28.76 -25.20
N ILE A 660 -21.20 -27.94 -26.00
CA ILE A 660 -22.63 -27.72 -25.82
C ILE A 660 -23.40 -29.03 -25.91
N ARG A 661 -23.16 -29.81 -26.97
CA ARG A 661 -23.96 -31.00 -27.21
C ARG A 661 -23.51 -32.20 -26.38
N GLU A 662 -22.21 -32.34 -26.13
CA GLU A 662 -21.78 -33.54 -25.41
C GLU A 662 -21.94 -33.38 -23.90
N ALA A 663 -21.65 -32.20 -23.39
CA ALA A 663 -21.61 -31.94 -21.95
C ALA A 663 -22.82 -31.17 -21.46
N GLY A 664 -23.72 -30.79 -22.37
CA GLY A 664 -24.94 -30.10 -21.98
C GLY A 664 -24.71 -28.69 -21.48
N LYS A 665 -23.68 -28.00 -21.95
CA LYS A 665 -23.34 -26.66 -21.48
C LYS A 665 -23.98 -25.58 -22.35
N SER A 666 -24.21 -24.43 -21.73
CA SER A 666 -24.65 -23.26 -22.48
C SER A 666 -23.49 -22.66 -23.27
N ALA A 667 -23.82 -21.81 -24.24
CA ALA A 667 -22.79 -21.23 -25.10
C ALA A 667 -21.80 -20.40 -24.29
N LEU A 668 -22.31 -19.51 -23.43
CA LEU A 668 -21.43 -18.70 -22.59
C LEU A 668 -20.49 -19.56 -21.77
N ASN A 669 -21.00 -20.64 -21.17
CA ASN A 669 -20.15 -21.48 -20.34
C ASN A 669 -19.15 -22.27 -21.19
N ALA A 670 -19.52 -22.66 -22.41
CA ALA A 670 -18.57 -23.35 -23.26
C ALA A 670 -17.47 -22.41 -23.71
N ILE A 671 -17.79 -21.14 -23.99
CA ILE A 671 -16.75 -20.17 -24.31
C ILE A 671 -15.76 -20.09 -23.15
N ALA A 672 -16.28 -19.93 -21.94
CA ALA A 672 -15.44 -19.80 -20.76
C ALA A 672 -14.59 -21.05 -20.57
N GLU A 673 -15.13 -22.21 -20.94
CA GLU A 673 -14.37 -23.44 -20.77
C GLU A 673 -13.21 -23.55 -21.75
N VAL A 674 -13.45 -23.23 -23.03
CA VAL A 674 -12.35 -23.21 -24.00
C VAL A 674 -11.32 -22.15 -23.60
N ARG A 675 -11.80 -21.02 -23.09
CA ARG A 675 -10.86 -19.99 -22.63
C ARG A 675 -9.99 -20.51 -21.50
N GLU A 676 -10.58 -21.25 -20.55
CA GLU A 676 -9.80 -21.81 -19.45
C GLU A 676 -8.75 -22.78 -19.96
N ALA A 677 -9.11 -23.64 -20.91
CA ALA A 677 -8.13 -24.55 -21.48
C ALA A 677 -6.99 -23.79 -22.15
N ILE A 678 -7.31 -22.74 -22.92
CA ILE A 678 -6.28 -21.93 -23.54
C ILE A 678 -5.37 -21.30 -22.49
N ASP A 679 -5.98 -20.80 -21.41
CA ASP A 679 -5.23 -20.16 -20.34
C ASP A 679 -4.33 -21.15 -19.61
N PHE A 680 -4.81 -22.39 -19.35
CA PHE A 680 -3.93 -23.41 -18.76
C PHE A 680 -2.71 -23.64 -19.62
N LEU A 681 -2.91 -23.83 -20.93
CA LEU A 681 -1.80 -24.11 -21.83
C LEU A 681 -0.77 -22.99 -21.78
N ARG A 682 -1.24 -21.74 -21.88
CA ARG A 682 -0.30 -20.62 -21.91
C ARG A 682 0.29 -20.35 -20.54
N TYR A 683 -0.48 -20.55 -19.46
CA TYR A 683 0.06 -20.32 -18.13
C TYR A 683 1.14 -21.34 -17.78
N TYR A 684 0.87 -22.62 -18.00
CA TYR A 684 1.89 -23.61 -17.70
C TYR A 684 3.10 -23.47 -18.61
N ALA A 685 2.89 -22.99 -19.84
CA ALA A 685 4.02 -22.73 -20.73
C ALA A 685 4.91 -21.64 -20.16
N GLU A 686 4.30 -20.55 -19.70
CA GLU A 686 5.09 -19.46 -19.14
C GLU A 686 5.76 -19.87 -17.84
N GLN A 687 5.01 -20.56 -16.96
CA GLN A 687 5.61 -21.02 -15.72
C GLN A 687 6.81 -21.94 -15.98
N THR A 688 6.71 -22.76 -17.03
CA THR A 688 7.84 -23.62 -17.40
C THR A 688 9.05 -22.79 -17.80
N ARG A 689 8.83 -21.80 -18.69
CA ARG A 689 9.92 -20.95 -19.14
C ARG A 689 10.53 -20.17 -17.99
N ARG A 690 9.75 -19.91 -16.93
CA ARG A 690 10.29 -19.21 -15.77
C ARG A 690 11.11 -20.09 -14.85
N THR A 691 10.95 -21.43 -14.91
CA THR A 691 11.46 -22.29 -13.84
C THR A 691 12.31 -23.50 -14.25
N LEU A 692 11.83 -24.30 -15.20
CA LEU A 692 12.32 -25.67 -15.33
C LEU A 692 13.72 -25.72 -15.95
N GLY A 693 14.63 -26.45 -15.27
CA GLY A 693 15.97 -26.65 -15.75
C GLY A 693 16.41 -28.09 -15.64
N PRO A 694 17.68 -28.36 -15.96
CA PRO A 694 18.12 -29.76 -16.05
C PRO A 694 17.96 -30.56 -14.77
N GLY A 695 18.04 -29.89 -13.61
CA GLY A 695 17.90 -30.53 -12.32
C GLY A 695 16.50 -30.79 -11.84
N HIS A 696 15.47 -30.40 -12.61
CA HIS A 696 14.08 -30.68 -12.22
C HIS A 696 13.59 -31.82 -13.10
N GLY A 697 13.97 -33.03 -12.72
CA GLY A 697 13.69 -34.20 -13.52
C GLY A 697 12.27 -34.66 -13.38
N PRO A 698 11.70 -35.19 -14.45
CA PRO A 698 10.29 -35.62 -14.40
C PRO A 698 10.11 -36.83 -13.50
N LEU A 699 8.88 -36.98 -13.00
CA LEU A 699 8.53 -38.17 -12.25
C LEU A 699 8.54 -39.42 -13.11
N GLY A 700 7.99 -39.33 -14.33
CA GLY A 700 7.75 -40.48 -15.17
C GLY A 700 6.31 -40.49 -15.65
N PRO A 701 5.80 -41.65 -16.06
CA PRO A 701 4.41 -41.72 -16.54
C PRO A 701 3.45 -41.20 -15.50
N ILE A 702 2.62 -40.24 -15.91
CA ILE A 702 1.62 -39.65 -15.01
C ILE A 702 0.24 -39.99 -15.54
N VAL A 703 -0.61 -40.51 -14.66
CA VAL A 703 -1.99 -40.83 -15.01
C VAL A 703 -2.84 -39.62 -14.68
N CYS A 704 -3.50 -39.07 -15.69
CA CYS A 704 -4.35 -37.91 -15.53
C CYS A 704 -5.80 -38.35 -15.67
N ILE A 705 -6.58 -38.18 -14.59
CA ILE A 705 -7.96 -38.65 -14.51
C ILE A 705 -8.83 -37.43 -14.23
N SER A 706 -9.83 -37.21 -15.07
CA SER A 706 -10.54 -35.94 -15.10
C SER A 706 -12.04 -36.16 -15.00
N PRO A 707 -12.78 -35.13 -14.59
CA PRO A 707 -14.24 -35.26 -14.43
C PRO A 707 -14.98 -34.82 -15.69
N TRP A 708 -16.28 -35.13 -15.72
CA TRP A 708 -17.06 -34.80 -16.90
C TRP A 708 -17.41 -33.31 -16.97
N ASN A 709 -17.35 -32.59 -15.85
CA ASN A 709 -18.01 -31.28 -15.78
C ASN A 709 -17.17 -30.15 -16.32
N PHE A 710 -15.86 -30.34 -16.46
CA PHE A 710 -15.00 -29.47 -17.25
C PHE A 710 -14.22 -30.37 -18.19
N PRO A 711 -14.91 -30.92 -19.19
CA PRO A 711 -14.34 -32.01 -19.97
C PRO A 711 -13.26 -31.57 -20.92
N LEU A 712 -13.10 -30.29 -21.16
CA LEU A 712 -11.93 -29.79 -21.88
C LEU A 712 -10.94 -29.09 -20.97
N ALA A 713 -11.41 -28.21 -20.09
CA ALA A 713 -10.50 -27.33 -19.37
C ALA A 713 -9.67 -28.09 -18.34
N ILE A 714 -10.33 -28.79 -17.41
CA ILE A 714 -9.57 -29.52 -16.39
C ILE A 714 -8.83 -30.69 -17.02
N PHE A 715 -9.44 -31.37 -17.99
CA PHE A 715 -8.73 -32.38 -18.78
C PHE A 715 -7.42 -31.82 -19.34
N THR A 716 -7.50 -30.69 -20.05
CA THR A 716 -6.31 -30.13 -20.68
C THR A 716 -5.31 -29.63 -19.65
N GLY A 717 -5.79 -29.01 -18.57
CA GLY A 717 -4.88 -28.43 -17.59
C GLY A 717 -3.98 -29.48 -16.98
N GLN A 718 -4.56 -30.60 -16.53
CA GLN A 718 -3.74 -31.62 -15.89
C GLN A 718 -2.72 -32.18 -16.85
N ILE A 719 -3.15 -32.49 -18.07
CA ILE A 719 -2.29 -33.12 -19.07
C ILE A 719 -1.18 -32.16 -19.49
N ALA A 720 -1.53 -30.90 -19.77
CA ALA A 720 -0.51 -29.93 -20.18
C ALA A 720 0.53 -29.73 -19.10
N ALA A 721 0.11 -29.65 -17.85
CA ALA A 721 1.06 -29.49 -16.75
C ALA A 721 2.02 -30.69 -16.68
N ALA A 722 1.48 -31.90 -16.71
CA ALA A 722 2.32 -33.09 -16.65
C ALA A 722 3.28 -33.13 -17.84
N LEU A 723 2.77 -32.86 -19.04
CA LEU A 723 3.60 -32.92 -20.24
C LEU A 723 4.71 -31.89 -20.20
N VAL A 724 4.39 -30.66 -19.79
CA VAL A 724 5.40 -29.61 -19.88
C VAL A 724 6.46 -29.80 -18.80
N ALA A 725 6.11 -30.45 -17.69
CA ALA A 725 7.06 -30.86 -16.68
C ALA A 725 7.95 -32.03 -17.14
N GLY A 726 7.73 -32.58 -18.34
CA GLY A 726 8.60 -33.60 -18.88
C GLY A 726 8.11 -35.03 -18.75
N ASN A 727 6.85 -35.24 -18.39
CA ASN A 727 6.30 -36.54 -18.12
C ASN A 727 5.39 -36.98 -19.26
N PRO A 728 5.51 -38.24 -19.71
CA PRO A 728 4.50 -38.78 -20.61
C PRO A 728 3.21 -39.03 -19.85
N VAL A 729 2.09 -38.86 -20.53
CA VAL A 729 0.78 -38.80 -19.88
C VAL A 729 -0.12 -39.91 -20.41
N LEU A 730 -0.85 -40.54 -19.49
CA LEU A 730 -1.97 -41.41 -19.82
C LEU A 730 -3.22 -40.62 -19.43
N ALA A 731 -4.00 -40.22 -20.42
CA ALA A 731 -5.15 -39.35 -20.21
C ALA A 731 -6.42 -40.20 -20.17
N LYS A 732 -7.09 -40.20 -19.02
CA LYS A 732 -8.32 -40.98 -18.82
C LYS A 732 -9.46 -40.00 -18.58
N PRO A 733 -10.20 -39.62 -19.61
CA PRO A 733 -11.32 -38.69 -19.42
C PRO A 733 -12.51 -39.39 -18.81
N ALA A 734 -13.40 -38.59 -18.22
CA ALA A 734 -14.64 -39.13 -17.67
C ALA A 734 -15.39 -39.90 -18.76
N GLU A 735 -16.08 -40.97 -18.35
CA GLU A 735 -16.79 -41.78 -19.34
C GLU A 735 -17.90 -40.99 -20.02
N GLU A 736 -18.44 -39.97 -19.35
CA GLU A 736 -19.52 -39.20 -19.93
C GLU A 736 -19.07 -38.34 -21.11
N THR A 737 -17.82 -37.87 -21.12
CA THR A 737 -17.39 -36.82 -22.03
C THR A 737 -16.07 -37.16 -22.75
N PRO A 738 -16.04 -38.26 -23.51
CA PRO A 738 -14.80 -38.65 -24.19
C PRO A 738 -14.48 -37.86 -25.45
N LEU A 739 -15.51 -37.31 -26.11
CA LEU A 739 -15.30 -36.74 -27.45
C LEU A 739 -14.47 -35.47 -27.40
N ILE A 740 -14.82 -34.56 -26.51
CA ILE A 740 -14.04 -33.32 -26.41
C ILE A 740 -12.63 -33.62 -25.91
N ALA A 741 -12.47 -34.67 -25.10
CA ALA A 741 -11.14 -35.10 -24.67
C ALA A 741 -10.32 -35.62 -25.85
N ALA A 742 -10.92 -36.45 -26.69
CA ALA A 742 -10.19 -36.92 -27.86
C ALA A 742 -9.80 -35.75 -28.75
N GLU A 743 -10.68 -34.74 -28.86
CA GLU A 743 -10.36 -33.57 -29.66
C GLU A 743 -9.24 -32.75 -29.01
N GLY A 744 -9.26 -32.63 -27.68
CA GLY A 744 -8.14 -32.01 -27.00
C GLY A 744 -6.82 -32.73 -27.24
N VAL A 745 -6.83 -34.06 -27.18
CA VAL A 745 -5.62 -34.84 -27.44
C VAL A 745 -5.19 -34.67 -28.90
N ARG A 746 -6.14 -34.67 -29.82
CA ARG A 746 -5.79 -34.45 -31.23
C ARG A 746 -5.09 -33.12 -31.41
N ILE A 747 -5.57 -32.08 -30.72
CA ILE A 747 -4.98 -30.74 -30.82
C ILE A 747 -3.58 -30.72 -30.23
N LEU A 748 -3.41 -31.32 -29.05
CA LEU A 748 -2.09 -31.36 -28.44
C LEU A 748 -1.09 -32.10 -29.31
N ARG A 749 -1.54 -33.17 -29.98
CA ARG A 749 -0.67 -33.91 -30.87
C ARG A 749 -0.31 -33.08 -32.10
N GLU A 750 -1.29 -32.39 -32.69
CA GLU A 750 -1.00 -31.50 -33.81
C GLU A 750 0.01 -30.43 -33.42
N ALA A 751 -0.06 -29.96 -32.17
CA ALA A 751 0.85 -28.96 -31.64
C ALA A 751 2.25 -29.48 -31.45
N GLY A 752 2.46 -30.78 -31.61
CA GLY A 752 3.79 -31.36 -31.54
C GLY A 752 4.02 -32.33 -30.40
N ILE A 753 3.06 -32.55 -29.51
CA ILE A 753 3.22 -33.58 -28.48
C ILE A 753 3.27 -34.94 -29.17
N PRO A 754 4.31 -35.74 -28.96
CA PRO A 754 4.38 -37.04 -29.62
C PRO A 754 3.31 -37.99 -29.11
N ALA A 755 2.91 -38.92 -29.98
CA ALA A 755 1.91 -39.90 -29.59
C ALA A 755 2.39 -40.74 -28.41
N SER A 756 3.68 -41.04 -28.35
CA SER A 756 4.20 -41.79 -27.21
C SER A 756 4.11 -40.99 -25.91
N ALA A 757 4.12 -39.66 -25.99
CA ALA A 757 4.07 -38.82 -24.80
C ALA A 757 2.67 -38.52 -24.31
N LEU A 758 1.64 -38.71 -25.15
CA LEU A 758 0.26 -38.40 -24.78
C LEU A 758 -0.66 -39.48 -25.38
N GLN A 759 -1.10 -40.39 -24.53
CA GLN A 759 -2.00 -41.46 -24.93
C GLN A 759 -3.35 -41.24 -24.30
N LEU A 760 -4.42 -41.49 -25.05
CA LEU A 760 -5.78 -41.29 -24.61
C LEU A 760 -6.44 -42.64 -24.36
N LEU A 761 -7.03 -42.82 -23.17
CA LEU A 761 -7.65 -44.08 -22.77
C LEU A 761 -9.10 -43.81 -22.36
N PRO A 762 -10.04 -43.78 -23.31
CA PRO A 762 -11.44 -43.58 -22.93
C PRO A 762 -11.96 -44.78 -22.14
N GLY A 763 -12.91 -44.50 -21.26
CA GLY A 763 -13.58 -45.55 -20.52
C GLY A 763 -13.96 -45.09 -19.13
N ASP A 764 -14.44 -46.05 -18.35
CA ASP A 764 -15.02 -45.75 -17.04
C ASP A 764 -13.98 -45.86 -15.93
N GLY A 765 -14.41 -45.95 -14.67
CA GLY A 765 -13.49 -45.97 -13.55
C GLY A 765 -12.60 -47.19 -13.51
N ARG A 766 -12.99 -48.27 -14.20
CA ARG A 766 -12.13 -49.44 -14.28
C ARG A 766 -10.87 -49.13 -15.08
N VAL A 767 -10.99 -48.31 -16.12
CA VAL A 767 -9.82 -47.89 -16.87
C VAL A 767 -8.94 -46.99 -16.00
N GLY A 768 -9.57 -46.06 -15.27
CA GLY A 768 -8.81 -45.22 -14.36
C GLY A 768 -8.06 -46.04 -13.33
N ALA A 769 -8.73 -47.04 -12.76
CA ALA A 769 -8.10 -47.84 -11.70
C ALA A 769 -6.97 -48.70 -12.26
N ALA A 770 -7.14 -49.21 -13.49
CA ALA A 770 -6.08 -50.00 -14.10
C ALA A 770 -4.85 -49.13 -14.38
N LEU A 771 -5.07 -47.88 -14.79
CA LEU A 771 -3.94 -46.98 -15.01
C LEU A 771 -3.22 -46.66 -13.71
N VAL A 772 -3.97 -46.38 -12.64
CA VAL A 772 -3.37 -46.06 -11.36
C VAL A 772 -2.54 -47.24 -10.84
N ALA A 773 -3.07 -48.44 -10.94
CA ALA A 773 -2.43 -49.61 -10.36
C ALA A 773 -1.24 -50.11 -11.17
N ALA A 774 -1.04 -49.61 -12.39
CA ALA A 774 0.03 -50.14 -13.24
C ALA A 774 1.38 -49.86 -12.60
N ALA A 775 2.31 -50.81 -12.76
CA ALA A 775 3.56 -50.78 -12.01
C ALA A 775 4.39 -49.54 -12.31
N GLU A 776 4.35 -49.05 -13.54
CA GLU A 776 5.22 -47.94 -13.93
C GLU A 776 4.59 -46.56 -13.68
N THR A 777 3.39 -46.49 -13.14
CA THR A 777 2.78 -45.18 -12.89
C THR A 777 3.61 -44.43 -11.84
N ALA A 778 4.05 -43.22 -12.21
CA ALA A 778 4.93 -42.44 -11.34
C ALA A 778 4.24 -41.28 -10.66
N GLY A 779 3.02 -40.94 -11.07
CA GLY A 779 2.26 -39.92 -10.41
C GLY A 779 0.84 -39.91 -10.92
N VAL A 780 -0.09 -39.39 -10.12
CA VAL A 780 -1.49 -39.38 -10.49
C VAL A 780 -2.02 -37.96 -10.27
N MET A 781 -2.72 -37.44 -11.28
CA MET A 781 -3.46 -36.19 -11.17
C MET A 781 -4.93 -36.51 -11.33
N PHE A 782 -5.70 -36.26 -10.28
CA PHE A 782 -7.10 -36.62 -10.21
C PHE A 782 -7.92 -35.40 -9.86
N THR A 783 -8.94 -35.13 -10.67
CA THR A 783 -9.99 -34.20 -10.29
C THR A 783 -11.32 -34.95 -10.39
N GLY A 784 -12.10 -34.90 -9.33
CA GLY A 784 -13.32 -35.70 -9.25
C GLY A 784 -13.85 -35.74 -7.82
N SER A 785 -14.69 -36.72 -7.55
CA SER A 785 -15.32 -36.83 -6.23
C SER A 785 -14.31 -37.23 -5.16
N THR A 786 -14.57 -36.80 -3.93
CA THR A 786 -13.69 -37.16 -2.83
C THR A 786 -13.66 -38.67 -2.60
N GLU A 787 -14.82 -39.33 -2.79
CA GLU A 787 -14.91 -40.77 -2.56
C GLU A 787 -14.00 -41.54 -3.51
N VAL A 788 -13.98 -41.14 -4.79
CA VAL A 788 -13.10 -41.81 -5.74
C VAL A 788 -11.64 -41.48 -5.43
N ALA A 789 -11.36 -40.23 -5.09
CA ALA A 789 -9.99 -39.89 -4.71
C ALA A 789 -9.51 -40.76 -3.55
N ARG A 790 -10.41 -41.09 -2.61
CA ARG A 790 -10.02 -41.92 -1.47
C ARG A 790 -9.63 -43.33 -1.92
N LEU A 791 -10.35 -43.87 -2.90
CA LEU A 791 -9.98 -45.17 -3.46
C LEU A 791 -8.63 -45.11 -4.14
N ILE A 792 -8.35 -44.02 -4.87
CA ILE A 792 -7.04 -43.89 -5.51
C ILE A 792 -5.94 -43.76 -4.46
N GLN A 793 -6.16 -42.91 -3.45
CA GLN A 793 -5.23 -42.80 -2.33
C GLN A 793 -4.95 -44.18 -1.72
N ALA A 794 -5.98 -44.99 -1.54
CA ALA A 794 -5.81 -46.29 -0.90
C ALA A 794 -4.97 -47.23 -1.75
N GLN A 795 -5.18 -47.23 -3.08
CA GLN A 795 -4.37 -48.06 -3.94
C GLN A 795 -2.91 -47.63 -3.96
N LEU A 796 -2.64 -46.33 -3.87
CA LEU A 796 -1.26 -45.87 -3.85
C LEU A 796 -0.58 -46.06 -2.50
N ALA A 797 -1.33 -46.36 -1.43
CA ALA A 797 -0.78 -46.30 -0.08
C ALA A 797 0.38 -47.27 0.13
N ASP A 798 0.27 -48.48 -0.37
CA ASP A 798 1.34 -49.47 -0.25
C ASP A 798 2.14 -49.56 -1.54
N ARG A 799 2.62 -48.41 -2.03
CA ARG A 799 3.37 -48.35 -3.26
C ARG A 799 4.40 -47.25 -3.17
N LEU A 800 5.59 -47.50 -3.72
CA LEU A 800 6.67 -46.54 -3.70
C LEU A 800 7.31 -46.46 -5.07
N SER A 801 7.86 -45.28 -5.38
CA SER A 801 8.64 -45.11 -6.58
C SER A 801 9.91 -45.96 -6.49
N PRO A 802 10.59 -46.18 -7.61
CA PRO A 802 11.90 -46.87 -7.55
C PRO A 802 12.87 -46.24 -6.56
N ALA A 803 12.77 -44.94 -6.32
CA ALA A 803 13.60 -44.28 -5.32
C ALA A 803 13.07 -44.43 -3.90
N GLY A 804 11.94 -45.12 -3.71
CA GLY A 804 11.46 -45.42 -2.38
C GLY A 804 10.65 -44.32 -1.72
N ARG A 805 9.97 -43.48 -2.49
CA ARG A 805 9.14 -42.41 -1.97
C ARG A 805 7.71 -42.57 -2.47
N PRO A 806 6.73 -41.99 -1.76
CA PRO A 806 5.33 -42.13 -2.19
C PRO A 806 5.13 -41.60 -3.60
N ILE A 807 4.19 -42.22 -4.30
CA ILE A 807 3.80 -41.79 -5.65
C ILE A 807 2.98 -40.51 -5.48
N PRO A 808 3.40 -39.37 -6.04
CA PRO A 808 2.66 -38.13 -5.82
C PRO A 808 1.24 -38.23 -6.35
N LEU A 809 0.29 -37.70 -5.56
CA LEU A 809 -1.12 -37.63 -5.94
C LEU A 809 -1.57 -36.20 -5.74
N ILE A 810 -2.08 -35.60 -6.81
CA ILE A 810 -2.85 -34.38 -6.70
C ILE A 810 -4.31 -34.81 -6.79
N ALA A 811 -5.09 -34.52 -5.77
CA ALA A 811 -6.49 -34.96 -5.76
C ALA A 811 -7.34 -33.76 -5.41
N GLU A 812 -8.01 -33.21 -6.42
CA GLU A 812 -8.80 -32.00 -6.27
C GLU A 812 -10.27 -32.40 -6.31
N THR A 813 -10.96 -32.18 -5.21
CA THR A 813 -12.22 -32.89 -4.98
C THR A 813 -13.41 -31.96 -4.72
N GLY A 814 -14.43 -32.45 -4.01
CA GLY A 814 -15.71 -31.75 -3.98
C GLY A 814 -15.74 -30.57 -3.02
N GLY A 815 -16.86 -29.85 -3.06
CA GLY A 815 -17.06 -28.71 -2.19
C GLY A 815 -18.44 -28.74 -1.56
N GLN A 816 -18.57 -27.98 -0.48
CA GLN A 816 -19.88 -27.66 0.10
C GLN A 816 -19.89 -26.14 0.29
N ASN A 817 -19.92 -25.43 -0.84
CA ASN A 817 -19.51 -24.03 -0.85
C ASN A 817 -20.61 -23.13 -0.34
N ALA A 818 -20.25 -22.23 0.56
CA ALA A 818 -21.19 -21.32 1.21
C ALA A 818 -20.96 -19.89 0.75
N MET A 819 -22.02 -19.09 0.83
CA MET A 819 -21.92 -17.65 0.71
C MET A 819 -22.63 -17.01 1.90
N ILE A 820 -21.96 -16.06 2.56
CA ILE A 820 -22.55 -15.33 3.68
C ILE A 820 -22.93 -13.93 3.21
N VAL A 821 -24.17 -13.52 3.51
CA VAL A 821 -24.70 -12.21 3.11
C VAL A 821 -25.20 -11.50 4.36
N ASP A 822 -24.71 -10.28 4.61
CA ASP A 822 -25.19 -9.53 5.76
C ASP A 822 -26.15 -8.44 5.29
N SER A 823 -26.61 -7.63 6.24
CA SER A 823 -27.62 -6.62 5.96
C SER A 823 -27.08 -5.38 5.26
N SER A 824 -25.77 -5.30 4.99
CA SER A 824 -25.21 -4.17 4.27
C SER A 824 -25.13 -4.40 2.77
N ALA A 825 -25.32 -5.63 2.31
CA ALA A 825 -25.19 -5.98 0.91
C ALA A 825 -26.40 -5.47 0.13
N LEU A 826 -26.21 -5.26 -1.17
CA LEU A 826 -27.29 -4.80 -2.04
C LEU A 826 -28.02 -6.02 -2.60
N ALA A 827 -29.31 -6.14 -2.24
CA ALA A 827 -30.07 -7.35 -2.57
C ALA A 827 -29.97 -7.72 -4.05
N GLU A 828 -30.13 -6.73 -4.95
CA GLU A 828 -30.07 -7.01 -6.38
C GLU A 828 -28.74 -7.64 -6.78
N GLN A 829 -27.63 -7.17 -6.20
CA GLN A 829 -26.31 -7.74 -6.49
C GLN A 829 -26.21 -9.17 -5.96
N VAL A 830 -26.63 -9.35 -4.71
CA VAL A 830 -26.63 -10.67 -4.09
C VAL A 830 -27.39 -11.66 -4.96
N VAL A 831 -28.60 -11.30 -5.36
CA VAL A 831 -29.45 -12.26 -6.06
C VAL A 831 -28.84 -12.66 -7.38
N GLY A 832 -28.30 -11.69 -8.13
CA GLY A 832 -27.62 -12.01 -9.38
C GLY A 832 -26.44 -12.95 -9.17
N ASP A 833 -25.66 -12.70 -8.12
CA ASP A 833 -24.50 -13.54 -7.86
C ASP A 833 -24.90 -14.92 -7.35
N VAL A 834 -26.01 -15.02 -6.63
CA VAL A 834 -26.48 -16.30 -6.11
C VAL A 834 -27.06 -17.15 -7.24
N ILE A 835 -27.94 -16.57 -8.05
CA ILE A 835 -28.53 -17.29 -9.17
C ILE A 835 -27.43 -17.83 -10.09
N THR A 836 -26.45 -17.00 -10.40
CA THR A 836 -25.35 -17.46 -11.23
C THR A 836 -24.54 -18.54 -10.53
N SER A 837 -24.14 -18.29 -9.28
CA SER A 837 -23.27 -19.23 -8.60
C SER A 837 -23.94 -20.58 -8.36
N ALA A 838 -25.24 -20.59 -8.07
CA ALA A 838 -25.91 -21.83 -7.74
C ALA A 838 -26.36 -22.62 -8.97
N PHE A 839 -26.83 -21.92 -10.01
CA PHE A 839 -27.55 -22.59 -11.09
C PHE A 839 -26.87 -22.56 -12.45
N ASP A 840 -25.86 -21.72 -12.64
CA ASP A 840 -25.03 -21.80 -13.83
C ASP A 840 -24.54 -23.24 -13.99
N SER A 841 -24.58 -23.73 -15.23
CA SER A 841 -24.17 -25.10 -15.54
C SER A 841 -24.98 -26.15 -14.77
N ALA A 842 -26.23 -25.81 -14.44
CA ALA A 842 -27.08 -26.67 -13.62
C ALA A 842 -26.42 -27.05 -12.30
N GLY A 843 -25.67 -26.11 -11.73
CA GLY A 843 -24.97 -26.36 -10.48
C GLY A 843 -23.88 -27.40 -10.57
N GLN A 844 -23.46 -27.77 -11.77
CA GLN A 844 -22.47 -28.81 -11.96
C GLN A 844 -21.05 -28.26 -12.05
N ARG A 845 -20.77 -27.17 -11.34
CA ARG A 845 -19.42 -26.70 -11.12
C ARG A 845 -19.01 -27.16 -9.74
N CYS A 846 -17.75 -27.58 -9.59
CA CYS A 846 -17.28 -27.88 -8.24
C CYS A 846 -17.29 -26.63 -7.37
N SER A 847 -17.16 -25.45 -7.98
CA SER A 847 -17.19 -24.16 -7.29
C SER A 847 -18.60 -23.65 -7.00
N ALA A 848 -19.63 -24.40 -7.37
CA ALA A 848 -20.99 -23.87 -7.33
C ALA A 848 -21.45 -23.59 -5.90
N LEU A 849 -22.34 -22.62 -5.75
CA LEU A 849 -22.84 -22.24 -4.44
C LEU A 849 -23.88 -23.27 -3.98
N ARG A 850 -23.62 -23.89 -2.83
CA ARG A 850 -24.49 -24.91 -2.26
C ARG A 850 -25.31 -24.39 -1.08
N VAL A 851 -24.77 -23.49 -0.27
CA VAL A 851 -25.43 -23.02 0.94
C VAL A 851 -25.33 -21.51 0.99
N LEU A 852 -26.48 -20.84 0.89
CA LEU A 852 -26.57 -19.40 1.05
C LEU A 852 -26.96 -19.11 2.49
N CYS A 853 -26.21 -18.23 3.18
CA CYS A 853 -26.45 -17.88 4.57
C CYS A 853 -26.84 -16.42 4.63
N LEU A 854 -28.07 -16.14 5.00
CA LEU A 854 -28.64 -14.80 4.99
C LEU A 854 -28.82 -14.30 6.42
N GLN A 855 -28.36 -13.08 6.66
CA GLN A 855 -28.64 -12.47 7.95
C GLN A 855 -30.14 -12.30 8.14
N GLU A 856 -30.61 -12.63 9.34
CA GLU A 856 -32.05 -12.77 9.60
C GLU A 856 -32.84 -11.54 9.15
N ASP A 857 -32.32 -10.34 9.40
CA ASP A 857 -33.07 -9.10 9.14
C ASP A 857 -33.35 -8.85 7.66
N VAL A 858 -32.53 -9.41 6.76
CA VAL A 858 -32.74 -9.23 5.32
C VAL A 858 -33.16 -10.52 4.63
N ALA A 859 -33.32 -11.62 5.38
CA ALA A 859 -33.49 -12.94 4.77
C ALA A 859 -34.78 -13.02 3.96
N ASP A 860 -35.89 -12.54 4.52
CA ASP A 860 -37.17 -12.68 3.82
C ASP A 860 -37.18 -11.88 2.52
N ARG A 861 -36.67 -10.65 2.54
CA ARG A 861 -36.63 -9.83 1.33
C ARG A 861 -35.73 -10.43 0.26
N ILE A 862 -34.57 -10.95 0.66
CA ILE A 862 -33.68 -11.54 -0.34
C ILE A 862 -34.25 -12.86 -0.86
N LEU A 863 -34.84 -13.66 0.03
CA LEU A 863 -35.47 -14.92 -0.38
C LEU A 863 -36.58 -14.67 -1.39
N THR A 864 -37.45 -13.70 -1.12
CA THR A 864 -38.51 -13.37 -2.07
C THR A 864 -37.91 -13.02 -3.43
N MET A 865 -36.86 -12.19 -3.45
CA MET A 865 -36.24 -11.79 -4.71
C MET A 865 -35.59 -12.98 -5.39
N LEU A 866 -34.94 -13.84 -4.60
CA LEU A 866 -34.27 -15.00 -5.16
C LEU A 866 -35.27 -15.94 -5.82
N LYS A 867 -36.40 -16.21 -5.16
CA LYS A 867 -37.41 -17.08 -5.74
C LYS A 867 -37.98 -16.47 -7.01
N GLY A 868 -38.19 -15.16 -7.00
CA GLY A 868 -38.65 -14.50 -8.20
C GLY A 868 -37.65 -14.61 -9.34
N ALA A 869 -36.37 -14.44 -9.04
CA ALA A 869 -35.34 -14.57 -10.08
C ALA A 869 -35.25 -16.00 -10.58
N LEU A 870 -35.43 -16.97 -9.67
CA LEU A 870 -35.39 -18.39 -10.04
C LEU A 870 -36.35 -18.67 -11.19
N HIS A 871 -37.58 -18.16 -11.08
CA HIS A 871 -38.60 -18.48 -12.07
C HIS A 871 -38.40 -17.77 -13.39
N GLU A 872 -37.37 -16.92 -13.50
CA GLU A 872 -37.05 -16.30 -14.77
C GLU A 872 -36.03 -17.08 -15.58
N LEU A 873 -35.59 -18.24 -15.09
CA LEU A 873 -34.60 -19.04 -15.81
C LEU A 873 -35.26 -19.94 -16.84
N HIS A 874 -34.64 -20.02 -18.01
CA HIS A 874 -35.09 -20.86 -19.11
C HIS A 874 -34.22 -22.11 -19.09
N ILE A 875 -34.86 -23.27 -18.91
CA ILE A 875 -34.18 -24.57 -18.85
C ILE A 875 -34.53 -25.34 -20.11
N GLY A 876 -33.52 -25.92 -20.75
CA GLY A 876 -33.76 -26.71 -21.94
C GLY A 876 -32.46 -27.14 -22.59
N ARG A 877 -32.61 -27.77 -23.77
CA ARG A 877 -31.45 -28.16 -24.56
C ARG A 877 -30.64 -26.92 -24.90
N THR A 878 -29.31 -27.02 -24.75
CA THR A 878 -28.47 -25.83 -24.72
C THR A 878 -28.04 -25.32 -26.08
N ASP A 879 -28.61 -25.84 -27.18
CA ASP A 879 -28.28 -25.31 -28.49
C ASP A 879 -29.11 -24.08 -28.85
N ARG A 880 -29.60 -23.37 -27.83
CA ARG A 880 -30.35 -22.13 -28.00
C ARG A 880 -29.76 -21.10 -27.05
N LEU A 881 -29.43 -19.92 -27.58
CA LEU A 881 -28.85 -18.86 -26.77
C LEU A 881 -29.73 -18.49 -25.59
N SER A 882 -31.05 -18.64 -25.74
CA SER A 882 -31.98 -18.24 -24.70
C SER A 882 -32.01 -19.18 -23.52
N VAL A 883 -31.33 -20.33 -23.60
CA VAL A 883 -31.34 -21.27 -22.48
C VAL A 883 -30.31 -20.84 -21.44
N ASP A 884 -30.76 -20.73 -20.20
CA ASP A 884 -29.90 -20.35 -19.09
C ASP A 884 -29.30 -21.56 -18.38
N VAL A 885 -30.08 -22.63 -18.23
CA VAL A 885 -29.69 -23.81 -17.48
C VAL A 885 -29.96 -25.02 -18.35
N GLY A 886 -28.94 -25.83 -18.57
CA GLY A 886 -29.07 -27.05 -19.33
C GLY A 886 -29.37 -28.26 -18.49
N PRO A 887 -29.17 -29.44 -19.08
CA PRO A 887 -29.49 -30.69 -18.39
C PRO A 887 -28.39 -31.05 -17.41
N VAL A 888 -28.72 -31.98 -16.53
CA VAL A 888 -27.67 -32.69 -15.79
C VAL A 888 -27.11 -33.80 -16.67
N ILE A 889 -25.94 -34.32 -16.27
CA ILE A 889 -25.14 -35.08 -17.22
C ILE A 889 -25.75 -36.44 -17.55
N THR A 890 -26.39 -37.09 -16.59
CA THR A 890 -26.89 -38.44 -16.80
C THR A 890 -28.19 -38.65 -16.03
N SER A 891 -28.88 -39.73 -16.37
CA SER A 891 -30.07 -40.14 -15.62
CA SER A 891 -30.08 -40.11 -15.61
C SER A 891 -29.72 -40.47 -14.18
N GLU A 892 -28.55 -41.09 -13.97
CA GLU A 892 -28.13 -41.45 -12.61
C GLU A 892 -27.94 -40.20 -11.78
N ALA A 893 -27.26 -39.19 -12.33
CA ALA A 893 -27.11 -37.93 -11.62
C ALA A 893 -28.48 -37.34 -11.28
N LYS A 894 -29.38 -37.30 -12.27
CA LYS A 894 -30.72 -36.78 -12.05
C LYS A 894 -31.42 -37.49 -10.89
N ASP A 895 -31.40 -38.82 -10.90
CA ASP A 895 -32.05 -39.57 -9.82
C ASP A 895 -31.41 -39.26 -8.48
N ASN A 896 -30.07 -39.19 -8.44
CA ASN A 896 -29.37 -38.84 -7.20
C ASN A 896 -29.80 -37.48 -6.68
N ILE A 897 -29.83 -36.48 -7.56
CA ILE A 897 -30.19 -35.12 -7.14
C ILE A 897 -31.64 -35.07 -6.68
N GLU A 898 -32.54 -35.72 -7.44
CA GLU A 898 -33.96 -35.69 -7.08
C GLU A 898 -34.25 -36.46 -5.79
N LYS A 899 -33.50 -37.53 -5.52
CA LYS A 899 -33.65 -38.22 -4.24
C LYS A 899 -33.34 -37.28 -3.08
N HIS A 900 -32.30 -36.45 -3.23
CA HIS A 900 -31.97 -35.50 -2.16
C HIS A 900 -33.10 -34.48 -1.98
N ILE A 901 -33.64 -33.97 -3.08
CA ILE A 901 -34.70 -32.97 -2.99
C ILE A 901 -35.92 -33.54 -2.29
N GLU A 902 -36.32 -34.77 -2.67
CA GLU A 902 -37.50 -35.38 -2.08
C GLU A 902 -37.30 -35.69 -0.61
N ARG A 903 -36.08 -36.11 -0.22
CA ARG A 903 -35.80 -36.30 1.20
C ARG A 903 -35.99 -35.00 1.97
N MET A 904 -35.41 -33.91 1.48
CA MET A 904 -35.60 -32.60 2.11
C MET A 904 -37.09 -32.24 2.18
N ARG A 905 -37.81 -32.44 1.07
CA ARG A 905 -39.23 -32.12 1.05
C ARG A 905 -40.00 -32.99 2.03
N GLY A 906 -39.61 -34.27 2.15
CA GLY A 906 -40.26 -35.15 3.08
C GLY A 906 -40.05 -34.76 4.53
N LEU A 907 -38.93 -34.10 4.83
CA LEU A 907 -38.61 -33.64 6.17
C LEU A 907 -39.33 -32.35 6.54
N GLY A 908 -40.13 -31.79 5.63
CA GLY A 908 -40.86 -30.58 5.89
C GLY A 908 -40.15 -29.30 5.49
N ARG A 909 -38.98 -29.41 4.86
CA ARG A 909 -38.27 -28.20 4.42
C ARG A 909 -38.97 -27.57 3.23
N LYS A 910 -38.99 -26.24 3.20
CA LYS A 910 -39.63 -25.53 2.09
C LYS A 910 -38.78 -25.68 0.84
N VAL A 911 -39.41 -26.10 -0.26
CA VAL A 911 -38.73 -26.37 -1.52
C VAL A 911 -39.39 -25.55 -2.61
N GLU A 912 -38.59 -24.76 -3.32
CA GLU A 912 -39.06 -23.98 -4.46
C GLU A 912 -38.45 -24.56 -5.72
N GLN A 913 -39.27 -24.81 -6.74
CA GLN A 913 -38.74 -25.34 -7.99
C GLN A 913 -39.40 -24.67 -9.18
N ILE A 914 -38.60 -24.42 -10.22
CA ILE A 914 -39.16 -24.02 -11.51
C ILE A 914 -39.89 -25.20 -12.13
N GLY A 915 -40.98 -24.92 -12.83
CA GLY A 915 -41.60 -25.95 -13.63
C GLY A 915 -40.85 -26.10 -14.94
N LEU A 916 -40.70 -27.35 -15.37
CA LEU A 916 -39.95 -27.66 -16.59
C LEU A 916 -40.88 -27.81 -17.77
N ALA A 917 -40.40 -27.41 -18.94
CA ALA A 917 -41.15 -27.59 -20.18
C ALA A 917 -41.20 -29.07 -20.54
N SER A 918 -42.27 -29.45 -21.25
CA SER A 918 -42.44 -30.83 -21.69
C SER A 918 -41.26 -31.31 -22.54
N GLU A 919 -40.66 -30.40 -23.33
CA GLU A 919 -39.54 -30.77 -24.19
C GLU A 919 -38.36 -31.31 -23.41
N THR A 920 -38.30 -31.08 -22.11
CA THR A 920 -37.17 -31.58 -21.33
C THR A 920 -37.23 -33.08 -21.12
N GLY A 921 -38.37 -33.71 -21.38
CA GLY A 921 -38.49 -35.15 -21.15
C GLY A 921 -37.54 -35.99 -21.98
N VAL A 922 -37.09 -35.47 -23.14
CA VAL A 922 -36.18 -36.23 -23.99
C VAL A 922 -34.75 -36.25 -23.47
N GLY A 923 -34.45 -35.46 -22.42
CA GLY A 923 -33.14 -35.48 -21.80
C GLY A 923 -33.23 -35.67 -20.30
N THR A 924 -32.15 -35.34 -19.59
CA THR A 924 -32.07 -35.56 -18.15
C THR A 924 -31.93 -34.19 -17.47
N PHE A 925 -33.05 -33.62 -17.06
CA PHE A 925 -33.05 -32.29 -16.46
C PHE A 925 -33.53 -32.34 -15.02
N VAL A 926 -32.95 -31.47 -14.20
CA VAL A 926 -33.40 -31.22 -12.85
C VAL A 926 -33.71 -29.74 -12.75
N PRO A 927 -34.90 -29.34 -12.34
CA PRO A 927 -35.21 -27.93 -12.27
C PRO A 927 -34.38 -27.26 -11.19
N PRO A 928 -33.88 -26.06 -11.44
CA PRO A 928 -33.26 -25.27 -10.37
C PRO A 928 -34.19 -25.21 -9.15
N THR A 929 -33.59 -25.40 -7.97
CA THR A 929 -34.33 -25.67 -6.75
C THR A 929 -33.71 -24.89 -5.61
N ILE A 930 -34.56 -24.32 -4.75
CA ILE A 930 -34.14 -23.66 -3.51
C ILE A 930 -34.77 -24.42 -2.35
N ILE A 931 -33.93 -24.83 -1.39
CA ILE A 931 -34.37 -25.58 -0.21
C ILE A 931 -33.99 -24.77 1.03
N GLU A 932 -34.97 -24.48 1.87
CA GLU A 932 -34.71 -23.74 3.10
C GLU A 932 -34.43 -24.72 4.23
N LEU A 933 -33.21 -24.64 4.76
CA LEU A 933 -32.77 -25.52 5.85
C LEU A 933 -32.85 -24.80 7.19
N GLU A 934 -32.95 -25.59 8.25
CA GLU A 934 -32.89 -25.04 9.60
C GLU A 934 -31.46 -24.85 10.08
N LYS A 935 -30.58 -25.83 9.82
CA LYS A 935 -29.19 -25.75 10.24
C LYS A 935 -28.31 -26.33 9.14
N LEU A 936 -27.07 -25.85 9.06
CA LEU A 936 -26.14 -26.34 8.05
C LEU A 936 -25.89 -27.83 8.18
N SER A 937 -26.07 -28.39 9.38
CA SER A 937 -25.93 -29.82 9.60
C SER A 937 -27.00 -30.63 8.88
N ASP A 938 -28.06 -30.00 8.40
CA ASP A 938 -29.06 -30.72 7.61
C ASP A 938 -28.46 -31.28 6.32
N LEU A 939 -27.30 -30.78 5.90
CA LEU A 939 -26.61 -31.28 4.73
C LEU A 939 -25.52 -32.26 5.14
N GLN A 940 -25.37 -33.32 4.33
CA GLN A 940 -24.37 -34.35 4.59
C GLN A 940 -23.25 -34.31 3.56
N ARG A 941 -23.55 -34.48 2.28
CA ARG A 941 -22.55 -34.54 1.23
C ARG A 941 -22.90 -33.56 0.13
N GLU A 942 -21.91 -33.33 -0.74
CA GLU A 942 -22.09 -32.47 -1.89
C GLU A 942 -23.20 -33.03 -2.78
N VAL A 943 -24.19 -32.20 -3.09
CA VAL A 943 -25.27 -32.57 -4.01
C VAL A 943 -24.99 -31.85 -5.32
N PHE A 944 -24.50 -32.59 -6.30
CA PHE A 944 -23.89 -31.99 -7.48
C PHE A 944 -24.96 -31.71 -8.53
N GLY A 945 -25.72 -30.64 -8.28
CA GLY A 945 -26.83 -30.31 -9.14
C GLY A 945 -27.31 -28.92 -8.85
N PRO A 946 -28.42 -28.52 -9.46
CA PRO A 946 -28.91 -27.12 -9.36
C PRO A 946 -29.79 -26.95 -8.12
N VAL A 947 -29.19 -27.09 -6.95
CA VAL A 947 -29.92 -27.16 -5.70
C VAL A 947 -29.26 -26.22 -4.70
N LEU A 948 -29.91 -25.10 -4.41
CA LEU A 948 -29.40 -24.11 -3.49
C LEU A 948 -30.09 -24.29 -2.15
N HIS A 949 -29.29 -24.38 -1.08
CA HIS A 949 -29.81 -24.45 0.27
C HIS A 949 -29.61 -23.09 0.93
N VAL A 950 -30.62 -22.66 1.69
CA VAL A 950 -30.60 -21.35 2.33
C VAL A 950 -30.78 -21.55 3.83
N ILE A 951 -29.88 -20.95 4.61
CA ILE A 951 -30.03 -20.89 6.05
C ILE A 951 -29.98 -19.42 6.47
N ARG A 952 -30.57 -19.13 7.62
CA ARG A 952 -30.58 -17.78 8.18
C ARG A 952 -29.74 -17.75 9.44
N TYR A 953 -29.16 -16.58 9.73
CA TYR A 953 -28.36 -16.43 10.94
C TYR A 953 -28.57 -15.05 11.55
N ARG A 954 -28.49 -14.99 12.89
CA ARG A 954 -28.49 -13.73 13.61
C ARG A 954 -27.08 -13.15 13.61
N ARG A 955 -26.98 -11.82 13.51
CA ARG A 955 -25.66 -11.20 13.33
C ARG A 955 -24.66 -11.61 14.40
N ASP A 956 -25.10 -11.68 15.67
CA ASP A 956 -24.16 -12.05 16.73
C ASP A 956 -23.63 -13.46 16.58
N ASP A 957 -24.30 -14.30 15.79
CA ASP A 957 -23.88 -15.68 15.58
C ASP A 957 -23.02 -15.85 14.34
N LEU A 958 -22.51 -14.75 13.77
CA LEU A 958 -21.71 -14.86 12.55
C LEU A 958 -20.48 -15.76 12.76
N ASP A 959 -19.77 -15.59 13.87
CA ASP A 959 -18.57 -16.39 14.08
C ASP A 959 -18.92 -17.87 14.20
N ARG A 960 -19.99 -18.18 14.94
CA ARG A 960 -20.43 -19.58 15.01
C ARG A 960 -20.81 -20.11 13.64
N LEU A 961 -21.40 -19.26 12.80
CA LEU A 961 -21.76 -19.67 11.44
C LEU A 961 -20.53 -20.04 10.63
N VAL A 962 -19.47 -19.24 10.72
CA VAL A 962 -18.23 -19.60 10.04
C VAL A 962 -17.71 -20.94 10.54
N ASP A 963 -17.81 -21.17 11.86
CA ASP A 963 -17.53 -22.50 12.40
C ASP A 963 -18.33 -23.57 11.69
N ASP A 964 -19.65 -23.33 11.54
CA ASP A 964 -20.52 -24.31 10.90
C ASP A 964 -20.09 -24.57 9.45
N VAL A 965 -19.70 -23.52 8.73
CA VAL A 965 -19.23 -23.73 7.36
C VAL A 965 -17.97 -24.58 7.36
N ASN A 966 -17.01 -24.22 8.22
CA ASN A 966 -15.77 -24.97 8.29
C ASN A 966 -16.02 -26.42 8.72
N ALA A 967 -17.02 -26.65 9.55
CA ALA A 967 -17.20 -27.96 10.16
C ALA A 967 -17.63 -29.04 9.17
N THR A 968 -18.08 -28.65 7.97
CA THR A 968 -18.39 -29.66 6.98
C THR A 968 -17.15 -30.46 6.59
N GLY A 969 -15.96 -29.91 6.82
CA GLY A 969 -14.73 -30.53 6.39
C GLY A 969 -14.29 -30.16 4.99
N TYR A 970 -15.19 -29.55 4.20
CA TYR A 970 -14.82 -29.08 2.87
C TYR A 970 -14.16 -27.71 2.98
N GLY A 971 -13.67 -27.22 1.85
CA GLY A 971 -12.97 -25.96 1.86
C GLY A 971 -12.58 -25.51 0.48
N LEU A 972 -13.55 -25.40 -0.43
CA LEU A 972 -13.22 -25.13 -1.82
C LEU A 972 -13.45 -23.65 -2.14
N THR A 973 -14.67 -23.25 -2.50
CA THR A 973 -14.97 -21.84 -2.71
C THR A 973 -15.84 -21.30 -1.59
N PHE A 974 -15.79 -19.98 -1.42
CA PHE A 974 -16.56 -19.34 -0.37
C PHE A 974 -16.81 -17.90 -0.80
N GLY A 975 -18.02 -17.41 -0.61
CA GLY A 975 -18.36 -16.04 -0.96
C GLY A 975 -18.83 -15.23 0.25
N LEU A 976 -18.57 -13.93 0.18
CA LEU A 976 -19.03 -13.01 1.22
C LEU A 976 -19.51 -11.73 0.57
N HIS A 977 -20.75 -11.34 0.90
CA HIS A 977 -21.32 -10.09 0.42
C HIS A 977 -21.51 -9.20 1.64
N THR A 978 -20.70 -8.15 1.70
CA THR A 978 -20.79 -7.17 2.78
C THR A 978 -20.07 -5.92 2.31
N ARG A 979 -20.49 -4.77 2.84
CA ARG A 979 -19.75 -3.55 2.62
C ARG A 979 -18.80 -3.21 3.75
N LEU A 980 -18.75 -4.04 4.80
CA LEU A 980 -18.19 -3.64 6.09
C LEU A 980 -16.82 -4.28 6.30
N ASP A 981 -15.79 -3.45 6.45
CA ASP A 981 -14.42 -3.96 6.60
C ASP A 981 -14.28 -4.87 7.82
N GLU A 982 -14.94 -4.53 8.93
CA GLU A 982 -14.83 -5.41 10.09
C GLU A 982 -15.32 -6.81 9.78
N THR A 983 -16.43 -6.91 9.04
CA THR A 983 -16.98 -8.23 8.71
C THR A 983 -16.09 -8.95 7.71
N ILE A 984 -15.52 -8.21 6.75
CA ILE A 984 -14.57 -8.82 5.82
C ILE A 984 -13.39 -9.41 6.58
N ALA A 985 -12.78 -8.61 7.47
CA ALA A 985 -11.59 -9.05 8.17
C ALA A 985 -11.90 -10.27 9.03
N HIS A 986 -12.99 -10.22 9.77
CA HIS A 986 -13.43 -11.34 10.61
C HIS A 986 -13.65 -12.59 9.78
N VAL A 987 -14.56 -12.52 8.80
CA VAL A 987 -14.94 -13.72 8.05
C VAL A 987 -13.75 -14.27 7.27
N THR A 988 -13.00 -13.42 6.57
CA THR A 988 -11.90 -13.98 5.76
C THR A 988 -10.77 -14.54 6.61
N SER A 989 -10.59 -14.04 7.83
CA SER A 989 -9.56 -14.58 8.69
C SER A 989 -9.94 -15.92 9.31
N ARG A 990 -11.25 -16.19 9.42
CA ARG A 990 -11.72 -17.38 10.11
C ARG A 990 -12.17 -18.50 9.18
N ILE A 991 -12.62 -18.17 7.97
CA ILE A 991 -13.01 -19.21 7.02
C ILE A 991 -11.78 -19.98 6.55
N LYS A 992 -11.95 -21.26 6.28
CA LYS A 992 -10.88 -22.13 5.79
C LYS A 992 -11.29 -22.69 4.44
N ALA A 993 -10.99 -21.95 3.38
CA ALA A 993 -11.33 -22.38 2.03
C ALA A 993 -10.27 -21.83 1.10
N GLY A 994 -10.12 -22.49 -0.05
CA GLY A 994 -9.03 -22.17 -0.95
C GLY A 994 -9.27 -20.98 -1.87
N ASN A 995 -10.54 -20.71 -2.20
CA ASN A 995 -10.88 -19.61 -3.11
C ASN A 995 -11.97 -18.77 -2.48
N LEU A 996 -11.62 -17.53 -2.11
CA LEU A 996 -12.57 -16.62 -1.50
C LEU A 996 -13.00 -15.56 -2.51
N TYR A 997 -14.26 -15.14 -2.41
CA TYR A 997 -14.83 -14.17 -3.34
C TYR A 997 -15.62 -13.14 -2.54
N ILE A 998 -15.28 -11.87 -2.70
CA ILE A 998 -15.92 -10.79 -1.94
C ILE A 998 -16.74 -9.92 -2.89
N ASN A 999 -18.06 -9.85 -2.63
CA ASN A 999 -18.98 -8.98 -3.38
C ASN A 999 -19.05 -9.33 -4.87
N ARG A 1000 -18.96 -10.61 -5.18
CA ARG A 1000 -19.04 -11.14 -6.54
C ARG A 1000 -19.48 -12.58 -6.46
N ASN A 1001 -19.68 -13.21 -7.62
CA ASN A 1001 -20.03 -14.62 -7.59
C ASN A 1001 -18.81 -15.46 -7.21
N ILE A 1002 -19.03 -16.76 -7.04
CA ILE A 1002 -17.97 -17.65 -6.55
C ILE A 1002 -17.52 -18.64 -7.61
N ILE A 1003 -17.86 -18.40 -8.87
CA ILE A 1003 -17.59 -19.36 -9.93
C ILE A 1003 -16.67 -18.76 -10.98
N GLY A 1004 -16.15 -19.63 -11.83
CA GLY A 1004 -15.39 -19.17 -12.96
C GLY A 1004 -14.00 -18.66 -12.61
N ALA A 1005 -13.33 -19.32 -11.67
CA ALA A 1005 -11.96 -18.97 -11.33
C ALA A 1005 -11.10 -18.93 -12.59
N VAL A 1006 -10.28 -17.89 -12.69
CA VAL A 1006 -9.47 -17.62 -13.87
C VAL A 1006 -8.04 -18.04 -13.60
N VAL A 1007 -7.49 -18.84 -14.53
CA VAL A 1007 -6.12 -19.34 -14.42
C VAL A 1007 -5.14 -18.20 -14.19
N GLY A 1008 -4.26 -18.36 -13.19
CA GLY A 1008 -3.24 -17.35 -12.93
C GLY A 1008 -3.75 -16.07 -12.30
N VAL A 1009 -5.05 -15.96 -12.05
CA VAL A 1009 -5.67 -14.79 -11.45
C VAL A 1009 -6.39 -15.15 -10.16
N GLN A 1010 -7.25 -16.16 -10.22
CA GLN A 1010 -7.67 -16.90 -9.03
C GLN A 1010 -7.18 -18.35 -9.19
N PRO A 1011 -5.91 -18.61 -8.90
CA PRO A 1011 -5.46 -20.01 -8.82
C PRO A 1011 -6.46 -20.81 -8.00
N PHE A 1012 -6.87 -21.97 -8.51
CA PHE A 1012 -8.06 -22.65 -8.03
C PHE A 1012 -7.71 -23.94 -7.30
N GLY A 1013 -8.30 -24.13 -6.14
CA GLY A 1013 -8.14 -25.37 -5.41
C GLY A 1013 -8.37 -25.18 -3.94
N GLY A 1014 -8.96 -26.18 -3.29
CA GLY A 1014 -9.33 -26.08 -1.90
C GLY A 1014 -8.53 -27.00 -1.01
N ARG A 1015 -8.98 -27.09 0.24
CA ARG A 1015 -8.28 -27.82 1.29
C ARG A 1015 -9.26 -28.77 1.95
N GLY A 1016 -8.77 -29.55 2.92
CA GLY A 1016 -9.67 -30.46 3.59
C GLY A 1016 -10.20 -31.51 2.62
N LEU A 1017 -11.51 -31.78 2.71
CA LEU A 1017 -12.14 -32.75 1.81
C LEU A 1017 -12.17 -32.27 0.37
N SER A 1018 -11.77 -31.03 0.11
CA SER A 1018 -11.85 -30.46 -1.23
C SER A 1018 -10.53 -30.53 -2.01
N GLY A 1019 -9.42 -30.90 -1.38
CA GLY A 1019 -8.20 -30.99 -2.14
C GLY A 1019 -6.93 -31.27 -1.36
N THR A 1020 -5.94 -31.80 -2.06
CA THR A 1020 -4.58 -31.89 -1.53
C THR A 1020 -3.73 -30.70 -1.92
N GLY A 1021 -4.10 -30.01 -3.01
CA GLY A 1021 -3.21 -29.07 -3.63
C GLY A 1021 -2.05 -29.80 -4.27
N PRO A 1022 -1.12 -29.06 -4.89
CA PRO A 1022 -1.14 -27.60 -5.07
C PRO A 1022 -2.23 -27.20 -6.07
N LYS A 1023 -2.54 -25.89 -6.10
CA LYS A 1023 -3.64 -25.39 -6.92
C LYS A 1023 -3.33 -25.48 -8.42
N ALA A 1024 -4.27 -26.05 -9.18
CA ALA A 1024 -4.26 -25.86 -10.62
C ALA A 1024 -4.35 -24.36 -10.94
N GLY A 1025 -3.66 -23.94 -12.00
CA GLY A 1025 -3.64 -22.54 -12.37
C GLY A 1025 -2.84 -21.66 -11.44
N GLY A 1026 -1.99 -22.27 -10.60
CA GLY A 1026 -1.16 -21.54 -9.67
C GLY A 1026 0.31 -21.90 -9.84
N PRO A 1027 1.20 -21.20 -9.12
CA PRO A 1027 2.64 -21.32 -9.39
C PRO A 1027 3.33 -22.49 -8.70
N LEU A 1028 2.65 -23.20 -7.79
CA LEU A 1028 3.23 -24.37 -7.16
C LEU A 1028 2.95 -25.67 -7.91
N TYR A 1029 2.10 -25.61 -8.93
CA TYR A 1029 1.56 -26.82 -9.55
C TYR A 1029 2.64 -27.63 -10.26
N LEU A 1030 3.41 -27.00 -11.15
CA LEU A 1030 4.38 -27.78 -11.91
C LEU A 1030 5.43 -28.41 -10.99
N GLY A 1031 5.75 -27.76 -9.88
CA GLY A 1031 6.78 -28.29 -9.01
C GLY A 1031 6.44 -29.62 -8.39
N ARG A 1032 5.15 -29.97 -8.35
CA ARG A 1032 4.70 -31.26 -7.86
C ARG A 1032 4.94 -32.36 -8.86
N LEU A 1033 5.23 -32.02 -10.12
CA LEU A 1033 5.28 -32.98 -11.21
C LEU A 1033 6.71 -33.30 -11.63
N VAL A 1034 7.69 -32.90 -10.81
CA VAL A 1034 9.10 -33.22 -11.01
C VAL A 1034 9.64 -33.72 -9.69
N THR A 1035 10.81 -34.36 -9.74
CA THR A 1035 11.35 -34.96 -8.53
C THR A 1035 12.03 -33.95 -7.61
N THR A 1036 12.52 -32.85 -8.16
CA THR A 1036 13.09 -31.75 -7.39
C THR A 1036 12.35 -30.48 -7.79
N ALA A 1037 11.63 -29.90 -6.84
CA ALA A 1037 10.78 -28.77 -7.13
C ALA A 1037 11.61 -27.53 -7.40
N PRO A 1038 11.33 -26.77 -8.45
CA PRO A 1038 12.03 -25.50 -8.67
C PRO A 1038 11.46 -24.44 -7.74
N VAL A 1039 12.12 -23.29 -7.72
CA VAL A 1039 11.59 -22.12 -7.00
C VAL A 1039 10.61 -21.39 -7.91
N PRO A 1040 9.32 -21.30 -7.55
CA PRO A 1040 8.36 -20.66 -8.44
C PRO A 1040 8.60 -19.17 -8.52
N PRO A 1041 8.13 -18.52 -9.57
CA PRO A 1041 8.22 -17.06 -9.64
C PRO A 1041 7.57 -16.45 -8.41
N GLN A 1042 8.19 -15.39 -7.90
CA GLN A 1042 7.69 -14.57 -6.81
C GLN A 1042 7.54 -15.33 -5.50
N HIS A 1043 8.10 -16.54 -5.40
CA HIS A 1043 7.82 -17.43 -4.27
C HIS A 1043 8.90 -17.24 -3.21
N SER A 1044 8.59 -16.39 -2.22
CA SER A 1044 9.48 -16.16 -1.09
C SER A 1044 8.70 -15.37 -0.05
N SER A 1045 9.24 -15.32 1.15
CA SER A 1045 8.64 -14.50 2.20
C SER A 1045 9.74 -13.95 3.09
N VAL A 1046 9.59 -12.69 3.50
CA VAL A 1046 10.57 -12.13 4.44
C VAL A 1046 10.23 -12.46 5.87
N HIS A 1047 9.10 -13.12 6.13
CA HIS A 1047 8.60 -13.39 7.48
CA HIS A 1047 8.66 -13.36 7.49
C HIS A 1047 9.15 -14.72 7.98
N THR A 1048 9.52 -14.77 9.25
CA THR A 1048 9.98 -15.98 9.88
C THR A 1048 8.99 -16.34 10.97
N ASP A 1049 8.57 -17.59 10.99
CA ASP A 1049 7.60 -18.01 11.98
C ASP A 1049 8.25 -17.92 13.37
N PRO A 1050 7.58 -17.32 14.36
CA PRO A 1050 8.24 -17.12 15.65
C PRO A 1050 8.33 -18.38 16.48
N VAL A 1051 7.41 -19.32 16.23
CA VAL A 1051 7.50 -20.59 16.94
C VAL A 1051 8.68 -21.40 16.41
N LEU A 1052 8.91 -21.37 15.08
CA LEU A 1052 10.13 -21.93 14.52
C LEU A 1052 11.36 -21.33 15.19
N LEU A 1053 11.38 -20.00 15.34
CA LEU A 1053 12.53 -19.36 15.97
C LEU A 1053 12.70 -19.83 17.41
N ASP A 1054 11.60 -19.94 18.16
CA ASP A 1054 11.72 -20.42 19.53
C ASP A 1054 12.25 -21.85 19.55
N PHE A 1055 11.85 -22.66 18.56
CA PHE A 1055 12.32 -24.04 18.51
C PHE A 1055 13.81 -24.11 18.20
N ALA A 1056 14.29 -23.26 17.27
CA ALA A 1056 15.71 -23.23 16.97
C ALA A 1056 16.55 -22.83 18.19
N LYS A 1057 16.07 -21.84 18.97
CA LYS A 1057 16.78 -21.51 20.21
C LYS A 1057 16.77 -22.66 21.19
N TRP A 1058 15.62 -23.33 21.34
CA TRP A 1058 15.54 -24.52 22.20
C TRP A 1058 16.57 -25.56 21.76
N LEU A 1059 16.66 -25.83 20.46
CA LEU A 1059 17.63 -26.81 19.97
C LEU A 1059 19.06 -26.43 20.30
N ASP A 1060 19.41 -25.15 20.11
CA ASP A 1060 20.75 -24.69 20.48
C ASP A 1060 21.01 -24.92 21.96
N GLY A 1061 20.02 -24.60 22.81
CA GLY A 1061 20.18 -24.83 24.24
C GLY A 1061 20.33 -26.28 24.61
N LYS A 1062 19.74 -27.19 23.81
CA LYS A 1062 19.89 -28.62 24.02
C LYS A 1062 21.21 -29.15 23.44
N GLY A 1063 21.99 -28.30 22.79
CA GLY A 1063 23.22 -28.73 22.15
C GLY A 1063 23.07 -29.28 20.74
N ALA A 1064 21.85 -29.25 20.18
CA ALA A 1064 21.62 -29.78 18.84
C ALA A 1064 21.90 -28.70 17.79
N ARG A 1065 23.19 -28.38 17.65
CA ARG A 1065 23.59 -27.21 16.87
C ARG A 1065 23.27 -27.39 15.38
N ALA A 1066 23.53 -28.58 14.84
CA ALA A 1066 23.25 -28.79 13.42
C ALA A 1066 21.76 -28.71 13.13
N GLU A 1067 20.93 -29.27 14.01
CA GLU A 1067 19.49 -29.18 13.81
C GLU A 1067 18.98 -27.75 14.01
N ALA A 1068 19.57 -27.01 14.95
CA ALA A 1068 19.17 -25.61 15.13
C ALA A 1068 19.46 -24.78 13.87
N GLU A 1069 20.62 -25.01 13.25
CA GLU A 1069 20.92 -24.34 11.99
C GLU A 1069 19.97 -24.78 10.88
N ALA A 1070 19.63 -26.07 10.84
CA ALA A 1070 18.67 -26.52 9.85
C ALA A 1070 17.31 -25.91 10.10
N ALA A 1071 16.97 -25.69 11.37
CA ALA A 1071 15.70 -25.05 11.69
C ALA A 1071 15.70 -23.60 11.23
N ARG A 1072 16.77 -22.85 11.49
CA ARG A 1072 16.82 -21.47 11.02
C ARG A 1072 16.76 -21.41 9.50
N ASN A 1073 17.44 -22.34 8.83
CA ASN A 1073 17.39 -22.42 7.38
C ASN A 1073 15.97 -22.66 6.87
N ALA A 1074 15.22 -23.56 7.54
CA ALA A 1074 13.83 -23.78 7.17
C ALA A 1074 13.02 -22.51 7.36
N GLY A 1075 13.27 -21.80 8.47
CA GLY A 1075 12.54 -20.57 8.74
C GLY A 1075 12.70 -19.54 7.63
N SER A 1076 13.91 -19.45 7.05
CA SER A 1076 14.18 -18.55 5.93
C SER A 1076 13.61 -19.08 4.62
N SER A 1077 13.78 -20.38 4.37
CA SER A 1077 13.32 -20.95 3.10
CA SER A 1077 13.32 -20.98 3.12
C SER A 1077 11.80 -20.97 3.00
N SER A 1078 11.10 -21.02 4.13
CA SER A 1078 9.64 -21.04 4.11
C SER A 1078 9.10 -19.81 3.39
N ALA A 1079 8.06 -20.02 2.58
CA ALA A 1079 7.35 -18.92 1.94
C ALA A 1079 6.06 -18.57 2.67
N LEU A 1080 5.85 -19.14 3.85
CA LEU A 1080 4.73 -18.72 4.69
C LEU A 1080 4.71 -17.21 4.81
N GLY A 1081 3.54 -16.61 4.57
CA GLY A 1081 3.42 -15.17 4.64
C GLY A 1081 3.50 -14.45 3.30
N LEU A 1082 3.87 -15.15 2.23
CA LEU A 1082 3.77 -14.58 0.89
CA LEU A 1082 3.77 -14.58 0.89
C LEU A 1082 2.38 -13.98 0.72
N ASP A 1083 2.33 -12.79 0.13
CA ASP A 1083 1.08 -12.04 0.03
C ASP A 1083 1.20 -11.15 -1.21
N LEU A 1084 0.59 -11.60 -2.31
CA LEU A 1084 0.78 -11.01 -3.63
C LEU A 1084 -0.55 -10.59 -4.22
N GLU A 1085 -0.52 -9.56 -5.05
CA GLU A 1085 -1.64 -9.22 -5.91
C GLU A 1085 -1.29 -9.65 -7.33
N LEU A 1086 -2.19 -10.40 -7.95
CA LEU A 1086 -1.95 -10.93 -9.27
C LEU A 1086 -2.61 -10.03 -10.31
N PRO A 1087 -1.97 -9.82 -11.47
CA PRO A 1087 -2.59 -8.97 -12.50
C PRO A 1087 -3.87 -9.58 -13.02
N GLY A 1088 -4.84 -8.72 -13.29
CA GLY A 1088 -6.14 -9.13 -13.77
C GLY A 1088 -6.92 -7.92 -14.23
N PRO A 1089 -8.23 -8.05 -14.27
CA PRO A 1089 -9.05 -6.95 -14.79
C PRO A 1089 -9.14 -5.79 -13.82
N VAL A 1090 -9.46 -4.62 -14.36
CA VAL A 1090 -9.78 -3.47 -13.52
C VAL A 1090 -11.03 -3.79 -12.70
N GLY A 1091 -11.18 -3.07 -11.59
CA GLY A 1091 -12.36 -3.24 -10.77
C GLY A 1091 -12.38 -4.49 -9.93
N GLU A 1092 -11.24 -5.15 -9.78
CA GLU A 1092 -11.12 -6.37 -9.00
C GLU A 1092 -9.71 -6.37 -8.45
N ARG A 1093 -9.57 -6.85 -7.21
CA ARG A 1093 -8.26 -7.07 -6.61
C ARG A 1093 -8.14 -8.57 -6.40
N ASN A 1094 -7.14 -9.17 -7.02
CA ASN A 1094 -6.96 -10.62 -6.97
C ASN A 1094 -5.69 -10.91 -6.18
N LEU A 1095 -5.86 -11.52 -5.01
CA LEU A 1095 -4.79 -11.73 -4.05
C LEU A 1095 -4.47 -13.23 -3.92
N TYR A 1096 -3.21 -13.51 -3.64
CA TYR A 1096 -2.71 -14.88 -3.52
C TYR A 1096 -1.78 -14.90 -2.33
N THR A 1097 -2.08 -15.74 -1.35
CA THR A 1097 -1.34 -15.75 -0.10
C THR A 1097 -1.00 -17.18 0.30
N LEU A 1098 0.09 -17.34 1.05
CA LEU A 1098 0.50 -18.64 1.57
C LEU A 1098 0.35 -18.65 3.08
N HIS A 1099 -0.45 -19.60 3.58
CA HIS A 1099 -0.74 -19.76 4.99
C HIS A 1099 -0.28 -21.13 5.46
N ALA A 1100 -0.36 -21.36 6.77
CA ALA A 1100 -0.15 -22.70 7.29
C ALA A 1100 -1.24 -23.65 6.78
N ARG A 1101 -0.89 -24.93 6.67
CA ARG A 1101 -1.88 -25.92 6.29
CA ARG A 1101 -1.87 -25.93 6.29
C ARG A 1101 -2.79 -26.29 7.46
N GLY A 1102 -2.23 -26.37 8.67
CA GLY A 1102 -3.02 -26.76 9.81
C GLY A 1102 -2.17 -27.59 10.75
N ARG A 1103 -2.64 -28.78 11.08
CA ARG A 1103 -1.90 -29.70 11.94
C ARG A 1103 -1.31 -30.80 11.06
N ILE A 1104 0.00 -30.94 11.10
CA ILE A 1104 0.72 -31.93 10.30
C ILE A 1104 1.02 -33.13 11.18
N LEU A 1105 0.73 -34.33 10.68
CA LEU A 1105 1.07 -35.55 11.38
C LEU A 1105 2.55 -35.84 11.16
N LEU A 1106 3.31 -35.97 12.23
CA LEU A 1106 4.73 -36.30 12.16
C LEU A 1106 4.94 -37.75 12.57
N VAL A 1107 5.57 -38.52 11.71
CA VAL A 1107 5.89 -39.92 12.01
C VAL A 1107 7.41 -40.08 11.94
N PRO A 1108 8.14 -39.73 12.99
CA PRO A 1108 9.60 -39.81 12.95
C PRO A 1108 10.08 -41.20 13.28
N ALA A 1109 11.34 -41.44 12.96
CA ALA A 1109 12.06 -42.64 13.40
C ALA A 1109 13.23 -42.35 14.31
N THR A 1110 13.89 -41.20 14.17
CA THR A 1110 15.07 -40.88 14.96
C THR A 1110 14.91 -39.50 15.58
N GLU A 1111 15.74 -39.22 16.58
CA GLU A 1111 15.69 -37.91 17.23
C GLU A 1111 15.94 -36.79 16.24
N SER A 1112 17.03 -36.90 15.46
CA SER A 1112 17.36 -35.89 14.47
C SER A 1112 16.27 -35.77 13.42
N GLY A 1113 15.68 -36.90 13.01
CA GLY A 1113 14.58 -36.85 12.07
C GLY A 1113 13.41 -36.06 12.60
N LEU A 1114 13.06 -36.27 13.87
CA LEU A 1114 11.97 -35.53 14.49
C LEU A 1114 12.25 -34.03 14.48
N TYR A 1115 13.47 -33.64 14.84
CA TYR A 1115 13.79 -32.22 14.86
C TYR A 1115 13.68 -31.61 13.47
N HIS A 1116 14.19 -32.30 12.44
CA HIS A 1116 14.05 -31.82 11.07
C HIS A 1116 12.58 -31.72 10.66
N GLN A 1117 11.77 -32.74 10.99
CA GLN A 1117 10.34 -32.69 10.68
C GLN A 1117 9.67 -31.52 11.39
N LEU A 1118 9.97 -31.35 12.68
CA LEU A 1118 9.35 -30.28 13.43
CA LEU A 1118 9.37 -30.27 13.45
C LEU A 1118 9.75 -28.91 12.88
N ALA A 1119 11.03 -28.75 12.53
CA ALA A 1119 11.48 -27.49 11.95
C ALA A 1119 10.74 -27.19 10.65
N ALA A 1120 10.56 -28.21 9.81
CA ALA A 1120 9.85 -28.00 8.54
C ALA A 1120 8.41 -27.59 8.80
N ALA A 1121 7.75 -28.25 9.74
CA ALA A 1121 6.34 -27.96 10.00
C ALA A 1121 6.15 -26.61 10.67
N LEU A 1122 7.02 -26.28 11.63
CA LEU A 1122 6.89 -25.01 12.34
C LEU A 1122 7.27 -23.83 11.46
N ALA A 1123 8.29 -23.98 10.63
CA ALA A 1123 8.68 -22.91 9.71
C ALA A 1123 7.55 -22.55 8.75
N THR A 1124 6.65 -23.48 8.50
CA THR A 1124 5.51 -23.23 7.62
C THR A 1124 4.23 -22.90 8.38
N GLY A 1125 4.35 -22.59 9.69
CA GLY A 1125 3.25 -22.08 10.48
C GLY A 1125 2.33 -23.12 11.08
N ASN A 1126 2.64 -24.40 10.90
CA ASN A 1126 1.74 -25.47 11.31
C ASN A 1126 1.93 -25.87 12.77
N SER A 1127 0.89 -26.49 13.32
CA SER A 1127 1.00 -27.30 14.51
C SER A 1127 1.27 -28.74 14.08
N VAL A 1128 1.59 -29.59 15.05
CA VAL A 1128 1.95 -30.97 14.73
C VAL A 1128 1.27 -31.93 15.70
N ALA A 1129 1.02 -33.14 15.23
CA ALA A 1129 0.78 -34.28 16.10
C ALA A 1129 1.89 -35.29 15.85
N ILE A 1130 2.64 -35.63 16.88
CA ILE A 1130 3.77 -36.55 16.76
C ILE A 1130 3.33 -37.94 17.16
N ASP A 1131 3.72 -38.94 16.36
CA ASP A 1131 3.38 -40.33 16.64
C ASP A 1131 3.99 -40.78 17.95
N ALA A 1132 3.13 -41.12 18.91
CA ALA A 1132 3.60 -41.53 20.22
C ALA A 1132 4.33 -42.87 20.17
N ALA A 1133 4.00 -43.71 19.17
CA ALA A 1133 4.67 -44.99 19.04
C ALA A 1133 6.12 -44.86 18.60
N SER A 1134 6.58 -43.64 18.31
CA SER A 1134 7.96 -43.44 17.91
C SER A 1134 8.90 -43.62 19.08
N GLY A 1135 8.39 -43.51 20.31
CA GLY A 1135 9.23 -43.60 21.49
C GLY A 1135 10.15 -42.41 21.70
N LEU A 1136 9.91 -41.30 21.01
CA LEU A 1136 10.85 -40.18 21.03
C LEU A 1136 10.42 -39.07 22.00
N GLN A 1137 9.45 -39.35 22.86
CA GLN A 1137 8.94 -38.32 23.78
C GLN A 1137 10.07 -37.66 24.57
N ALA A 1138 11.07 -38.44 24.98
CA ALA A 1138 12.18 -37.89 25.73
C ALA A 1138 13.06 -36.96 24.92
N SER A 1139 12.88 -36.89 23.61
CA SER A 1139 13.66 -35.97 22.79
C SER A 1139 13.08 -34.56 22.78
N LEU A 1140 11.89 -34.35 23.34
CA LEU A 1140 11.25 -33.05 23.38
C LEU A 1140 10.92 -32.60 24.80
N LYS A 1141 11.85 -32.80 25.74
CA LYS A 1141 11.63 -32.39 27.12
C LYS A 1141 11.82 -30.88 27.27
N ASN A 1142 10.96 -30.25 28.07
CA ASN A 1142 11.11 -28.85 28.46
C ASN A 1142 11.02 -27.90 27.27
N LEU A 1143 10.05 -28.14 26.40
CA LEU A 1143 9.85 -27.24 25.27
C LEU A 1143 9.35 -25.87 25.77
N PRO A 1144 9.75 -24.80 25.08
CA PRO A 1144 9.15 -23.49 25.38
C PRO A 1144 7.64 -23.59 25.20
N GLN A 1145 6.91 -22.81 26.02
CA GLN A 1145 5.46 -22.89 25.95
C GLN A 1145 4.94 -22.57 24.55
N THR A 1146 5.56 -21.62 23.85
CA THR A 1146 5.10 -21.28 22.50
C THR A 1146 5.19 -22.47 21.57
N VAL A 1147 6.26 -23.28 21.70
CA VAL A 1147 6.37 -24.48 20.88
C VAL A 1147 5.45 -25.58 21.39
N GLY A 1148 5.40 -25.77 22.71
CA GLY A 1148 4.51 -26.78 23.26
C GLY A 1148 3.06 -26.57 22.86
N LEU A 1149 2.66 -25.31 22.68
CA LEU A 1149 1.28 -25.04 22.26
C LEU A 1149 0.99 -25.64 20.90
N ARG A 1150 2.00 -25.82 20.07
CA ARG A 1150 1.84 -26.33 18.71
C ARG A 1150 2.06 -27.83 18.61
N VAL A 1151 2.47 -28.46 19.70
CA VAL A 1151 2.88 -29.86 19.70
C VAL A 1151 1.88 -30.67 20.51
N SER A 1152 1.37 -31.74 19.90
CA SER A 1152 0.64 -32.78 20.61
C SER A 1152 1.25 -34.12 20.23
N TRP A 1153 1.12 -35.09 21.15
CA TRP A 1153 1.54 -36.46 20.90
C TRP A 1153 0.30 -37.32 20.69
N SER A 1154 0.36 -38.19 19.68
CA SER A 1154 -0.81 -38.94 19.24
C SER A 1154 -0.50 -40.42 19.24
N LYS A 1155 -1.26 -41.17 20.03
CA LYS A 1155 -1.22 -42.63 19.96
C LYS A 1155 -2.20 -43.17 18.93
N ASP A 1156 -3.42 -42.62 18.87
CA ASP A 1156 -4.44 -43.00 17.91
C ASP A 1156 -4.61 -41.84 16.93
N TRP A 1157 -3.94 -41.92 15.78
CA TRP A 1157 -3.92 -40.79 14.85
C TRP A 1157 -5.31 -40.43 14.38
N ALA A 1158 -6.16 -41.44 14.16
CA ALA A 1158 -7.51 -41.17 13.66
C ALA A 1158 -8.35 -40.38 14.65
N ALA A 1159 -7.96 -40.38 15.93
CA ALA A 1159 -8.72 -39.64 16.93
C ALA A 1159 -8.31 -38.17 16.98
N ASP A 1160 -7.08 -37.87 16.60
CA ASP A 1160 -6.49 -36.55 16.80
C ASP A 1160 -6.48 -35.71 15.54
N GLY A 1161 -7.15 -36.14 14.48
CA GLY A 1161 -7.23 -35.36 13.27
C GLY A 1161 -8.40 -34.40 13.31
N PRO A 1162 -8.77 -33.82 12.17
CA PRO A 1162 -8.15 -34.03 10.85
C PRO A 1162 -6.79 -33.36 10.75
N PHE A 1163 -5.90 -34.00 10.01
CA PHE A 1163 -4.61 -33.43 9.69
C PHE A 1163 -4.67 -32.77 8.31
N ALA A 1164 -3.62 -31.99 8.00
CA ALA A 1164 -3.50 -31.31 6.71
C ALA A 1164 -2.27 -31.75 5.92
N GLY A 1165 -1.60 -32.78 6.38
CA GLY A 1165 -0.43 -33.31 5.71
C GLY A 1165 0.31 -34.17 6.70
N ALA A 1166 1.38 -34.80 6.22
CA ALA A 1166 2.15 -35.71 7.04
C ALA A 1166 3.60 -35.71 6.58
N LEU A 1167 4.50 -35.88 7.54
CA LEU A 1167 5.93 -36.08 7.30
C LEU A 1167 6.33 -37.40 7.92
N VAL A 1168 7.00 -38.25 7.15
CA VAL A 1168 7.33 -39.60 7.57
C VAL A 1168 8.82 -39.82 7.38
N GLU A 1169 9.43 -40.50 8.35
CA GLU A 1169 10.83 -40.91 8.30
C GLU A 1169 10.89 -42.42 8.47
N GLY A 1170 11.66 -43.08 7.62
CA GLY A 1170 11.90 -44.50 7.78
C GLY A 1170 12.45 -45.10 6.51
N ASP A 1171 12.75 -46.39 6.60
CA ASP A 1171 13.16 -47.12 5.40
C ASP A 1171 11.92 -47.39 4.52
N ALA A 1172 12.15 -48.02 3.37
CA ALA A 1172 11.10 -48.19 2.39
C ALA A 1172 9.88 -48.88 2.98
N GLU A 1173 10.11 -49.96 3.73
CA GLU A 1173 8.97 -50.73 4.25
C GLU A 1173 8.30 -50.04 5.44
N ARG A 1174 9.04 -49.26 6.22
CA ARG A 1174 8.40 -48.42 7.23
C ARG A 1174 7.54 -47.34 6.57
N ILE A 1175 8.03 -46.72 5.50
CA ILE A 1175 7.21 -45.74 4.77
C ILE A 1175 5.93 -46.38 4.28
N ARG A 1176 6.03 -47.60 3.74
CA ARG A 1176 4.86 -48.28 3.20
C ARG A 1176 3.82 -48.53 4.29
N ALA A 1177 4.27 -49.03 5.44
CA ALA A 1177 3.35 -49.30 6.53
C ALA A 1177 2.68 -48.03 7.03
N VAL A 1178 3.47 -46.97 7.23
CA VAL A 1178 2.92 -45.71 7.70
C VAL A 1178 1.93 -45.15 6.68
N ASN A 1179 2.31 -45.17 5.41
CA ASN A 1179 1.45 -44.63 4.36
C ASN A 1179 0.11 -45.36 4.32
N LYS A 1180 0.12 -46.67 4.60
CA LYS A 1180 -1.14 -47.42 4.66
C LYS A 1180 -1.99 -46.97 5.84
N ALA A 1181 -1.37 -46.76 7.00
CA ALA A 1181 -2.11 -46.28 8.17
C ALA A 1181 -2.66 -44.89 7.95
N ILE A 1182 -1.87 -44.01 7.32
CA ILE A 1182 -2.31 -42.64 7.06
C ILE A 1182 -3.49 -42.64 6.10
N ALA A 1183 -3.42 -43.46 5.04
CA ALA A 1183 -4.53 -43.50 4.08
C ALA A 1183 -5.83 -43.94 4.72
N ALA A 1184 -5.75 -44.74 5.79
CA ALA A 1184 -6.93 -45.24 6.49
C ALA A 1184 -7.53 -44.23 7.46
N LEU A 1185 -6.85 -43.11 7.70
CA LEU A 1185 -7.39 -42.11 8.60
C LEU A 1185 -8.66 -41.53 8.00
N PRO A 1186 -9.66 -41.23 8.82
CA PRO A 1186 -10.89 -40.64 8.29
C PRO A 1186 -10.64 -39.22 7.81
N GLY A 1187 -11.46 -38.78 6.86
CA GLY A 1187 -11.47 -37.40 6.48
C GLY A 1187 -10.69 -37.08 5.21
N PRO A 1188 -9.91 -36.01 5.25
CA PRO A 1188 -9.28 -35.51 4.03
C PRO A 1188 -8.12 -36.38 3.59
N LEU A 1189 -7.90 -36.42 2.27
CA LEU A 1189 -6.67 -37.00 1.76
C LEU A 1189 -5.50 -36.17 2.25
N LEU A 1190 -4.45 -36.83 2.71
CA LEU A 1190 -3.29 -36.14 3.25
C LEU A 1190 -2.15 -36.14 2.25
N LEU A 1191 -1.58 -34.97 2.02
CA LEU A 1191 -0.35 -34.88 1.23
C LEU A 1191 0.79 -35.32 2.12
N VAL A 1192 1.37 -36.49 1.82
CA VAL A 1192 2.42 -37.10 2.63
C VAL A 1192 3.76 -36.93 1.94
N GLN A 1193 4.77 -36.58 2.73
CA GLN A 1193 6.16 -36.60 2.28
C GLN A 1193 6.95 -37.55 3.16
N ALA A 1194 7.81 -38.35 2.54
CA ALA A 1194 8.61 -39.34 3.23
C ALA A 1194 10.07 -39.16 2.89
N ALA A 1195 10.94 -39.58 3.82
CA ALA A 1195 12.38 -39.53 3.63
C ALA A 1195 13.02 -40.56 4.55
N SER A 1196 14.15 -41.09 4.12
CA SER A 1196 14.93 -41.92 5.03
C SER A 1196 15.73 -41.05 5.97
N SER A 1197 16.20 -41.65 7.06
CA SER A 1197 17.09 -40.92 7.96
C SER A 1197 18.32 -40.40 7.20
N GLY A 1198 18.85 -41.22 6.29
CA GLY A 1198 20.01 -40.79 5.54
C GLY A 1198 19.72 -39.62 4.63
N GLU A 1199 18.53 -39.60 4.03
CA GLU A 1199 18.16 -38.49 3.16
C GLU A 1199 17.98 -37.21 3.96
N ILE A 1200 17.39 -37.31 5.16
CA ILE A 1200 17.33 -36.16 6.05
C ILE A 1200 18.73 -35.63 6.36
N ALA A 1201 19.71 -36.52 6.54
CA ALA A 1201 21.07 -36.05 6.79
C ALA A 1201 21.69 -35.40 5.56
N ARG A 1202 21.42 -35.95 4.37
CA ARG A 1202 22.11 -35.50 3.16
C ARG A 1202 21.45 -34.29 2.51
N ASN A 1203 20.12 -34.21 2.55
CA ASN A 1203 19.38 -33.26 1.71
C ASN A 1203 18.62 -32.28 2.58
N PRO A 1204 19.00 -31.01 2.61
CA PRO A 1204 18.23 -30.02 3.37
C PRO A 1204 16.80 -29.91 2.91
N ASP A 1205 16.51 -30.31 1.68
CA ASP A 1205 15.16 -30.26 1.12
C ASP A 1205 14.50 -31.63 1.09
N ALA A 1206 14.97 -32.57 1.94
CA ALA A 1206 14.32 -33.88 2.06
C ALA A 1206 12.81 -33.73 2.16
N TYR A 1207 12.35 -32.78 2.96
CA TYR A 1207 10.93 -32.43 3.04
C TYR A 1207 10.78 -31.07 2.39
N CYS A 1208 9.97 -31.01 1.34
CA CYS A 1208 9.83 -29.80 0.55
C CYS A 1208 8.79 -28.89 1.18
N LEU A 1209 9.18 -27.64 1.44
CA LEU A 1209 8.30 -26.73 2.15
C LEU A 1209 7.14 -26.24 1.29
N ASN A 1210 7.19 -26.45 -0.03
CA ASN A 1210 6.07 -26.05 -0.89
C ASN A 1210 4.78 -26.72 -0.45
N TRP A 1211 4.86 -27.95 0.04
CA TRP A 1211 3.68 -28.76 0.32
C TRP A 1211 3.25 -28.68 1.76
N LEU A 1212 3.90 -27.84 2.56
CA LEU A 1212 3.55 -27.62 3.96
C LEU A 1212 2.88 -26.27 4.19
N VAL A 1213 2.67 -25.49 3.12
CA VAL A 1213 1.87 -24.29 3.18
C VAL A 1213 0.61 -24.54 2.35
N GLU A 1214 -0.38 -23.70 2.58
CA GLU A 1214 -1.66 -23.79 1.89
C GLU A 1214 -1.85 -22.50 1.10
N GLU A 1215 -2.19 -22.63 -0.18
CA GLU A 1215 -2.47 -21.45 -0.99
C GLU A 1215 -3.90 -21.00 -0.78
N VAL A 1216 -4.08 -19.68 -0.68
CA VAL A 1216 -5.42 -19.10 -0.62
C VAL A 1216 -5.52 -18.01 -1.67
N SER A 1217 -6.58 -18.06 -2.49
CA SER A 1217 -6.86 -17.04 -3.47
C SER A 1217 -8.05 -16.23 -2.98
N ALA A 1218 -7.96 -14.90 -3.06
CA ALA A 1218 -9.07 -14.03 -2.70
C ALA A 1218 -9.34 -13.05 -3.83
N SER A 1219 -10.56 -13.03 -4.34
CA SER A 1219 -10.97 -12.11 -5.40
C SER A 1219 -12.02 -11.16 -4.85
N ILE A 1220 -11.69 -9.86 -4.85
CA ILE A 1220 -12.54 -8.82 -4.27
C ILE A 1220 -13.03 -7.92 -5.41
N ASN A 1221 -14.34 -7.80 -5.54
CA ASN A 1221 -14.93 -6.90 -6.54
C ASN A 1221 -14.88 -5.48 -5.98
N THR A 1222 -13.91 -4.70 -6.44
CA THR A 1222 -13.71 -3.35 -5.91
C THR A 1222 -14.61 -2.33 -6.58
N ALA A 1223 -15.39 -2.74 -7.56
CA ALA A 1223 -16.38 -1.86 -8.18
C ALA A 1223 -17.77 -2.07 -7.60
N ALA A 1224 -17.90 -2.89 -6.55
CA ALA A 1224 -19.22 -3.27 -6.06
C ALA A 1224 -20.01 -2.06 -5.57
N ALA A 1225 -19.33 -1.02 -5.11
CA ALA A 1225 -20.04 0.16 -4.60
C ALA A 1225 -20.73 0.96 -5.70
N GLY A 1226 -20.44 0.67 -6.97
CA GLY A 1226 -21.10 1.36 -8.06
C GLY A 1226 -20.15 2.01 -9.03
N GLY A 1227 -18.86 2.02 -8.70
CA GLY A 1227 -17.87 2.57 -9.60
C GLY A 1227 -16.47 2.12 -9.19
N ASN A 1228 -15.50 2.54 -10.00
CA ASN A 1228 -14.10 2.13 -9.83
C ASN A 1228 -13.27 3.35 -9.46
N ALA A 1229 -12.77 3.38 -8.21
CA ALA A 1229 -12.04 4.54 -7.73
C ALA A 1229 -10.74 4.74 -8.49
N SER A 1230 -10.03 3.65 -8.80
CA SER A 1230 -8.77 3.78 -9.55
C SER A 1230 -9.00 4.40 -10.92
N LEU A 1231 -10.10 4.03 -11.58
CA LEU A 1231 -10.36 4.57 -12.90
C LEU A 1231 -10.92 6.00 -12.88
N MET A 1232 -11.27 6.52 -11.71
CA MET A 1232 -11.64 7.93 -11.64
C MET A 1232 -10.47 8.83 -11.97
N ALA A 1233 -9.23 8.34 -11.83
CA ALA A 1233 -8.04 9.10 -12.16
C ALA A 1233 -7.60 8.92 -13.61
N ILE A 1234 -8.29 8.07 -14.38
CA ILE A 1234 -7.90 7.74 -15.74
C ILE A 1234 -8.83 8.48 -16.70
N GLY A 1235 -8.28 9.47 -17.40
CA GLY A 1235 -8.99 10.18 -18.43
C GLY A 1235 -8.07 10.45 -19.61
N ALA B 16 38.42 33.49 33.20
CA ALA B 16 37.07 32.98 32.97
C ALA B 16 36.45 33.63 31.74
N PRO B 17 36.35 32.87 30.65
CA PRO B 17 35.86 33.44 29.38
C PRO B 17 34.44 33.96 29.52
N ALA B 18 34.19 35.13 28.94
CA ALA B 18 32.85 35.70 28.97
C ALA B 18 31.89 34.81 28.18
N PRO B 19 30.67 34.60 28.67
CA PRO B 19 29.74 33.69 27.98
C PRO B 19 29.48 34.15 26.55
N PHE B 20 29.62 33.22 25.61
CA PHE B 20 29.30 33.41 24.21
C PHE B 20 30.18 34.45 23.53
N ALA B 21 31.31 34.81 24.16
CA ALA B 21 32.21 35.80 23.57
C ALA B 21 32.89 35.29 22.30
N ASP B 22 32.95 33.97 22.09
CA ASP B 22 33.55 33.38 20.91
C ASP B 22 32.63 32.33 20.30
N PHE B 23 31.32 32.62 20.27
CA PHE B 23 30.34 31.58 19.92
C PHE B 23 30.55 31.08 18.49
N ALA B 24 30.50 31.99 17.52
CA ALA B 24 30.65 31.58 16.13
C ALA B 24 31.17 32.72 15.27
N PRO B 25 32.36 33.25 15.54
CA PRO B 25 32.85 34.38 14.74
C PRO B 25 33.10 33.94 13.32
N PRO B 26 32.73 34.74 12.33
CA PRO B 26 32.92 34.32 10.95
C PRO B 26 34.40 34.30 10.58
N VAL B 27 34.71 33.54 9.52
CA VAL B 27 36.07 33.44 9.03
C VAL B 27 36.61 34.82 8.66
N ARG B 28 35.77 35.66 8.07
CA ARG B 28 36.17 37.00 7.67
C ARG B 28 34.97 37.92 7.77
N PRO B 29 35.18 39.22 7.84
CA PRO B 29 34.03 40.14 7.76
C PRO B 29 33.31 39.94 6.44
N GLN B 30 31.98 39.92 6.50
CA GLN B 30 31.16 39.60 5.34
C GLN B 30 30.98 40.83 4.47
N SER B 31 31.47 40.77 3.23
CA SER B 31 31.36 41.87 2.29
C SER B 31 29.92 42.04 1.82
N THR B 32 29.67 43.15 1.11
CA THR B 32 28.36 43.35 0.53
C THR B 32 27.96 42.17 -0.37
N LEU B 33 28.91 41.66 -1.16
CA LEU B 33 28.59 40.55 -2.06
C LEU B 33 28.36 39.26 -1.27
N ARG B 34 29.14 39.00 -0.22
CA ARG B 34 28.89 37.82 0.60
C ARG B 34 27.56 37.92 1.32
N ARG B 35 27.21 39.13 1.78
CA ARG B 35 25.92 39.31 2.44
C ARG B 35 24.75 39.08 1.48
N ALA B 36 24.93 39.42 0.20
CA ALA B 36 23.85 39.20 -0.75
C ALA B 36 23.61 37.73 -0.99
N ILE B 37 24.68 36.92 -0.94
CA ILE B 37 24.51 35.47 -0.98
C ILE B 37 23.69 34.99 0.21
N THR B 38 24.11 35.35 1.43
CA THR B 38 23.45 34.84 2.61
C THR B 38 21.97 35.24 2.64
N ALA B 39 21.64 36.43 2.16
CA ALA B 39 20.26 36.91 2.17
C ALA B 39 19.35 36.07 1.30
N ALA B 40 19.89 35.39 0.29
CA ALA B 40 19.08 34.60 -0.63
C ALA B 40 18.91 33.15 -0.19
N TYR B 41 19.58 32.75 0.90
CA TYR B 41 19.73 31.33 1.26
C TYR B 41 18.39 30.58 1.18
N ARG B 42 17.35 31.11 1.82
CA ARG B 42 16.05 30.46 1.84
C ARG B 42 14.96 31.38 1.33
N ARG B 43 15.29 32.17 0.33
CA ARG B 43 14.34 33.13 -0.21
C ARG B 43 13.13 32.40 -0.77
N PRO B 44 11.91 32.89 -0.56
CA PRO B 44 10.74 32.21 -1.13
C PRO B 44 10.87 32.01 -2.63
N GLU B 45 10.36 30.89 -3.09
CA GLU B 45 10.48 30.53 -4.51
C GLU B 45 9.83 31.56 -5.42
N THR B 46 8.72 32.16 -4.97
CA THR B 46 8.04 33.17 -5.78
C THR B 46 8.84 34.46 -5.88
N GLU B 47 9.76 34.72 -4.95
CA GLU B 47 10.64 35.87 -5.10
C GLU B 47 11.84 35.56 -5.98
N CYS B 48 12.32 34.32 -5.94
CA CYS B 48 13.52 33.97 -6.69
C CYS B 48 13.28 33.98 -8.18
N LEU B 49 12.11 33.54 -8.62
CA LEU B 49 11.91 33.26 -10.04
C LEU B 49 11.82 34.46 -10.98
N PRO B 50 11.10 35.53 -10.65
CA PRO B 50 10.92 36.64 -11.62
C PRO B 50 12.24 37.19 -12.14
N PRO B 51 13.23 37.49 -11.29
CA PRO B 51 14.49 38.01 -11.87
C PRO B 51 15.26 36.98 -12.70
N LEU B 52 15.15 35.69 -12.38
CA LEU B 52 15.76 34.66 -13.22
C LEU B 52 15.08 34.58 -14.58
N VAL B 53 13.74 34.60 -14.59
CA VAL B 53 12.98 34.67 -15.85
C VAL B 53 13.48 35.84 -16.70
N GLU B 54 13.60 37.02 -16.08
CA GLU B 54 14.04 38.20 -16.81
C GLU B 54 15.44 38.00 -17.39
N ALA B 55 16.35 37.42 -16.61
CA ALA B 55 17.73 37.26 -17.07
C ALA B 55 17.86 36.15 -18.12
N ALA B 56 16.96 35.17 -18.10
CA ALA B 56 17.02 34.06 -19.03
C ALA B 56 16.24 34.32 -20.32
N THR B 57 15.54 35.43 -20.42
CA THR B 57 14.73 35.69 -21.61
C THR B 57 15.62 35.90 -22.83
N GLN B 58 15.24 35.28 -23.93
CA GLN B 58 15.95 35.42 -25.20
C GLN B 58 14.97 35.79 -26.31
N SER B 59 15.50 36.46 -27.33
CA SER B 59 14.67 36.94 -28.44
C SER B 59 13.99 35.77 -29.14
N LYS B 60 12.95 36.10 -29.92
CA LYS B 60 12.24 35.05 -30.65
C LYS B 60 13.17 34.33 -31.62
N GLU B 61 14.05 35.07 -32.29
CA GLU B 61 14.98 34.44 -33.22
C GLU B 61 15.84 33.39 -32.53
N ILE B 62 16.45 33.75 -31.40
CA ILE B 62 17.31 32.82 -30.68
C ILE B 62 16.51 31.63 -30.18
N ARG B 63 15.31 31.89 -29.64
CA ARG B 63 14.51 30.79 -29.10
C ARG B 63 14.10 29.82 -30.19
N ASP B 64 13.75 30.32 -31.38
CA ASP B 64 13.45 29.43 -32.48
C ASP B 64 14.68 28.67 -32.93
N ALA B 65 15.82 29.37 -33.07
CA ALA B 65 17.07 28.72 -33.44
C ALA B 65 17.46 27.65 -32.42
N ALA B 66 17.36 27.97 -31.13
CA ALA B 66 17.74 27.00 -30.11
C ALA B 66 16.82 25.80 -30.12
N ALA B 67 15.53 26.01 -30.42
CA ALA B 67 14.59 24.90 -30.48
C ALA B 67 14.91 23.94 -31.63
N SER B 68 15.43 24.46 -32.74
CA SER B 68 15.79 23.55 -33.83
C SER B 68 17.08 22.80 -33.49
N THR B 69 18.06 23.50 -32.92
CA THR B 69 19.28 22.83 -32.48
C THR B 69 18.96 21.72 -31.48
N ALA B 70 18.09 22.00 -30.49
CA ALA B 70 17.74 20.99 -29.51
C ALA B 70 17.04 19.80 -30.17
N ARG B 71 16.16 20.06 -31.14
CA ARG B 71 15.46 18.96 -31.80
C ARG B 71 16.44 18.08 -32.57
N LYS B 72 17.38 18.68 -33.30
CA LYS B 72 18.39 17.91 -34.01
C LYS B 72 19.20 17.05 -33.05
N LEU B 73 19.56 17.62 -31.89
CA LEU B 73 20.32 16.84 -30.90
C LEU B 73 19.50 15.68 -30.37
N ILE B 74 18.19 15.90 -30.15
CA ILE B 74 17.35 14.87 -29.57
C ILE B 74 17.10 13.74 -30.55
N GLU B 75 16.86 14.07 -31.81
CA GLU B 75 16.69 13.05 -32.84
C GLU B 75 17.96 12.22 -32.98
N ALA B 76 19.13 12.86 -32.92
CA ALA B 76 20.38 12.11 -32.97
C ALA B 76 20.54 11.21 -31.75
N LEU B 77 20.11 11.69 -30.57
CA LEU B 77 20.23 10.89 -29.36
C LEU B 77 19.33 9.67 -29.41
N ARG B 78 18.08 9.84 -29.85
CA ARG B 78 17.12 8.75 -29.92
C ARG B 78 17.33 7.84 -31.12
N GLY B 79 18.16 8.24 -32.08
CA GLY B 79 18.49 7.37 -33.19
C GLY B 79 19.58 6.37 -32.91
N LYS B 80 20.18 6.42 -31.74
CA LYS B 80 21.28 5.53 -31.39
C LYS B 80 20.81 4.42 -30.46
N SER B 84 20.35 -1.64 -24.00
CA SER B 84 21.63 -1.59 -23.28
C SER B 84 22.21 -2.98 -23.11
N GLY B 85 23.34 -3.05 -22.38
CA GLY B 85 23.93 -4.34 -22.11
C GLY B 85 23.08 -5.19 -21.18
N VAL B 86 22.61 -4.59 -20.09
CA VAL B 86 21.82 -5.36 -19.13
C VAL B 86 20.47 -5.72 -19.72
N GLU B 87 19.84 -4.80 -20.44
CA GLU B 87 18.58 -5.11 -21.10
C GLU B 87 18.72 -6.29 -22.06
N GLY B 88 19.76 -6.27 -22.89
CA GLY B 88 19.99 -7.38 -23.78
C GLY B 88 20.22 -8.69 -23.05
N LEU B 89 20.86 -8.63 -21.89
CA LEU B 89 21.06 -9.82 -21.09
C LEU B 89 19.75 -10.30 -20.48
N VAL B 90 18.93 -9.36 -20.00
CA VAL B 90 17.60 -9.71 -19.48
C VAL B 90 16.74 -10.36 -20.55
N GLN B 91 16.79 -9.82 -21.78
CA GLN B 91 15.99 -10.38 -22.86
C GLN B 91 16.51 -11.75 -23.29
N GLU B 92 17.83 -11.91 -23.39
CA GLU B 92 18.39 -13.16 -23.89
C GLU B 92 18.07 -14.33 -22.96
N TYR B 93 18.12 -14.11 -21.64
CA TYR B 93 17.84 -15.18 -20.69
C TYR B 93 16.47 -15.09 -20.07
N SER B 94 15.62 -14.18 -20.56
CA SER B 94 14.24 -14.05 -20.11
C SER B 94 14.18 -13.86 -18.60
N LEU B 95 15.02 -12.96 -18.11
CA LEU B 95 15.13 -12.72 -16.68
C LEU B 95 14.01 -11.82 -16.21
N SER B 96 13.51 -12.10 -15.01
CA SER B 96 12.68 -11.14 -14.31
C SER B 96 13.58 -10.02 -13.80
N SER B 97 12.95 -8.93 -13.32
CA SER B 97 13.73 -7.84 -12.74
C SER B 97 14.55 -8.33 -11.56
N GLN B 98 13.91 -9.06 -10.63
CA GLN B 98 14.63 -9.58 -9.47
C GLN B 98 15.77 -10.53 -9.88
N GLU B 99 15.54 -11.32 -10.94
CA GLU B 99 16.62 -12.18 -11.42
C GLU B 99 17.77 -11.35 -11.99
N GLY B 100 17.44 -10.28 -12.70
CA GLY B 100 18.49 -9.38 -13.19
C GLY B 100 19.30 -8.78 -12.07
N VAL B 101 18.62 -8.30 -11.03
CA VAL B 101 19.32 -7.72 -9.87
C VAL B 101 20.17 -8.78 -9.19
N ALA B 102 19.58 -9.95 -8.94
CA ALA B 102 20.30 -11.01 -8.24
C ALA B 102 21.54 -11.43 -9.02
N LEU B 103 21.42 -11.52 -10.35
CA LEU B 103 22.55 -11.89 -11.19
C LEU B 103 23.67 -10.88 -11.08
N MET B 104 23.36 -9.59 -11.10
CA MET B 104 24.41 -8.58 -10.98
C MET B 104 25.05 -8.61 -9.61
N CYS B 105 24.28 -8.91 -8.57
CA CYS B 105 24.87 -9.07 -7.24
C CYS B 105 25.83 -10.25 -7.21
N LEU B 106 25.43 -11.37 -7.82
CA LEU B 106 26.33 -12.51 -7.94
C LEU B 106 27.58 -12.13 -8.71
N ALA B 107 27.41 -11.40 -9.83
CA ALA B 107 28.55 -11.02 -10.65
C ALA B 107 29.49 -10.10 -9.87
N GLU B 108 28.93 -9.13 -9.14
CA GLU B 108 29.74 -8.25 -8.29
C GLU B 108 30.59 -9.07 -7.32
N ALA B 109 29.98 -10.06 -6.66
CA ALA B 109 30.73 -10.88 -5.71
C ALA B 109 31.81 -11.71 -6.39
N LEU B 110 31.50 -12.25 -7.57
CA LEU B 110 32.50 -13.05 -8.28
C LEU B 110 33.66 -12.21 -8.75
N LEU B 111 33.43 -10.92 -9.02
CA LEU B 111 34.52 -10.07 -9.46
C LEU B 111 35.42 -9.64 -8.31
N ARG B 112 35.02 -9.91 -7.07
CA ARG B 112 35.92 -9.73 -5.94
C ARG B 112 37.00 -10.80 -5.86
N ILE B 113 36.85 -11.88 -6.63
CA ILE B 113 37.94 -12.83 -6.81
C ILE B 113 38.81 -12.26 -7.92
N PRO B 114 40.03 -11.80 -7.63
CA PRO B 114 40.82 -11.14 -8.68
C PRO B 114 41.38 -12.09 -9.72
N ASP B 115 41.70 -13.33 -9.35
CA ASP B 115 42.31 -14.27 -10.28
C ASP B 115 41.24 -14.84 -11.20
N THR B 116 41.37 -14.56 -12.51
CA THR B 116 40.40 -15.06 -13.48
C THR B 116 40.24 -16.58 -13.38
N ALA B 117 41.34 -17.31 -13.19
CA ALA B 117 41.26 -18.77 -13.17
C ALA B 117 40.55 -19.27 -11.92
N THR B 118 40.77 -18.63 -10.78
CA THR B 118 40.06 -19.03 -9.56
C THR B 118 38.57 -18.75 -9.71
N ARG B 119 38.23 -17.61 -10.31
CA ARG B 119 36.82 -17.23 -10.45
C ARG B 119 36.10 -18.16 -11.41
N ASP B 120 36.70 -18.43 -12.58
CA ASP B 120 36.07 -19.33 -13.55
C ASP B 120 35.92 -20.74 -12.97
N ALA B 121 36.89 -21.19 -12.18
CA ALA B 121 36.79 -22.52 -11.58
C ALA B 121 35.64 -22.58 -10.58
N LEU B 122 35.50 -21.57 -9.73
CA LEU B 122 34.37 -21.55 -8.80
C LEU B 122 33.05 -21.53 -9.54
N ILE B 123 32.98 -20.79 -10.65
CA ILE B 123 31.75 -20.70 -11.44
C ILE B 123 31.36 -22.07 -12.00
N ARG B 124 32.29 -22.74 -12.68
CA ARG B 124 31.97 -23.99 -13.35
C ARG B 124 31.80 -25.15 -12.37
N ASP B 125 32.59 -25.16 -11.30
CA ASP B 125 32.60 -26.30 -10.38
C ASP B 125 31.68 -26.13 -9.19
N LYS B 126 31.31 -24.91 -8.85
CA LYS B 126 30.53 -24.69 -7.64
C LYS B 126 29.24 -23.92 -7.88
N ILE B 127 29.34 -22.76 -8.53
CA ILE B 127 28.16 -21.89 -8.65
C ILE B 127 27.13 -22.50 -9.61
N ALA B 128 27.57 -22.88 -10.82
CA ALA B 128 26.64 -23.41 -11.81
C ALA B 128 25.87 -24.63 -11.30
N ASP B 129 26.35 -25.26 -10.24
CA ASP B 129 25.65 -26.33 -9.55
C ASP B 129 24.73 -25.82 -8.46
N GLY B 130 24.37 -24.53 -8.49
CA GLY B 130 23.44 -23.96 -7.54
C GLY B 130 23.98 -23.68 -6.16
N ASN B 131 25.06 -24.35 -5.75
CA ASN B 131 25.58 -24.18 -4.39
C ASN B 131 26.19 -22.79 -4.20
N TRP B 132 25.46 -21.75 -4.62
CA TRP B 132 26.01 -20.40 -4.59
C TRP B 132 26.05 -19.83 -3.17
N LYS B 133 25.12 -20.24 -2.31
CA LYS B 133 25.03 -19.67 -0.97
C LYS B 133 26.34 -19.83 -0.21
N SER B 134 26.77 -21.07 -0.01
CA SER B 134 27.93 -21.35 0.83
C SER B 134 29.18 -20.62 0.36
N HIS B 135 29.42 -20.58 -0.95
CA HIS B 135 30.73 -20.21 -1.49
C HIS B 135 30.96 -18.71 -1.60
N LEU B 136 29.94 -17.87 -1.42
CA LEU B 136 30.13 -16.43 -1.59
C LEU B 136 29.50 -15.59 -0.49
N ARG B 140 28.88 -12.19 4.57
CA ARG B 140 28.18 -11.01 4.07
C ARG B 140 27.19 -11.40 2.99
N SER B 141 26.03 -10.76 3.01
CA SER B 141 25.01 -11.06 2.02
C SER B 141 25.54 -10.77 0.61
N LEU B 142 25.26 -11.68 -0.31
CA LEU B 142 25.49 -11.41 -1.71
C LEU B 142 24.80 -10.14 -2.16
N PHE B 143 23.72 -9.75 -1.47
CA PHE B 143 22.82 -8.72 -1.97
C PHE B 143 23.01 -7.37 -1.26
N VAL B 144 24.15 -7.16 -0.60
CA VAL B 144 24.39 -5.90 0.12
C VAL B 144 24.14 -4.68 -0.76
N ASN B 145 24.56 -4.73 -2.03
CA ASN B 145 24.44 -3.59 -2.94
C ASN B 145 23.27 -3.71 -3.91
N ALA B 146 22.25 -4.49 -3.56
CA ALA B 146 21.19 -4.77 -4.52
C ALA B 146 20.33 -3.54 -4.81
N ALA B 147 20.26 -2.58 -3.89
CA ALA B 147 19.54 -1.35 -4.20
C ALA B 147 20.19 -0.64 -5.38
N THR B 148 21.51 -0.64 -5.43
CA THR B 148 22.21 -0.02 -6.54
C THR B 148 21.96 -0.79 -7.83
N TRP B 149 22.08 -2.12 -7.79
CA TRP B 149 21.80 -2.92 -8.98
C TRP B 149 20.33 -2.85 -9.38
N GLY B 150 19.43 -2.68 -8.40
CA GLY B 150 18.04 -2.47 -8.74
C GLY B 150 17.82 -1.20 -9.53
N LEU B 151 18.51 -0.12 -9.15
CA LEU B 151 18.51 1.07 -9.99
C LEU B 151 19.03 0.77 -11.39
N VAL B 152 20.13 0.02 -11.48
CA VAL B 152 20.71 -0.29 -12.78
C VAL B 152 19.74 -1.08 -13.64
N VAL B 153 19.06 -2.06 -13.05
CA VAL B 153 18.27 -3.00 -13.84
C VAL B 153 16.88 -2.47 -14.13
N THR B 154 16.23 -1.86 -13.13
CA THR B 154 14.84 -1.44 -13.26
C THR B 154 14.67 0.07 -13.41
N GLY B 155 15.66 0.86 -13.03
CA GLY B 155 15.51 2.30 -13.00
C GLY B 155 14.78 2.83 -11.77
N LYS B 156 14.43 1.97 -10.83
CA LYS B 156 13.73 2.38 -9.61
C LYS B 156 14.58 2.01 -8.40
N LEU B 157 14.51 2.85 -7.37
CA LEU B 157 15.27 2.67 -6.15
C LEU B 157 14.38 2.16 -5.04
N THR B 158 14.88 1.18 -4.28
CA THR B 158 14.26 0.76 -3.02
C THR B 158 15.30 0.93 -1.93
N SER B 159 14.86 1.44 -0.77
CA SER B 159 15.83 1.78 0.28
C SER B 159 16.46 0.53 0.87
N THR B 160 15.71 -0.56 0.97
CA THR B 160 16.23 -1.84 1.45
C THR B 160 15.93 -2.93 0.43
N VAL B 161 16.46 -4.11 0.72
CA VAL B 161 16.63 -5.20 -0.24
C VAL B 161 15.79 -6.38 0.23
N ASN B 162 14.94 -6.91 -0.65
CA ASN B 162 14.22 -8.13 -0.32
C ASN B 162 15.15 -9.29 -0.61
N ASP B 163 15.93 -9.66 0.41
CA ASP B 163 16.94 -10.70 0.24
C ASP B 163 16.35 -12.09 0.06
N ARG B 164 15.15 -12.33 0.57
CA ARG B 164 14.52 -13.62 0.31
C ARG B 164 14.08 -13.74 -1.14
N SER B 165 13.52 -12.66 -1.68
CA SER B 165 13.12 -12.65 -3.09
C SER B 165 14.33 -12.78 -4.00
N LEU B 166 15.42 -12.10 -3.64
CA LEU B 166 16.63 -12.15 -4.45
C LEU B 166 17.32 -13.50 -4.36
N ALA B 167 17.35 -14.11 -3.16
CA ALA B 167 17.90 -15.46 -3.05
C ALA B 167 17.07 -16.44 -3.87
N ALA B 168 15.74 -16.30 -3.81
CA ALA B 168 14.87 -17.16 -4.61
C ALA B 168 15.13 -16.96 -6.09
N ALA B 169 15.29 -15.70 -6.52
CA ALA B 169 15.52 -15.40 -7.93
C ALA B 169 16.87 -15.93 -8.40
N LEU B 170 17.89 -15.81 -7.56
CA LEU B 170 19.20 -16.29 -7.98
C LEU B 170 19.20 -17.80 -8.14
N THR B 171 18.60 -18.51 -7.18
CA THR B 171 18.48 -19.96 -7.29
C THR B 171 17.72 -20.34 -8.55
N ARG B 172 16.62 -19.63 -8.83
CA ARG B 172 15.80 -19.96 -9.99
C ARG B 172 16.60 -19.75 -11.28
N LEU B 173 17.28 -18.61 -11.40
CA LEU B 173 18.00 -18.34 -12.64
C LEU B 173 19.16 -19.30 -12.84
N ILE B 174 19.89 -19.66 -11.77
CA ILE B 174 21.00 -20.59 -11.94
C ILE B 174 20.50 -21.98 -12.29
N SER B 175 19.48 -22.46 -11.57
CA SER B 175 18.96 -23.79 -11.86
C SER B 175 18.35 -23.86 -13.26
N ARG B 176 17.85 -22.72 -13.78
CA ARG B 176 17.25 -22.71 -15.10
C ARG B 176 18.30 -22.58 -16.20
N CYS B 177 19.29 -21.70 -16.02
CA CYS B 177 20.18 -21.31 -17.11
C CYS B 177 21.65 -21.68 -16.89
N GLY B 178 22.06 -22.03 -15.68
CA GLY B 178 23.37 -22.61 -15.46
C GLY B 178 24.53 -21.66 -15.74
N GLU B 179 25.67 -22.25 -16.14
CA GLU B 179 26.88 -21.46 -16.31
C GLU B 179 26.79 -20.35 -17.35
N PRO B 180 26.15 -20.53 -18.51
CA PRO B 180 26.14 -19.44 -19.50
C PRO B 180 25.56 -18.13 -18.99
N VAL B 181 24.50 -18.16 -18.20
CA VAL B 181 23.97 -16.88 -17.68
C VAL B 181 24.93 -16.27 -16.66
N ILE B 182 25.62 -17.09 -15.87
CA ILE B 182 26.57 -16.57 -14.90
C ILE B 182 27.72 -15.87 -15.62
N ARG B 183 28.27 -16.51 -16.64
CA ARG B 183 29.38 -15.93 -17.41
C ARG B 183 28.95 -14.62 -18.04
N ARG B 184 27.76 -14.58 -18.66
CA ARG B 184 27.24 -13.34 -19.23
C ARG B 184 27.07 -12.26 -18.17
N GLY B 185 26.61 -12.62 -16.98
CA GLY B 185 26.46 -11.63 -15.94
C GLY B 185 27.80 -11.08 -15.47
N VAL B 186 28.80 -11.96 -15.33
CA VAL B 186 30.12 -11.52 -14.88
C VAL B 186 30.74 -10.57 -15.90
N ASP B 187 30.69 -10.95 -17.18
CA ASP B 187 31.28 -10.12 -18.22
C ASP B 187 30.61 -8.76 -18.29
N MET B 188 29.29 -8.72 -18.09
CA MET B 188 28.55 -7.47 -18.10
C MET B 188 28.93 -6.57 -16.93
N ALA B 189 28.89 -7.09 -15.71
CA ALA B 189 29.32 -6.31 -14.55
C ALA B 189 30.77 -5.87 -14.70
N MET B 190 31.60 -6.70 -15.31
CA MET B 190 32.99 -6.30 -15.51
C MET B 190 33.10 -5.09 -16.42
N ARG B 191 32.33 -5.08 -17.51
CA ARG B 191 32.34 -3.94 -18.41
C ARG B 191 31.72 -2.72 -17.77
N MET B 192 30.60 -2.89 -17.07
CA MET B 192 29.94 -1.74 -16.46
C MET B 192 30.79 -1.12 -15.36
N MET B 193 31.36 -1.95 -14.50
CA MET B 193 32.13 -1.40 -13.39
C MET B 193 33.54 -1.00 -13.79
N GLY B 194 34.01 -1.43 -14.96
CA GLY B 194 35.38 -1.16 -15.35
C GLY B 194 35.52 -0.10 -16.43
N GLU B 195 34.46 0.14 -17.19
CA GLU B 195 34.51 1.03 -18.34
C GLU B 195 33.38 2.03 -18.43
N GLN B 196 32.24 1.80 -17.76
CA GLN B 196 31.07 2.67 -17.84
C GLN B 196 30.94 3.56 -16.61
N PHE B 197 30.88 2.95 -15.42
CA PHE B 197 30.76 3.75 -14.20
C PHE B 197 32.06 4.46 -13.85
N VAL B 198 33.18 4.01 -14.40
CA VAL B 198 34.47 4.70 -14.30
C VAL B 198 35.10 4.71 -15.67
N THR B 199 35.95 5.71 -15.90
CA THR B 199 36.78 5.67 -17.10
C THR B 199 37.84 4.58 -16.99
N GLY B 200 38.31 4.33 -15.77
CA GLY B 200 39.24 3.25 -15.49
C GLY B 200 39.35 3.03 -14.00
N GLU B 201 39.97 1.91 -13.64
CA GLU B 201 40.14 1.59 -12.22
C GLU B 201 41.25 2.40 -11.58
N THR B 202 42.27 2.77 -12.35
CA THR B 202 43.39 3.56 -11.89
C THR B 202 43.58 4.75 -12.83
N ILE B 203 44.34 5.74 -12.34
CA ILE B 203 44.57 6.93 -13.15
C ILE B 203 45.32 6.59 -14.43
N ARG B 204 46.24 5.62 -14.38
CA ARG B 204 46.97 5.22 -15.58
C ARG B 204 46.04 4.65 -16.63
N GLU B 205 45.09 3.81 -16.22
CA GLU B 205 44.14 3.23 -17.15
C GLU B 205 43.19 4.29 -17.68
N ALA B 206 42.71 5.19 -16.81
CA ALA B 206 41.82 6.25 -17.25
C ALA B 206 42.51 7.16 -18.27
N LEU B 207 43.77 7.53 -17.99
CA LEU B 207 44.50 8.40 -18.91
C LEU B 207 44.71 7.72 -20.25
N LYS B 208 45.07 6.43 -20.25
CA LYS B 208 45.25 5.71 -21.51
C LYS B 208 43.95 5.70 -22.32
N ARG B 209 42.81 5.46 -21.66
CA ARG B 209 41.54 5.43 -22.35
C ARG B 209 41.06 6.82 -22.77
N SER B 210 41.71 7.88 -22.30
CA SER B 210 41.22 9.22 -22.61
C SER B 210 41.71 9.72 -23.97
N LYS B 211 42.73 9.08 -24.54
CA LYS B 211 43.32 9.60 -25.77
C LYS B 211 42.34 9.57 -26.92
N GLU B 212 41.49 8.55 -27.00
CA GLU B 212 40.59 8.40 -28.14
C GLU B 212 39.69 9.61 -28.30
N LEU B 213 38.99 10.00 -27.22
CA LEU B 213 38.10 11.16 -27.32
C LEU B 213 38.85 12.49 -27.29
N GLU B 214 40.03 12.54 -26.67
CA GLU B 214 40.83 13.76 -26.73
C GLU B 214 41.19 14.10 -28.18
N GLU B 215 41.55 13.09 -28.98
CA GLU B 215 41.89 13.34 -30.38
C GLU B 215 40.70 13.91 -31.15
N LYS B 216 39.48 13.60 -30.72
CA LYS B 216 38.27 14.15 -31.31
C LYS B 216 37.96 15.56 -30.83
N GLY B 217 38.65 16.05 -29.80
CA GLY B 217 38.43 17.39 -29.30
C GLY B 217 37.84 17.48 -27.91
N PHE B 218 37.60 16.34 -27.24
CA PHE B 218 37.18 16.35 -25.86
C PHE B 218 38.36 16.62 -24.94
N SER B 219 38.05 17.04 -23.71
CA SER B 219 39.05 17.12 -22.64
C SER B 219 38.49 16.36 -21.44
N TYR B 220 39.26 16.33 -20.36
CA TYR B 220 38.89 15.51 -19.21
C TYR B 220 39.11 16.24 -17.90
N SER B 221 38.31 15.86 -16.92
CA SER B 221 38.52 16.21 -15.52
C SER B 221 38.28 14.94 -14.72
N TYR B 222 39.31 14.47 -14.03
CA TYR B 222 39.25 13.19 -13.36
C TYR B 222 38.72 13.33 -11.94
N ASP B 223 37.84 12.42 -11.56
CA ASP B 223 37.16 12.40 -10.28
C ASP B 223 37.66 11.15 -9.56
N MET B 224 38.55 11.33 -8.58
CA MET B 224 39.14 10.19 -7.90
C MET B 224 38.18 9.52 -6.91
N LEU B 225 36.93 9.96 -6.86
CA LEU B 225 35.85 9.31 -6.13
C LEU B 225 36.00 9.36 -4.61
N GLY B 226 36.81 10.28 -4.09
CA GLY B 226 36.93 10.46 -2.65
C GLY B 226 35.94 11.49 -2.17
N GLU B 227 35.31 11.21 -1.02
CA GLU B 227 34.46 12.21 -0.39
C GLU B 227 34.11 11.76 1.02
N ALA B 228 33.63 12.72 1.81
CA ALA B 228 33.10 12.46 3.16
C ALA B 228 34.07 11.65 4.01
N ALA B 229 35.29 12.17 4.16
CA ALA B 229 36.22 11.58 5.11
C ALA B 229 35.56 11.48 6.48
N THR B 230 35.71 10.30 7.10
CA THR B 230 35.19 10.06 8.44
C THR B 230 36.27 10.22 9.52
N THR B 231 37.50 9.86 9.21
CA THR B 231 38.60 9.91 10.16
C THR B 231 39.75 10.73 9.57
N ALA B 232 40.69 11.10 10.43
CA ALA B 232 41.91 11.77 9.97
C ALA B 232 42.64 10.94 8.92
N ALA B 233 42.73 9.62 9.12
CA ALA B 233 43.43 8.77 8.18
C ALA B 233 42.73 8.77 6.82
N ASP B 234 41.40 8.83 6.82
CA ASP B 234 40.68 8.92 5.55
C ASP B 234 41.11 10.17 4.79
N ALA B 235 41.08 11.32 5.46
CA ALA B 235 41.39 12.59 4.82
C ALA B 235 42.82 12.63 4.32
N GLU B 236 43.76 12.10 5.12
CA GLU B 236 45.15 12.06 4.69
C GLU B 236 45.32 11.16 3.48
N ARG B 237 44.60 10.03 3.45
CA ARG B 237 44.67 9.14 2.30
C ARG B 237 44.11 9.81 1.05
N TYR B 238 42.93 10.43 1.17
CA TYR B 238 42.33 11.11 0.03
C TYR B 238 43.25 12.22 -0.48
N TYR B 239 43.91 12.94 0.44
CA TYR B 239 44.87 13.95 0.04
C TYR B 239 46.01 13.34 -0.77
N ARG B 240 46.59 12.26 -0.27
CA ARG B 240 47.70 11.64 -1.00
C ARG B 240 47.24 11.07 -2.33
N ASP B 241 46.02 10.52 -2.39
CA ASP B 241 45.52 10.03 -3.66
C ASP B 241 45.36 11.16 -4.67
N TYR B 242 44.85 12.32 -4.23
CA TYR B 242 44.78 13.46 -5.13
C TYR B 242 46.16 13.90 -5.58
N GLU B 243 47.10 13.95 -4.64
CA GLU B 243 48.46 14.36 -4.98
C GLU B 243 49.05 13.45 -6.04
N SER B 244 48.88 12.14 -5.85
CA SER B 244 49.41 11.18 -6.80
CA SER B 244 49.42 11.18 -6.80
C SER B 244 48.75 11.32 -8.16
N ALA B 245 47.43 11.53 -8.17
CA ALA B 245 46.72 11.71 -9.43
C ALA B 245 47.17 12.98 -10.14
N ILE B 246 47.34 14.08 -9.39
CA ILE B 246 47.81 15.32 -10.01
C ILE B 246 49.13 15.10 -10.73
N HIS B 247 50.08 14.39 -10.11
CA HIS B 247 51.32 14.06 -10.80
C HIS B 247 51.04 13.31 -12.10
N ALA B 248 50.13 12.34 -12.09
CA ALA B 248 49.92 11.56 -13.29
C ALA B 248 49.21 12.38 -14.36
N ILE B 249 48.19 13.13 -13.95
CA ILE B 249 47.46 13.98 -14.89
C ILE B 249 48.35 15.09 -15.41
N GLY B 250 49.17 15.66 -14.53
CA GLY B 250 50.06 16.73 -14.95
C GLY B 250 51.09 16.27 -15.97
N LYS B 251 51.67 15.08 -15.76
CA LYS B 251 52.65 14.58 -16.72
C LYS B 251 51.98 14.20 -18.04
N ALA B 252 50.78 13.63 -17.96
CA ALA B 252 50.03 13.31 -19.16
C ALA B 252 49.65 14.57 -19.93
N SER B 253 49.28 15.64 -19.22
CA SER B 253 48.93 16.88 -19.89
C SER B 253 50.08 17.38 -20.76
N ALA B 254 51.31 17.28 -20.25
CA ALA B 254 52.51 17.56 -21.04
C ALA B 254 52.50 18.96 -21.63
N GLY B 255 52.05 19.94 -20.84
CA GLY B 255 52.06 21.32 -21.26
C GLY B 255 50.91 21.76 -22.12
N ARG B 256 49.87 20.93 -22.27
CA ARG B 256 48.72 21.32 -23.09
C ARG B 256 47.92 22.47 -22.49
N GLY B 257 48.14 22.83 -21.22
CA GLY B 257 47.44 23.95 -20.63
C GLY B 257 46.09 23.57 -20.09
N ILE B 258 45.44 24.57 -19.47
CA ILE B 258 44.25 24.28 -18.68
C ILE B 258 42.99 24.04 -19.51
N TYR B 259 42.97 24.47 -20.78
CA TYR B 259 41.77 24.32 -21.60
C TYR B 259 41.81 23.04 -22.44
N GLU B 260 42.90 22.82 -23.19
CA GLU B 260 43.01 21.60 -23.98
C GLU B 260 43.35 20.40 -23.10
N GLY B 261 44.22 20.59 -22.10
CA GLY B 261 44.72 19.51 -21.31
C GLY B 261 43.78 19.11 -20.19
N PRO B 262 44.03 17.94 -19.62
CA PRO B 262 43.16 17.41 -18.58
C PRO B 262 43.35 18.14 -17.26
N GLY B 263 42.34 18.01 -16.40
CA GLY B 263 42.39 18.53 -15.05
C GLY B 263 41.92 17.52 -14.03
N ILE B 264 41.81 17.94 -12.76
CA ILE B 264 41.31 17.10 -11.68
C ILE B 264 40.17 17.82 -10.97
N SER B 265 39.26 17.03 -10.38
CA SER B 265 38.21 17.53 -9.53
C SER B 265 38.38 16.97 -8.13
N ILE B 266 38.05 17.77 -7.12
CA ILE B 266 38.20 17.35 -5.74
C ILE B 266 36.93 17.71 -4.98
N LYS B 267 36.75 17.04 -3.84
CA LYS B 267 35.69 17.38 -2.90
C LYS B 267 36.33 17.78 -1.59
N LEU B 268 35.98 18.97 -1.08
CA LEU B 268 36.53 19.42 0.19
C LEU B 268 36.19 18.47 1.33
N SER B 269 35.05 17.77 1.24
CA SER B 269 34.69 16.83 2.30
C SER B 269 35.63 15.64 2.36
N ALA B 270 36.34 15.34 1.26
CA ALA B 270 37.35 14.29 1.30
C ALA B 270 38.58 14.70 2.09
N LEU B 271 38.81 16.01 2.29
CA LEU B 271 40.09 16.48 2.79
C LEU B 271 40.09 16.79 4.27
N HIS B 272 38.94 16.63 4.96
CA HIS B 272 38.92 16.84 6.40
C HIS B 272 37.73 16.10 6.97
N PRO B 273 37.87 15.46 8.14
CA PRO B 273 36.73 14.75 8.73
C PRO B 273 35.69 15.67 9.34
N ARG B 274 35.98 16.94 9.52
CA ARG B 274 35.06 17.93 10.12
C ARG B 274 34.88 19.13 9.21
N TYR B 275 34.53 18.88 7.94
CA TYR B 275 34.28 19.95 6.98
C TYR B 275 32.87 20.49 7.21
N SER B 276 32.76 21.50 8.07
CA SER B 276 31.46 22.11 8.38
C SER B 276 31.69 23.52 8.92
N ARG B 277 30.63 24.35 8.81
CA ARG B 277 30.69 25.70 9.35
C ARG B 277 30.96 25.70 10.86
N ALA B 278 30.46 24.68 11.56
CA ALA B 278 30.67 24.60 13.01
C ALA B 278 32.15 24.46 13.34
N GLN B 279 32.92 23.86 12.45
CA GLN B 279 34.36 23.68 12.63
C GLN B 279 35.17 24.56 11.68
N ALA B 280 34.67 25.76 11.40
CA ALA B 280 35.28 26.64 10.41
C ALA B 280 36.76 26.89 10.71
N ALA B 281 37.11 27.07 11.99
CA ALA B 281 38.50 27.36 12.33
C ALA B 281 39.40 26.20 11.94
N ARG B 282 38.97 24.97 12.23
CA ARG B 282 39.76 23.81 11.82
C ARG B 282 39.78 23.65 10.31
N VAL B 283 38.71 24.03 9.64
CA VAL B 283 38.69 23.96 8.17
C VAL B 283 39.74 24.89 7.59
N MET B 284 39.75 26.15 8.02
CA MET B 284 40.72 27.10 7.50
C MET B 284 42.14 26.75 7.92
N GLY B 285 42.29 26.09 9.06
CA GLY B 285 43.63 25.82 9.56
C GLY B 285 44.24 24.54 9.05
N GLU B 286 43.41 23.55 8.74
CA GLU B 286 43.87 22.20 8.41
C GLU B 286 43.46 21.76 7.02
N LEU B 287 42.24 22.09 6.59
CA LEU B 287 41.80 21.71 5.26
C LEU B 287 42.41 22.62 4.21
N LEU B 288 42.28 23.94 4.39
CA LEU B 288 42.83 24.89 3.43
C LEU B 288 44.28 24.63 3.04
N PRO B 289 45.21 24.35 3.97
CA PRO B 289 46.59 24.08 3.53
C PRO B 289 46.71 22.88 2.61
N ARG B 290 45.85 21.86 2.79
CA ARG B 290 45.90 20.73 1.89
C ARG B 290 45.45 21.14 0.49
N VAL B 291 44.38 21.95 0.40
CA VAL B 291 43.91 22.38 -0.91
C VAL B 291 44.96 23.25 -1.58
N LYS B 292 45.57 24.17 -0.83
CA LYS B 292 46.62 24.98 -1.41
C LYS B 292 47.75 24.13 -1.95
N ALA B 293 48.15 23.09 -1.20
CA ALA B 293 49.26 22.25 -1.66
C ALA B 293 48.91 21.55 -2.96
N LEU B 294 47.67 21.08 -3.08
CA LEU B 294 47.23 20.45 -4.32
C LEU B 294 47.16 21.47 -5.45
N ALA B 295 46.65 22.67 -5.14
CA ALA B 295 46.61 23.73 -6.14
C ALA B 295 48.01 24.12 -6.61
N LEU B 296 48.99 24.13 -5.68
CA LEU B 296 50.37 24.43 -6.06
C LEU B 296 50.91 23.39 -7.04
N LEU B 297 50.64 22.11 -6.78
CA LEU B 297 51.04 21.06 -7.72
C LEU B 297 50.34 21.26 -9.06
N ALA B 298 49.02 21.47 -9.03
CA ALA B 298 48.29 21.73 -10.27
C ALA B 298 48.88 22.93 -11.01
N LYS B 299 49.24 23.97 -10.29
CA LYS B 299 49.87 25.13 -10.93
C LYS B 299 51.15 24.73 -11.63
N ASN B 300 51.98 23.92 -10.97
CA ASN B 300 53.27 23.56 -11.55
C ASN B 300 53.13 22.80 -12.86
N TYR B 301 52.08 22.00 -13.00
CA TYR B 301 51.81 21.27 -14.23
C TYR B 301 50.91 22.03 -15.18
N ASP B 302 50.40 23.18 -14.75
CA ASP B 302 49.41 23.96 -15.49
C ASP B 302 48.21 23.12 -15.93
N ILE B 303 47.60 22.48 -14.96
CA ILE B 303 46.34 21.78 -15.16
C ILE B 303 45.27 22.48 -14.35
N GLY B 304 44.01 22.19 -14.69
CA GLY B 304 42.90 22.68 -13.89
C GLY B 304 42.69 21.85 -12.64
N LEU B 305 42.26 22.53 -11.57
CA LEU B 305 41.88 21.88 -10.33
C LEU B 305 40.53 22.46 -9.92
N ASN B 306 39.50 21.61 -9.90
CA ASN B 306 38.13 22.05 -9.70
C ASN B 306 37.63 21.60 -8.34
N ILE B 307 37.01 22.53 -7.61
CA ILE B 307 36.36 22.20 -6.34
C ILE B 307 34.88 21.90 -6.61
N ASP B 308 34.52 20.62 -6.48
CA ASP B 308 33.13 20.19 -6.63
C ASP B 308 32.28 20.83 -5.55
N ALA B 309 31.01 21.05 -5.86
CA ALA B 309 30.07 21.59 -4.90
C ALA B 309 29.25 20.46 -4.27
N GLU B 310 29.01 20.57 -2.97
CA GLU B 310 28.38 19.51 -2.21
C GLU B 310 27.09 20.03 -1.56
N GLU B 311 26.88 19.74 -0.28
CA GLU B 311 25.62 20.10 0.37
C GLU B 311 25.48 21.61 0.50
N ALA B 312 24.21 22.05 0.59
CA ALA B 312 23.92 23.48 0.67
C ALA B 312 24.60 24.16 1.85
N ASP B 313 24.75 23.47 2.99
CA ASP B 313 25.35 24.09 4.16
C ASP B 313 26.86 24.16 4.10
N ARG B 314 27.46 23.72 3.00
CA ARG B 314 28.89 23.89 2.79
C ARG B 314 29.21 24.94 1.73
N LEU B 315 28.20 25.49 1.05
CA LEU B 315 28.46 26.41 -0.06
C LEU B 315 29.26 27.61 0.41
N GLU B 316 28.75 28.35 1.40
CA GLU B 316 29.37 29.61 1.75
C GLU B 316 30.73 29.40 2.40
N LEU B 317 30.86 28.34 3.21
CA LEU B 317 32.15 27.97 3.77
C LEU B 317 33.20 27.76 2.68
N SER B 318 32.82 27.07 1.61
CA SER B 318 33.79 26.82 0.53
C SER B 318 34.28 28.12 -0.10
N LEU B 319 33.44 29.18 -0.10
CA LEU B 319 33.85 30.45 -0.68
C LEU B 319 34.98 31.09 0.11
N ASP B 320 35.05 30.84 1.41
CA ASP B 320 36.16 31.36 2.20
C ASP B 320 37.48 30.72 1.77
N LEU B 321 37.44 29.44 1.40
CA LEU B 321 38.66 28.81 0.88
C LEU B 321 39.00 29.35 -0.51
N LEU B 322 37.98 29.49 -1.36
CA LEU B 322 38.22 30.05 -2.69
C LEU B 322 38.84 31.44 -2.62
N GLU B 323 38.37 32.26 -1.67
CA GLU B 323 38.92 33.61 -1.51
C GLU B 323 40.41 33.56 -1.19
N VAL B 324 40.81 32.71 -0.24
CA VAL B 324 42.21 32.66 0.17
C VAL B 324 43.10 32.16 -0.95
N LEU B 325 42.62 31.15 -1.70
CA LEU B 325 43.44 30.61 -2.77
C LEU B 325 43.64 31.62 -3.88
N CYS B 326 42.61 32.41 -4.20
CA CYS B 326 42.73 33.39 -5.27
C CYS B 326 43.65 34.55 -4.90
N LEU B 327 43.85 34.81 -3.61
CA LEU B 327 44.73 35.87 -3.17
C LEU B 327 46.10 35.36 -2.76
N ASP B 328 46.39 34.08 -2.97
CA ASP B 328 47.64 33.47 -2.56
C ASP B 328 48.66 33.67 -3.67
N GLY B 329 49.69 34.48 -3.39
CA GLY B 329 50.69 34.80 -4.41
C GLY B 329 51.46 33.59 -4.94
N ASP B 330 51.52 32.51 -4.17
CA ASP B 330 52.18 31.30 -4.67
C ASP B 330 51.53 30.77 -5.93
N LEU B 331 50.26 31.09 -6.15
CA LEU B 331 49.51 30.60 -7.30
C LEU B 331 49.44 31.62 -8.43
N SER B 332 50.22 32.71 -8.35
CA SER B 332 50.12 33.81 -9.30
C SER B 332 50.25 33.34 -10.74
N GLY B 333 49.35 33.81 -11.60
CA GLY B 333 49.40 33.51 -13.01
C GLY B 333 48.72 32.21 -13.41
N TRP B 334 48.37 31.36 -12.45
CA TRP B 334 47.69 30.10 -12.73
C TRP B 334 46.20 30.38 -12.78
N ASN B 335 45.59 30.06 -13.92
CA ASN B 335 44.15 30.22 -14.08
C ASN B 335 43.41 28.90 -14.04
N GLY B 336 44.03 27.85 -13.50
CA GLY B 336 43.38 26.55 -13.44
C GLY B 336 42.44 26.34 -12.27
N MET B 337 42.36 27.30 -11.34
CA MET B 337 41.45 27.14 -10.21
C MET B 337 40.01 27.10 -10.71
N GLY B 338 39.30 26.03 -10.36
CA GLY B 338 37.92 25.83 -10.79
C GLY B 338 36.98 25.67 -9.62
N PHE B 339 35.72 26.05 -9.83
CA PHE B 339 34.77 26.07 -8.73
C PHE B 339 33.37 25.82 -9.29
N VAL B 340 32.64 24.90 -8.66
CA VAL B 340 31.30 24.53 -9.11
C VAL B 340 30.27 25.39 -8.40
N VAL B 341 29.26 25.84 -9.15
CA VAL B 341 28.06 26.44 -8.58
C VAL B 341 26.83 25.70 -9.09
N GLN B 342 25.89 25.44 -8.18
CA GLN B 342 24.72 24.61 -8.41
C GLN B 342 23.51 25.49 -8.70
N ALA B 343 22.97 25.38 -9.92
CA ALA B 343 21.84 26.22 -10.33
C ALA B 343 20.53 25.86 -9.64
N TYR B 344 20.42 24.67 -9.04
CA TYR B 344 19.22 24.39 -8.28
C TYR B 344 19.18 25.17 -6.96
N GLY B 345 20.27 25.88 -6.63
CA GLY B 345 20.33 26.64 -5.38
C GLY B 345 19.87 28.08 -5.58
N LYS B 346 19.15 28.59 -4.58
CA LYS B 346 18.63 29.94 -4.67
C LYS B 346 19.72 30.99 -4.61
N ARG B 347 20.89 30.65 -4.06
CA ARG B 347 21.96 31.64 -3.98
C ARG B 347 22.77 31.74 -5.25
N CYS B 348 22.53 30.86 -6.23
CA CYS B 348 23.44 30.71 -7.36
C CYS B 348 23.82 32.01 -8.05
N PRO B 349 22.88 32.85 -8.50
CA PRO B 349 23.30 34.09 -9.17
C PRO B 349 24.14 35.01 -8.30
N PHE B 350 23.86 35.05 -7.00
CA PHE B 350 24.63 35.89 -6.10
C PHE B 350 26.00 35.32 -5.83
N VAL B 351 26.10 33.99 -5.74
CA VAL B 351 27.41 33.33 -5.68
C VAL B 351 28.24 33.69 -6.91
N LEU B 352 27.62 33.64 -8.10
CA LEU B 352 28.33 33.99 -9.32
C LEU B 352 28.80 35.44 -9.31
N ASP B 353 27.95 36.35 -8.81
CA ASP B 353 28.38 37.74 -8.63
C ASP B 353 29.63 37.82 -7.76
N PHE B 354 29.65 37.07 -6.66
CA PHE B 354 30.81 37.08 -5.79
C PHE B 354 32.05 36.54 -6.49
N ILE B 355 31.90 35.42 -7.22
CA ILE B 355 33.04 34.78 -7.88
C ILE B 355 33.58 35.66 -9.00
N ILE B 356 32.69 36.24 -9.81
CA ILE B 356 33.13 37.14 -10.88
C ILE B 356 33.89 38.32 -10.30
N ASP B 357 33.38 38.90 -9.20
CA ASP B 357 34.11 39.99 -8.57
C ASP B 357 35.45 39.53 -8.01
N LEU B 358 35.48 38.36 -7.35
CA LEU B 358 36.75 37.82 -6.86
C LEU B 358 37.74 37.65 -8.01
N ALA B 359 37.29 37.14 -9.14
CA ALA B 359 38.17 36.97 -10.28
C ALA B 359 38.73 38.31 -10.74
N ARG B 360 37.84 39.31 -10.84
CA ARG B 360 38.26 40.64 -11.27
C ARG B 360 39.31 41.24 -10.35
N ARG B 361 39.05 41.22 -9.04
CA ARG B 361 39.98 41.90 -8.15
C ARG B 361 41.26 41.10 -7.90
N SER B 362 41.24 39.78 -8.08
CA SER B 362 42.42 38.97 -7.81
C SER B 362 43.29 38.69 -9.03
N GLY B 363 42.84 39.03 -10.23
CA GLY B 363 43.64 38.72 -11.40
C GLY B 363 43.74 37.23 -11.70
N ARG B 364 42.77 36.44 -11.26
CA ARG B 364 42.67 35.02 -11.58
C ARG B 364 41.44 34.83 -12.45
N ARG B 365 41.60 34.16 -13.58
CA ARG B 365 40.46 33.79 -14.41
C ARG B 365 39.95 32.46 -13.88
N ILE B 366 38.88 32.52 -13.10
CA ILE B 366 38.36 31.34 -12.42
C ILE B 366 37.54 30.52 -13.40
N MET B 367 37.78 29.20 -13.40
CA MET B 367 36.96 28.28 -14.18
C MET B 367 35.71 27.96 -13.37
N VAL B 368 34.54 28.27 -13.92
CA VAL B 368 33.29 28.17 -13.17
C VAL B 368 32.45 27.08 -13.82
N ARG B 369 32.26 25.97 -13.12
CA ARG B 369 31.42 24.89 -13.63
C ARG B 369 30.00 25.14 -13.14
N LEU B 370 29.10 25.44 -14.07
CA LEU B 370 27.69 25.58 -13.75
C LEU B 370 27.03 24.21 -13.88
N VAL B 371 26.48 23.70 -12.77
CA VAL B 371 25.74 22.45 -12.75
C VAL B 371 24.34 22.76 -12.26
N LYS B 372 23.44 21.77 -12.37
CA LYS B 372 22.16 21.92 -11.69
C LYS B 372 22.25 21.54 -10.21
N GLY B 373 22.72 20.33 -9.90
CA GLY B 373 22.91 19.97 -8.51
C GLY B 373 22.57 18.52 -8.21
N ALA B 374 23.38 17.86 -7.37
CA ALA B 374 23.28 16.41 -7.22
C ALA B 374 22.58 15.96 -5.94
N TYR B 375 22.19 16.87 -5.05
CA TYR B 375 21.76 16.52 -3.70
C TYR B 375 20.31 16.88 -3.42
N TRP B 376 19.47 16.95 -4.47
CA TRP B 376 18.16 17.57 -4.33
C TRP B 376 17.31 16.90 -3.25
N ASP B 377 17.06 15.60 -3.36
CA ASP B 377 16.17 14.98 -2.39
C ASP B 377 16.71 15.08 -0.97
N ALA B 378 18.03 15.06 -0.80
CA ALA B 378 18.60 15.23 0.54
C ALA B 378 18.40 16.65 1.07
N GLU B 379 18.45 17.66 0.19
CA GLU B 379 18.22 19.03 0.64
C GLU B 379 16.78 19.22 1.09
N ILE B 380 15.83 18.60 0.38
CA ILE B 380 14.42 18.68 0.82
C ILE B 380 14.26 18.06 2.21
N LYS B 381 14.77 16.84 2.38
CA LYS B 381 14.61 16.16 3.67
C LYS B 381 15.27 16.96 4.79
N ARG B 382 16.47 17.49 4.55
CA ARG B 382 17.21 18.17 5.62
C ARG B 382 16.49 19.43 6.07
N ALA B 383 16.00 20.25 5.14
CA ALA B 383 15.28 21.46 5.51
C ALA B 383 14.01 21.13 6.28
N GLN B 384 13.31 20.05 5.89
CA GLN B 384 12.13 19.63 6.63
C GLN B 384 12.48 19.18 8.03
N LEU B 385 13.51 18.32 8.16
CA LEU B 385 13.94 17.86 9.47
C LEU B 385 14.29 19.03 10.38
N ASP B 386 14.97 20.03 9.83
CA ASP B 386 15.50 21.12 10.65
C ASP B 386 14.48 22.24 10.87
N GLY B 387 13.28 22.14 10.29
CA GLY B 387 12.24 23.13 10.50
C GLY B 387 12.60 24.51 10.02
N LEU B 388 13.32 24.61 8.91
CA LEU B 388 13.85 25.91 8.52
C LEU B 388 12.85 26.65 7.64
N ALA B 389 13.16 27.92 7.36
CA ALA B 389 12.15 28.82 6.80
C ALA B 389 11.68 28.37 5.42
N ASP B 390 12.59 27.81 4.62
CA ASP B 390 12.31 27.37 3.26
C ASP B 390 13.44 26.44 2.87
N PHE B 391 13.36 25.93 1.67
CA PHE B 391 14.44 25.12 1.13
C PHE B 391 15.54 26.01 0.58
N PRO B 392 16.78 25.51 0.52
CA PRO B 392 17.86 26.24 -0.14
C PRO B 392 17.99 25.90 -1.62
N VAL B 393 17.05 25.11 -2.14
CA VAL B 393 17.01 24.68 -3.52
C VAL B 393 15.59 24.90 -3.99
N PHE B 394 15.43 24.95 -5.30
CA PHE B 394 14.10 25.01 -5.88
C PHE B 394 13.37 23.68 -5.68
N THR B 395 12.05 23.72 -5.82
CA THR B 395 11.24 22.54 -5.64
C THR B 395 10.53 22.08 -6.90
N ARG B 396 10.52 22.89 -7.96
CA ARG B 396 10.08 22.45 -9.28
C ARG B 396 11.29 22.36 -10.18
N LYS B 397 11.42 21.24 -10.89
CA LYS B 397 12.58 21.05 -11.76
C LYS B 397 12.70 22.17 -12.80
N ILE B 398 11.57 22.63 -13.34
CA ILE B 398 11.62 23.71 -14.33
C ILE B 398 12.24 24.98 -13.77
N HIS B 399 12.13 25.20 -12.45
CA HIS B 399 12.76 26.36 -11.86
C HIS B 399 14.28 26.26 -11.92
N THR B 400 14.81 25.07 -11.63
CA THR B 400 16.24 24.85 -11.76
C THR B 400 16.69 25.10 -13.19
N ASP B 401 15.89 24.69 -14.17
CA ASP B 401 16.24 24.92 -15.57
C ASP B 401 16.33 26.40 -15.88
N VAL B 402 15.34 27.19 -15.43
CA VAL B 402 15.39 28.63 -15.65
C VAL B 402 16.57 29.25 -14.92
N SER B 403 16.82 28.82 -13.68
CA SER B 403 17.98 29.31 -12.93
C SER B 403 19.28 29.06 -13.67
N TYR B 404 19.44 27.87 -14.25
CA TYR B 404 20.64 27.55 -15.01
C TYR B 404 20.83 28.50 -16.19
N ILE B 405 19.76 28.75 -16.94
CA ILE B 405 19.91 29.58 -18.15
C ILE B 405 20.18 31.04 -17.77
N ALA B 406 19.55 31.52 -16.70
CA ALA B 406 19.83 32.87 -16.21
C ALA B 406 21.28 33.02 -15.76
N CYS B 407 21.80 32.00 -15.07
CA CYS B 407 23.17 32.08 -14.58
C CYS B 407 24.19 31.94 -15.70
N ALA B 408 23.84 31.15 -16.72
CA ALA B 408 24.67 31.10 -17.92
C ALA B 408 24.80 32.48 -18.56
N ALA B 409 23.70 33.24 -18.62
CA ALA B 409 23.77 34.58 -19.19
C ALA B 409 24.74 35.46 -18.41
N LYS B 410 24.73 35.34 -17.09
CA LYS B 410 25.66 36.10 -16.26
C LYS B 410 27.10 35.70 -16.56
N LEU B 411 27.38 34.39 -16.60
CA LEU B 411 28.73 33.92 -16.87
C LEU B 411 29.22 34.38 -18.24
N LEU B 412 28.37 34.24 -19.26
CA LEU B 412 28.76 34.60 -20.62
C LEU B 412 29.11 36.08 -20.77
N ALA B 413 28.66 36.94 -19.85
CA ALA B 413 28.98 38.36 -19.90
C ALA B 413 30.28 38.70 -19.21
N ALA B 414 30.92 37.72 -18.55
CA ALA B 414 32.12 37.95 -17.77
C ALA B 414 33.28 37.06 -18.23
N THR B 415 33.32 36.71 -19.51
CA THR B 415 34.32 35.75 -19.98
C THR B 415 35.74 36.30 -19.93
N ASP B 416 35.90 37.61 -19.77
CA ASP B 416 37.23 38.17 -19.56
C ASP B 416 37.85 37.65 -18.27
N VAL B 417 37.04 37.47 -17.23
CA VAL B 417 37.56 37.14 -15.91
C VAL B 417 37.11 35.77 -15.41
N VAL B 418 36.18 35.09 -16.08
CA VAL B 418 35.80 33.73 -15.71
C VAL B 418 35.67 32.88 -16.96
N PHE B 419 35.93 31.58 -16.81
CA PHE B 419 35.85 30.61 -17.91
C PHE B 419 34.63 29.74 -17.64
N PRO B 420 33.49 30.00 -18.28
CA PRO B 420 32.27 29.25 -17.99
C PRO B 420 32.35 27.83 -18.50
N GLN B 421 31.90 26.89 -17.67
CA GLN B 421 31.91 25.47 -18.00
C GLN B 421 30.50 24.95 -17.74
N PHE B 422 29.75 24.70 -18.81
CA PHE B 422 28.33 24.39 -18.70
C PHE B 422 28.14 22.87 -18.68
N ALA B 423 28.03 22.31 -17.48
CA ALA B 423 27.86 20.87 -17.28
C ALA B 423 26.38 20.53 -17.32
N THR B 424 25.95 19.83 -18.38
CA THR B 424 24.57 19.41 -18.45
C THR B 424 24.43 18.34 -19.51
N HIS B 425 23.49 17.42 -19.28
CA HIS B 425 23.14 16.39 -20.24
C HIS B 425 21.85 16.71 -20.96
N ASN B 426 21.29 17.89 -20.71
CA ASN B 426 19.98 18.28 -21.22
C ASN B 426 20.17 19.03 -22.54
N ALA B 427 19.67 18.43 -23.63
CA ALA B 427 19.89 19.01 -24.95
C ALA B 427 19.19 20.36 -25.11
N GLN B 428 18.06 20.54 -24.43
CA GLN B 428 17.38 21.83 -24.45
C GLN B 428 18.22 22.90 -23.77
N THR B 429 18.70 22.60 -22.57
CA THR B 429 19.58 23.53 -21.88
C THR B 429 20.78 23.88 -22.74
N LEU B 430 21.46 22.84 -23.27
CA LEU B 430 22.63 23.06 -24.11
C LEU B 430 22.30 23.98 -25.28
N ALA B 431 21.21 23.69 -25.99
CA ALA B 431 20.87 24.48 -27.16
C ALA B 431 20.66 25.95 -26.81
N ALA B 432 19.94 26.20 -25.72
CA ALA B 432 19.65 27.58 -25.33
C ALA B 432 20.94 28.35 -25.07
N ILE B 433 21.92 27.71 -24.41
CA ILE B 433 23.18 28.37 -24.12
C ILE B 433 24.03 28.48 -25.38
N TYR B 434 24.05 27.42 -26.20
CA TYR B 434 24.82 27.45 -27.44
C TYR B 434 24.48 28.68 -28.25
N HIS B 435 23.19 28.97 -28.40
CA HIS B 435 22.77 30.14 -29.17
C HIS B 435 22.94 31.44 -28.39
N MET B 436 22.71 31.40 -27.07
CA MET B 436 22.91 32.60 -26.26
C MET B 436 24.33 33.14 -26.36
N ALA B 437 25.33 32.26 -26.49
CA ALA B 437 26.72 32.70 -26.47
C ALA B 437 27.15 33.40 -27.75
N GLY B 438 26.41 33.23 -28.83
CA GLY B 438 26.72 33.93 -30.06
C GLY B 438 27.64 33.15 -30.99
N LYS B 439 27.97 33.78 -32.11
CA LYS B 439 28.73 33.13 -33.17
C LYS B 439 30.23 33.26 -32.99
N ASP B 440 30.70 34.16 -32.12
CA ASP B 440 32.14 34.39 -31.96
C ASP B 440 32.64 33.46 -30.86
N PHE B 441 33.45 32.48 -31.25
CA PHE B 441 33.97 31.50 -30.30
C PHE B 441 35.43 31.17 -30.60
N HIS B 442 36.22 31.05 -29.54
CA HIS B 442 37.56 30.50 -29.60
C HIS B 442 37.77 29.70 -28.33
N VAL B 443 38.40 28.52 -28.45
CA VAL B 443 38.72 27.68 -27.31
C VAL B 443 39.32 28.54 -26.20
N GLY B 444 38.83 28.38 -24.98
CA GLY B 444 39.19 29.25 -23.88
C GLY B 444 38.14 30.28 -23.52
N LYS B 445 37.16 30.51 -24.41
CA LYS B 445 36.05 31.39 -24.08
C LYS B 445 35.11 30.74 -23.07
N TYR B 446 34.57 29.58 -23.42
CA TYR B 446 33.78 28.75 -22.51
C TYR B 446 33.85 27.31 -23.04
N GLU B 447 33.26 26.39 -22.29
CA GLU B 447 33.15 25.01 -22.73
C GLU B 447 31.90 24.38 -22.13
N PHE B 448 31.52 23.24 -22.70
CA PHE B 448 30.53 22.38 -22.06
C PHE B 448 31.23 21.26 -21.29
N GLN B 449 30.46 20.56 -20.46
CA GLN B 449 30.98 19.42 -19.72
C GLN B 449 29.92 18.34 -19.60
N CYS B 450 30.37 17.10 -19.47
CA CYS B 450 29.44 15.99 -19.31
C CYS B 450 30.12 14.89 -18.50
N LEU B 451 29.33 13.89 -18.15
CA LEU B 451 29.79 12.77 -17.33
C LEU B 451 30.23 11.62 -18.22
N HIS B 452 31.31 10.95 -17.83
CA HIS B 452 31.77 9.78 -18.57
C HIS B 452 30.69 8.70 -18.58
N GLY B 453 30.50 8.08 -19.74
CA GLY B 453 29.55 6.98 -19.85
C GLY B 453 28.11 7.42 -19.73
N MET B 454 27.83 8.68 -20.06
CA MET B 454 26.49 9.24 -19.94
C MET B 454 26.37 10.34 -20.97
N GLY B 455 27.34 11.24 -20.99
CA GLY B 455 27.25 12.43 -21.82
C GLY B 455 27.78 12.33 -23.23
N GLU B 456 28.60 11.31 -23.52
CA GLU B 456 29.21 11.21 -24.84
C GLU B 456 28.21 11.13 -25.98
N PRO B 457 27.09 10.38 -25.89
CA PRO B 457 26.13 10.38 -27.01
C PRO B 457 25.66 11.76 -27.42
N LEU B 458 25.38 12.65 -26.46
CA LEU B 458 24.97 14.00 -26.80
C LEU B 458 26.16 14.82 -27.31
N TYR B 459 27.29 14.75 -26.62
CA TYR B 459 28.38 15.68 -26.91
C TYR B 459 29.20 15.30 -28.13
N GLU B 460 29.11 14.07 -28.62
CA GLU B 460 29.68 13.80 -29.93
C GLU B 460 28.92 14.51 -31.03
N GLU B 461 27.70 14.99 -30.75
CA GLU B 461 26.96 15.85 -31.67
C GLU B 461 27.27 17.33 -31.48
N VAL B 462 28.29 17.66 -30.68
CA VAL B 462 28.60 19.04 -30.34
C VAL B 462 30.07 19.32 -30.65
N VAL B 463 30.96 18.43 -30.21
CA VAL B 463 32.38 18.66 -30.37
C VAL B 463 32.79 18.46 -31.83
N GLY B 464 33.62 19.37 -32.34
CA GLY B 464 34.25 19.19 -33.62
C GLY B 464 33.63 20.05 -34.72
N ARG B 465 34.40 20.23 -35.80
CA ARG B 465 33.97 21.09 -36.90
C ARG B 465 32.76 20.51 -37.64
N GLY B 466 32.61 19.19 -37.63
CA GLY B 466 31.43 18.59 -38.23
C GLY B 466 30.18 18.68 -37.39
N LYS B 467 30.25 19.28 -36.21
CA LYS B 467 29.10 19.42 -35.33
C LYS B 467 28.91 20.88 -34.94
N LEU B 468 28.85 21.16 -33.64
CA LEU B 468 28.69 22.54 -33.19
C LEU B 468 30.02 23.26 -32.96
N ASP B 469 31.13 22.54 -33.07
CA ASP B 469 32.46 23.12 -32.88
C ASP B 469 32.61 23.74 -31.50
N ARG B 470 32.08 23.05 -30.48
CA ARG B 470 32.17 23.48 -29.11
C ARG B 470 32.81 22.38 -28.28
N PRO B 471 33.78 22.70 -27.44
CA PRO B 471 34.49 21.65 -26.68
C PRO B 471 33.69 21.21 -25.48
N CYS B 472 33.92 19.96 -25.10
CA CYS B 472 33.27 19.35 -23.95
C CYS B 472 34.34 18.64 -23.10
N ARG B 473 34.33 18.94 -21.80
CA ARG B 473 35.19 18.27 -20.84
C ARG B 473 34.42 17.15 -20.17
N ILE B 474 34.98 15.95 -20.20
CA ILE B 474 34.33 14.77 -19.65
C ILE B 474 34.78 14.60 -18.20
N TYR B 475 33.81 14.61 -17.28
CA TYR B 475 34.03 14.32 -15.86
C TYR B 475 34.19 12.81 -15.73
N ALA B 476 35.39 12.37 -15.37
CA ALA B 476 35.78 10.96 -15.51
C ALA B 476 36.04 10.34 -14.15
N PRO B 477 35.14 9.49 -13.65
CA PRO B 477 35.41 8.83 -12.37
C PRO B 477 36.51 7.79 -12.53
N VAL B 478 37.33 7.65 -11.50
CA VAL B 478 38.46 6.73 -11.51
C VAL B 478 38.45 6.02 -10.16
N GLY B 479 38.35 4.70 -10.17
CA GLY B 479 38.33 4.00 -8.91
C GLY B 479 37.97 2.54 -9.07
N THR B 480 38.18 1.83 -7.97
CA THR B 480 37.85 0.41 -7.83
C THR B 480 36.34 0.21 -7.76
N HIS B 481 35.95 -1.07 -7.81
CA HIS B 481 34.54 -1.43 -7.70
C HIS B 481 33.92 -0.90 -6.41
N GLU B 482 34.60 -1.12 -5.28
CA GLU B 482 34.06 -0.70 -4.00
C GLU B 482 33.92 0.81 -3.93
N THR B 483 34.89 1.54 -4.48
CA THR B 483 34.82 3.00 -4.45
C THR B 483 33.65 3.51 -5.28
N LEU B 484 33.47 2.98 -6.50
CA LEU B 484 32.42 3.47 -7.37
C LEU B 484 31.04 3.09 -6.85
N LEU B 485 30.93 1.96 -6.15
CA LEU B 485 29.63 1.57 -5.64
C LEU B 485 29.17 2.42 -4.45
N ALA B 486 30.10 3.09 -3.77
CA ALA B 486 29.74 3.79 -2.52
C ALA B 486 28.70 4.89 -2.76
N TYR B 487 28.84 5.66 -3.83
CA TYR B 487 27.90 6.74 -4.11
C TYR B 487 27.31 6.63 -5.51
N LEU B 488 27.27 5.41 -6.06
CA LEU B 488 26.68 5.22 -7.38
C LEU B 488 25.19 5.56 -7.39
N VAL B 489 24.48 5.31 -6.29
CA VAL B 489 23.05 5.61 -6.28
C VAL B 489 22.81 7.09 -6.56
N ARG B 490 23.55 7.96 -5.89
CA ARG B 490 23.41 9.40 -6.14
C ARG B 490 23.69 9.72 -7.60
N ARG B 491 24.69 9.06 -8.20
CA ARG B 491 25.02 9.32 -9.59
C ARG B 491 23.91 8.86 -10.53
N LEU B 492 23.30 7.70 -10.25
CA LEU B 492 22.23 7.20 -11.10
C LEU B 492 20.99 8.08 -11.00
N LEU B 493 20.74 8.70 -9.85
CA LEU B 493 19.57 9.57 -9.72
C LEU B 493 19.74 10.86 -10.50
N GLU B 494 20.98 11.31 -10.70
CA GLU B 494 21.24 12.56 -11.42
C GLU B 494 20.56 12.54 -12.78
N ASN B 495 20.69 11.43 -13.50
CA ASN B 495 20.16 11.30 -14.85
C ASN B 495 19.05 10.27 -14.95
N GLY B 496 18.56 9.74 -13.83
CA GLY B 496 17.63 8.63 -13.86
C GLY B 496 16.27 8.82 -13.18
N ALA B 497 15.96 10.02 -12.71
CA ALA B 497 14.68 10.28 -12.10
C ALA B 497 13.63 10.62 -13.17
N ASN B 498 12.37 10.66 -12.74
CA ASN B 498 11.27 10.81 -13.69
C ASN B 498 11.37 12.10 -14.50
N SER B 499 11.72 13.20 -13.84
CA SER B 499 11.86 14.48 -14.51
C SER B 499 13.25 14.71 -15.11
N SER B 500 14.14 13.72 -15.02
CA SER B 500 15.46 13.83 -15.63
C SER B 500 15.35 13.74 -17.15
N PHE B 501 16.08 14.61 -17.84
CA PHE B 501 16.13 14.60 -19.30
C PHE B 501 16.54 13.24 -19.82
N VAL B 502 17.61 12.66 -19.25
CA VAL B 502 18.11 11.39 -19.75
C VAL B 502 17.05 10.30 -19.67
N HIS B 503 16.30 10.27 -18.55
CA HIS B 503 15.21 9.31 -18.43
C HIS B 503 14.09 9.64 -19.39
N ARG B 504 13.78 10.92 -19.57
CA ARG B 504 12.71 11.33 -20.47
C ARG B 504 13.07 11.02 -21.92
N ILE B 505 14.36 11.01 -22.25
CA ILE B 505 14.79 10.66 -23.61
C ILE B 505 14.40 9.22 -23.93
N ASN B 506 14.53 8.33 -22.96
CA ASN B 506 14.27 6.90 -23.15
C ASN B 506 12.84 6.50 -22.83
N ASP B 507 11.95 7.47 -22.63
CA ASP B 507 10.54 7.18 -22.44
C ASP B 507 9.79 7.52 -23.72
N PRO B 508 9.27 6.54 -24.46
CA PRO B 508 8.61 6.84 -25.74
C PRO B 508 7.32 7.65 -25.60
N LYS B 509 6.77 7.76 -24.39
CA LYS B 509 5.59 8.59 -24.15
C LYS B 509 5.90 10.07 -24.06
N VAL B 510 7.17 10.45 -24.12
CA VAL B 510 7.59 11.84 -24.12
C VAL B 510 7.97 12.22 -25.55
N SER B 511 7.34 13.24 -26.10
CA SER B 511 7.59 13.64 -27.47
C SER B 511 8.78 14.58 -27.54
N ILE B 512 9.38 14.64 -28.72
CA ILE B 512 10.44 15.61 -28.97
C ILE B 512 9.94 17.03 -28.74
N ASP B 513 8.65 17.28 -29.00
CA ASP B 513 8.06 18.58 -28.69
C ASP B 513 8.13 18.88 -27.19
N GLU B 514 7.81 17.90 -26.35
CA GLU B 514 7.88 18.11 -24.91
C GLU B 514 9.32 18.39 -24.47
N LEU B 515 10.27 17.66 -25.04
CA LEU B 515 11.67 17.79 -24.64
C LEU B 515 12.26 19.14 -25.03
N ILE B 516 11.72 19.81 -26.05
CA ILE B 516 12.24 21.09 -26.50
C ILE B 516 11.43 22.27 -25.97
N ALA B 517 10.47 22.01 -25.07
CA ALA B 517 9.73 23.08 -24.44
C ALA B 517 10.68 24.02 -23.70
N ASP B 518 10.50 25.32 -23.90
CA ASP B 518 11.36 26.33 -23.28
C ASP B 518 10.95 26.51 -21.82
N PRO B 519 11.80 26.15 -20.85
CA PRO B 519 11.42 26.34 -19.44
C PRO B 519 11.15 27.80 -19.10
N VAL B 520 11.86 28.74 -19.73
CA VAL B 520 11.67 30.16 -19.42
C VAL B 520 10.24 30.59 -19.73
N GLU B 521 9.71 30.15 -20.86
CA GLU B 521 8.37 30.56 -21.27
C GLU B 521 7.27 29.81 -20.54
N VAL B 522 7.49 28.53 -20.22
CA VAL B 522 6.54 27.80 -19.40
C VAL B 522 6.41 28.45 -18.02
N VAL B 523 7.54 28.82 -17.41
CA VAL B 523 7.48 29.48 -16.10
C VAL B 523 6.83 30.84 -16.23
N ARG B 524 7.18 31.61 -17.26
CA ARG B 524 6.62 32.95 -17.43
C ARG B 524 5.11 32.93 -17.45
N ALA B 525 4.52 31.89 -18.05
CA ALA B 525 3.07 31.86 -18.27
C ALA B 525 2.29 31.22 -17.14
N MET B 526 2.94 30.87 -16.06
CA MET B 526 2.26 30.26 -14.92
CA MET B 526 2.20 30.25 -14.98
C MET B 526 1.40 31.29 -14.20
N PRO B 527 0.28 30.88 -13.60
CA PRO B 527 -0.54 31.84 -12.84
C PRO B 527 0.22 32.53 -11.72
N VAL B 528 1.09 31.82 -11.02
CA VAL B 528 1.92 32.37 -9.96
C VAL B 528 3.35 31.99 -10.32
N VAL B 529 4.12 32.95 -10.84
CA VAL B 529 5.49 32.66 -11.23
C VAL B 529 6.29 32.22 -10.00
N GLY B 530 6.89 31.04 -10.08
CA GLY B 530 7.74 30.55 -9.03
C GLY B 530 7.04 29.85 -7.87
N ALA B 531 5.81 29.42 -8.03
CA ALA B 531 5.14 28.72 -6.94
C ALA B 531 5.88 27.45 -6.57
N LYS B 532 5.97 27.19 -5.27
CA LYS B 532 6.50 25.93 -4.75
C LYS B 532 5.75 24.76 -5.38
N HIS B 533 6.45 23.64 -5.52
CA HIS B 533 5.80 22.40 -5.96
C HIS B 533 4.60 22.09 -5.06
N ASP B 534 3.48 21.71 -5.68
CA ASP B 534 2.25 21.44 -4.94
C ASP B 534 2.38 20.27 -3.98
N ARG B 535 3.33 19.36 -4.19
CA ARG B 535 3.39 18.12 -3.44
C ARG B 535 4.61 18.05 -2.51
N ILE B 536 5.25 19.19 -2.25
CA ILE B 536 6.37 19.26 -1.33
C ILE B 536 6.03 20.29 -0.27
N ALA B 537 5.95 19.86 0.98
CA ALA B 537 5.55 20.74 2.05
C ALA B 537 6.72 21.58 2.53
N LEU B 538 6.49 22.88 2.69
CA LEU B 538 7.42 23.71 3.43
C LEU B 538 7.61 23.08 4.81
N PRO B 539 8.78 23.26 5.43
CA PRO B 539 8.98 22.65 6.77
C PRO B 539 7.89 23.04 7.75
N ALA B 540 7.43 24.30 7.73
CA ALA B 540 6.39 24.72 8.65
C ALA B 540 5.09 23.97 8.43
N GLU B 541 4.89 23.41 7.24
CA GLU B 541 3.61 22.86 6.83
C GLU B 541 3.60 21.33 6.79
N LEU B 542 4.56 20.68 7.46
CA LEU B 542 4.66 19.22 7.42
C LEU B 542 3.40 18.54 7.88
N PHE B 543 2.64 19.19 8.78
CA PHE B 543 1.47 18.59 9.39
C PHE B 543 0.17 19.16 8.85
N GLY B 544 0.25 20.00 7.80
CA GLY B 544 -0.96 20.48 7.16
C GLY B 544 -1.78 21.29 8.13
N ASP B 545 -3.11 21.16 8.01
CA ASP B 545 -4.01 21.96 8.82
C ASP B 545 -4.06 21.53 10.28
N ALA B 546 -3.40 20.43 10.66
CA ALA B 546 -3.46 19.96 12.04
C ALA B 546 -2.77 20.92 12.99
N ARG B 547 -1.57 21.37 12.62
CA ARG B 547 -0.78 22.23 13.49
C ARG B 547 0.42 22.72 12.70
N THR B 548 0.99 23.81 13.19
CA THR B 548 2.17 24.39 12.57
C THR B 548 3.42 23.75 13.18
N ASN B 549 4.32 23.27 12.33
CA ASN B 549 5.54 22.65 12.80
C ASN B 549 6.41 23.70 13.48
N SER B 550 7.11 23.30 14.54
CA SER B 550 8.10 24.20 15.13
C SER B 550 9.20 24.52 14.13
N ALA B 551 9.80 25.70 14.30
CA ALA B 551 10.86 26.16 13.43
C ALA B 551 12.17 26.16 14.18
N GLY B 552 13.24 25.78 13.48
CA GLY B 552 14.58 25.82 14.03
C GLY B 552 15.30 27.09 13.64
N LEU B 553 16.62 27.03 13.73
CA LEU B 553 17.50 28.14 13.36
C LEU B 553 18.65 27.54 12.57
N ASP B 554 19.04 28.23 11.48
CA ASP B 554 20.05 27.69 10.57
C ASP B 554 21.43 28.14 11.06
N LEU B 555 22.16 27.20 11.69
CA LEU B 555 23.48 27.51 12.20
C LEU B 555 24.55 27.53 11.11
N SER B 556 24.17 27.44 9.84
CA SER B 556 25.09 27.71 8.75
C SER B 556 24.86 29.08 8.13
N ASN B 557 23.86 29.83 8.60
CA ASN B 557 23.53 31.14 8.06
C ASN B 557 24.26 32.19 8.88
N GLU B 558 25.13 32.96 8.22
CA GLU B 558 25.94 33.95 8.95
C GLU B 558 25.07 35.01 9.62
N GLU B 559 23.96 35.40 8.98
CA GLU B 559 23.04 36.35 9.61
C GLU B 559 22.48 35.77 10.90
N THR B 560 22.10 34.49 10.86
CA THR B 560 21.57 33.86 12.06
C THR B 560 22.62 33.73 13.13
N LEU B 561 23.86 33.39 12.73
CA LEU B 561 24.92 33.26 13.72
C LEU B 561 25.24 34.59 14.37
N ALA B 562 25.19 35.68 13.60
CA ALA B 562 25.51 36.99 14.17
C ALA B 562 24.41 37.47 15.11
N SER B 563 23.14 37.29 14.73
CA SER B 563 22.05 37.70 15.60
CA SER B 563 22.05 37.70 15.60
C SER B 563 21.96 36.79 16.82
N LEU B 564 22.15 35.48 16.61
CA LEU B 564 22.13 34.54 17.74
C LEU B 564 23.25 34.87 18.73
N THR B 565 24.45 35.19 18.21
CA THR B 565 25.54 35.56 19.11
C THR B 565 25.10 36.68 20.03
N GLU B 566 24.46 37.70 19.47
CA GLU B 566 24.05 38.84 20.30
C GLU B 566 22.98 38.45 21.29
N ALA B 567 22.01 37.64 20.87
CA ALA B 567 20.94 37.23 21.80
C ALA B 567 21.49 36.35 22.90
N LEU B 568 22.47 35.51 22.58
CA LEU B 568 23.06 34.62 23.58
C LEU B 568 23.85 35.42 24.61
N ARG B 569 24.69 36.34 24.14
CA ARG B 569 25.40 37.23 25.04
C ARG B 569 24.45 37.98 25.95
N GLU B 570 23.38 38.54 25.37
CA GLU B 570 22.39 39.28 26.17
C GLU B 570 21.69 38.39 27.18
N SER B 571 21.45 37.12 26.82
CA SER B 571 20.81 36.21 27.76
C SER B 571 21.70 35.97 28.98
N ALA B 572 23.02 36.03 28.81
CA ALA B 572 23.90 35.80 29.94
C ALA B 572 23.88 36.96 30.92
N ALA B 573 23.52 38.16 30.48
CA ALA B 573 23.49 39.32 31.34
C ALA B 573 22.17 39.49 32.07
N MET B 574 21.20 38.62 31.82
CA MET B 574 19.92 38.69 32.51
C MET B 574 20.02 38.04 33.88
N LYS B 575 19.22 38.54 34.82
CA LYS B 575 19.12 37.93 36.15
C LYS B 575 18.08 36.83 36.06
N TRP B 576 18.54 35.58 36.03
CA TRP B 576 17.68 34.42 35.94
C TRP B 576 17.44 33.89 37.35
N THR B 577 16.16 33.74 37.70
CA THR B 577 15.75 33.24 39.01
C THR B 577 14.69 32.16 38.82
N ALA B 578 14.52 31.33 39.85
CA ALA B 578 13.42 30.38 39.93
C ALA B 578 12.98 30.38 41.38
N LEU B 579 11.69 30.59 41.60
CA LEU B 579 11.11 30.74 42.93
C LEU B 579 9.94 29.80 43.06
N PRO B 580 9.55 29.47 44.29
CA PRO B 580 8.27 28.77 44.48
C PRO B 580 7.13 29.71 44.13
N GLN B 581 6.56 29.54 42.95
CA GLN B 581 5.53 30.45 42.45
C GLN B 581 4.17 29.83 42.75
N LEU B 582 3.60 30.22 43.90
CA LEU B 582 2.28 29.76 44.28
C LEU B 582 1.22 30.68 43.68
N ALA B 583 -0.05 30.28 43.81
CA ALA B 583 -1.14 31.05 43.22
C ALA B 583 -1.18 32.45 43.79
N THR B 584 -0.74 32.61 45.03
CA THR B 584 -0.79 33.88 45.73
C THR B 584 0.49 34.69 45.58
N GLY B 585 1.45 34.21 44.80
CA GLY B 585 2.72 34.91 44.64
C GLY B 585 3.90 34.03 45.03
N PRO B 586 5.11 34.51 44.80
CA PRO B 586 6.30 33.72 45.14
C PRO B 586 6.47 33.62 46.65
N ALA B 587 6.88 32.44 47.10
CA ALA B 587 7.12 32.16 48.51
C ALA B 587 8.60 32.25 48.82
N ALA B 588 8.89 32.53 50.10
CA ALA B 588 10.25 32.51 50.61
C ALA B 588 10.76 31.07 50.72
N GLY B 589 12.09 30.92 50.71
CA GLY B 589 12.66 29.61 50.89
C GLY B 589 14.17 29.68 50.87
N GLU B 590 14.80 28.50 50.84
CA GLU B 590 16.25 28.43 50.83
C GLU B 590 16.77 28.70 49.42
N THR B 591 17.71 29.64 49.31
CA THR B 591 18.19 30.11 48.01
C THR B 591 19.65 29.71 47.79
N ARG B 592 19.94 29.19 46.60
CA ARG B 592 21.31 28.87 46.21
C ARG B 592 21.51 29.26 44.75
N THR B 593 22.79 29.36 44.37
CA THR B 593 23.18 29.68 43.00
CA THR B 593 23.15 29.68 42.99
C THR B 593 23.08 28.44 42.11
N VAL B 594 22.92 28.69 40.81
CA VAL B 594 22.89 27.66 39.77
C VAL B 594 24.11 27.90 38.90
N LEU B 595 24.99 26.91 38.80
CA LEU B 595 26.30 27.06 38.15
C LEU B 595 26.34 26.29 36.84
N ASN B 596 27.05 26.84 35.87
CA ASN B 596 27.20 26.17 34.57
C ASN B 596 27.92 24.83 34.78
N PRO B 597 27.33 23.69 34.41
CA PRO B 597 28.05 22.42 34.60
C PRO B 597 29.33 22.34 33.82
N GLY B 598 29.47 23.12 32.74
CA GLY B 598 30.70 23.16 31.99
C GLY B 598 31.79 24.04 32.58
N ASP B 599 31.44 24.86 33.57
CA ASP B 599 32.38 25.79 34.19
C ASP B 599 31.69 26.37 35.42
N HIS B 600 32.01 25.84 36.60
CA HIS B 600 31.34 26.28 37.81
C HIS B 600 31.62 27.74 38.15
N ARG B 601 32.60 28.36 37.47
CA ARG B 601 32.85 29.79 37.65
C ARG B 601 31.77 30.65 37.00
N ASP B 602 30.98 30.06 36.11
CA ASP B 602 29.95 30.79 35.37
C ASP B 602 28.65 30.60 36.14
N VAL B 603 28.26 31.62 36.89
CA VAL B 603 27.01 31.60 37.65
C VAL B 603 25.86 31.93 36.70
N VAL B 604 24.92 31.00 36.57
CA VAL B 604 23.81 31.19 35.64
C VAL B 604 22.63 31.92 36.29
N GLY B 605 22.33 31.64 37.54
CA GLY B 605 21.21 32.30 38.18
C GLY B 605 21.04 31.81 39.60
N SER B 606 19.84 31.99 40.14
CA SER B 606 19.58 31.69 41.54
C SER B 606 18.24 30.97 41.66
N VAL B 607 18.18 29.95 42.51
CA VAL B 607 16.96 29.18 42.72
C VAL B 607 16.59 29.26 44.19
N THR B 608 15.32 29.56 44.46
CA THR B 608 14.77 29.52 45.80
C THR B 608 13.88 28.30 45.88
N GLU B 609 14.20 27.38 46.79
CA GLU B 609 13.53 26.09 46.79
C GLU B 609 12.36 26.07 47.76
N THR B 610 11.43 25.16 47.48
CA THR B 610 10.12 25.16 48.12
C THR B 610 10.17 24.35 49.41
N SER B 611 9.64 24.92 50.48
CA SER B 611 9.46 24.13 51.71
C SER B 611 8.38 23.08 51.48
N GLU B 612 8.46 21.98 52.25
CA GLU B 612 7.42 20.96 52.14
C GLU B 612 6.04 21.54 52.50
N GLU B 613 5.99 22.44 53.49
CA GLU B 613 4.73 23.07 53.86
C GLU B 613 4.14 23.87 52.71
N ASP B 614 4.99 24.61 51.97
CA ASP B 614 4.48 25.35 50.82
C ASP B 614 4.11 24.43 49.65
N ALA B 615 4.74 23.26 49.56
CA ALA B 615 4.33 22.28 48.55
C ALA B 615 2.90 21.85 48.81
N ARG B 616 2.57 21.55 50.07
CA ARG B 616 1.21 21.18 50.41
C ARG B 616 0.26 22.35 50.26
N ARG B 617 0.70 23.56 50.62
CA ARG B 617 -0.14 24.73 50.41
C ARG B 617 -0.50 24.90 48.93
N ALA B 618 0.48 24.71 48.05
CA ALA B 618 0.22 24.85 46.61
C ALA B 618 -0.86 23.87 46.15
N VAL B 619 -0.82 22.63 46.64
CA VAL B 619 -1.80 21.65 46.21
C VAL B 619 -3.19 22.07 46.64
N ARG B 620 -3.32 22.60 47.87
CA ARG B 620 -4.60 23.12 48.32
C ARG B 620 -5.07 24.26 47.43
N LEU B 621 -4.18 25.21 47.13
CA LEU B 621 -4.55 26.29 46.23
C LEU B 621 -4.97 25.75 44.87
N ALA B 622 -4.29 24.72 44.37
CA ALA B 622 -4.65 24.12 43.10
C ALA B 622 -6.05 23.51 43.17
N ALA B 623 -6.35 22.81 44.27
CA ALA B 623 -7.66 22.20 44.44
C ALA B 623 -8.76 23.26 44.49
N ASP B 624 -8.48 24.37 45.17
CA ASP B 624 -9.47 25.46 45.27
C ASP B 624 -9.84 26.01 43.89
N ALA B 625 -8.87 26.11 43.00
CA ALA B 625 -9.11 26.70 41.69
C ALA B 625 -9.39 25.65 40.62
N ALA B 626 -9.48 24.39 40.98
CA ALA B 626 -9.70 23.35 39.97
C ALA B 626 -11.01 23.53 39.21
N PRO B 627 -12.15 23.83 39.84
CA PRO B 627 -13.38 24.01 39.04
C PRO B 627 -13.32 25.19 38.08
N ASP B 628 -12.64 26.29 38.46
CA ASP B 628 -12.59 27.44 37.56
C ASP B 628 -11.77 27.14 36.32
N TRP B 629 -10.69 26.37 36.48
CA TRP B 629 -9.89 26.01 35.31
C TRP B 629 -10.61 24.97 34.45
N ALA B 630 -11.24 23.98 35.07
CA ALA B 630 -12.00 23.00 34.30
C ALA B 630 -13.10 23.66 33.49
N ALA B 631 -13.60 24.81 33.96
CA ALA B 631 -14.68 25.51 33.28
C ALA B 631 -14.21 26.33 32.09
N VAL B 632 -12.91 26.49 31.89
CA VAL B 632 -12.42 27.12 30.66
C VAL B 632 -12.60 26.14 29.52
N PRO B 633 -13.29 26.50 28.44
CA PRO B 633 -13.59 25.53 27.39
C PRO B 633 -12.32 24.95 26.82
N PRO B 634 -12.34 23.66 26.46
CA PRO B 634 -11.11 23.03 25.95
C PRO B 634 -10.45 23.79 24.81
N SER B 635 -11.22 24.36 23.88
CA SER B 635 -10.59 25.09 22.78
C SER B 635 -9.88 26.33 23.27
N GLU B 636 -10.36 26.95 24.35
CA GLU B 636 -9.68 28.10 24.94
C GLU B 636 -8.43 27.68 25.71
N ARG B 637 -8.50 26.55 26.42
CA ARG B 637 -7.30 26.01 27.03
C ARG B 637 -6.25 25.68 25.96
N ALA B 638 -6.71 25.11 24.83
CA ALA B 638 -5.80 24.85 23.72
C ALA B 638 -5.19 26.14 23.19
N ALA B 639 -5.98 27.21 23.11
CA ALA B 639 -5.44 28.48 22.61
C ALA B 639 -4.33 29.02 23.50
N CYS B 640 -4.40 28.79 24.81
CA CYS B 640 -3.30 29.15 25.70
C CYS B 640 -2.03 28.41 25.31
N LEU B 641 -2.15 27.11 25.04
CA LEU B 641 -0.99 26.33 24.63
C LEU B 641 -0.40 26.87 23.34
N ASP B 642 -1.26 27.18 22.37
CA ASP B 642 -0.78 27.70 21.08
C ASP B 642 -0.11 29.05 21.26
N ARG B 643 -0.66 29.89 22.15
CA ARG B 643 -0.03 31.17 22.43
C ARG B 643 1.34 30.98 23.06
N ALA B 644 1.45 30.01 23.97
CA ALA B 644 2.75 29.74 24.60
C ALA B 644 3.76 29.27 23.56
N ALA B 645 3.30 28.50 22.58
CA ALA B 645 4.21 28.01 21.54
C ALA B 645 4.76 29.16 20.72
N GLU B 646 3.90 30.14 20.40
CA GLU B 646 4.34 31.31 19.65
C GLU B 646 5.40 32.08 20.43
N LEU B 647 5.18 32.24 21.73
CA LEU B 647 6.15 32.94 22.56
C LEU B 647 7.48 32.18 22.63
N MET B 648 7.44 30.86 22.82
CA MET B 648 8.69 30.09 22.85
C MET B 648 9.41 30.16 21.49
N GLN B 649 8.65 30.13 20.39
CA GLN B 649 9.26 30.23 19.07
C GLN B 649 9.96 31.57 18.90
N ALA B 650 9.26 32.65 19.27
CA ALA B 650 9.83 33.98 19.11
C ALA B 650 11.02 34.20 20.03
N ARG B 651 11.01 33.59 21.20
CA ARG B 651 12.06 33.78 22.20
C ARG B 651 13.11 32.70 22.16
N MET B 652 13.07 31.82 21.15
CA MET B 652 14.03 30.72 21.07
C MET B 652 15.49 31.14 21.26
N PRO B 653 15.99 32.23 20.67
CA PRO B 653 17.41 32.56 20.88
C PRO B 653 17.76 32.75 22.35
N THR B 654 16.91 33.45 23.12
CA THR B 654 17.16 33.62 24.55
C THR B 654 17.05 32.30 25.30
N LEU B 655 16.03 31.50 24.99
CA LEU B 655 15.87 30.21 25.66
C LEU B 655 17.07 29.32 25.41
N LEU B 656 17.62 29.35 24.19
CA LEU B 656 18.85 28.60 23.88
C LEU B 656 19.97 28.97 24.83
N GLY B 657 20.16 30.28 25.04
CA GLY B 657 21.24 30.71 25.90
C GLY B 657 21.15 30.13 27.29
N LEU B 658 19.93 30.10 27.83
CA LEU B 658 19.74 29.56 29.18
C LEU B 658 19.94 28.05 29.20
N ILE B 659 19.43 27.34 28.19
CA ILE B 659 19.57 25.89 28.14
C ILE B 659 21.03 25.50 27.99
N ILE B 660 21.75 26.20 27.13
CA ILE B 660 23.17 25.93 26.93
C ILE B 660 23.94 26.06 28.25
N ARG B 661 23.70 27.15 28.99
CA ARG B 661 24.48 27.43 30.18
C ARG B 661 24.01 26.68 31.42
N GLU B 662 22.70 26.45 31.58
CA GLU B 662 22.24 25.76 32.77
C GLU B 662 22.32 24.25 32.63
N ALA B 663 22.04 23.73 31.44
CA ALA B 663 21.96 22.28 31.25
C ALA B 663 23.15 21.70 30.52
N GLY B 664 24.12 22.52 30.11
CA GLY B 664 25.28 21.97 29.43
C GLY B 664 25.04 21.49 28.02
N LYS B 665 23.99 21.99 27.36
CA LYS B 665 23.65 21.56 26.02
C LYS B 665 24.39 22.36 24.97
N SER B 666 24.65 21.71 23.83
CA SER B 666 25.16 22.41 22.67
C SER B 666 24.03 23.18 22.00
N ALA B 667 24.39 24.11 21.10
CA ALA B 667 23.39 24.96 20.46
C ALA B 667 22.37 24.16 19.66
N LEU B 668 22.82 23.19 18.86
CA LEU B 668 21.90 22.36 18.09
C LEU B 668 20.96 21.60 19.01
N ASN B 669 21.48 21.09 20.12
CA ASN B 669 20.62 20.33 21.02
C ASN B 669 19.66 21.25 21.76
N ALA B 670 20.09 22.48 22.05
CA ALA B 670 19.17 23.43 22.67
C ALA B 670 18.04 23.81 21.71
N ILE B 671 18.34 24.00 20.42
CA ILE B 671 17.28 24.27 19.44
C ILE B 671 16.29 23.12 19.39
N ALA B 672 16.79 21.89 19.31
CA ALA B 672 15.91 20.72 19.33
C ALA B 672 15.06 20.68 20.59
N GLU B 673 15.63 21.10 21.73
CA GLU B 673 14.87 21.14 22.98
C GLU B 673 13.69 22.11 22.89
N VAL B 674 13.95 23.34 22.47
CA VAL B 674 12.90 24.34 22.36
C VAL B 674 11.86 23.91 21.33
N ARG B 675 12.33 23.40 20.18
CA ARG B 675 11.38 22.92 19.18
C ARG B 675 10.47 21.86 19.76
N GLU B 676 11.02 20.92 20.53
CA GLU B 676 10.20 19.85 21.08
C GLU B 676 9.14 20.40 22.03
N ALA B 677 9.49 21.44 22.80
CA ALA B 677 8.53 22.06 23.70
C ALA B 677 7.40 22.71 22.92
N ILE B 678 7.76 23.43 21.84
CA ILE B 678 6.78 24.06 20.96
C ILE B 678 5.85 23.00 20.38
N ASP B 679 6.41 21.87 19.93
CA ASP B 679 5.62 20.81 19.33
C ASP B 679 4.69 20.16 20.33
N PHE B 680 5.15 19.91 21.57
CA PHE B 680 4.22 19.40 22.58
C PHE B 680 3.03 20.35 22.75
N LEU B 681 3.31 21.65 22.88
CA LEU B 681 2.24 22.61 23.08
C LEU B 681 1.26 22.55 21.94
N ARG B 682 1.75 22.56 20.71
CA ARG B 682 0.84 22.61 19.58
C ARG B 682 0.15 21.28 19.33
N TYR B 683 0.84 20.16 19.63
CA TYR B 683 0.25 18.86 19.42
C TYR B 683 -0.85 18.59 20.43
N TYR B 684 -0.61 18.87 21.71
CA TYR B 684 -1.65 18.67 22.70
C TYR B 684 -2.81 19.64 22.49
N ALA B 685 -2.53 20.85 22.01
CA ALA B 685 -3.62 21.76 21.66
C ALA B 685 -4.48 21.15 20.57
N GLU B 686 -3.85 20.63 19.51
CA GLU B 686 -4.65 20.06 18.43
C GLU B 686 -5.37 18.80 18.89
N GLN B 687 -4.70 17.94 19.64
CA GLN B 687 -5.38 16.73 20.11
C GLN B 687 -6.58 17.08 20.99
N THR B 688 -6.46 18.14 21.78
CA THR B 688 -7.61 18.61 22.57
C THR B 688 -8.76 19.03 21.66
N ARG B 689 -8.47 19.85 20.66
CA ARG B 689 -9.50 20.31 19.72
C ARG B 689 -10.17 19.15 18.98
N ARG B 690 -9.48 18.02 18.83
CA ARG B 690 -10.05 16.85 18.17
C ARG B 690 -10.90 15.99 19.10
N THR B 691 -10.77 16.12 20.42
CA THR B 691 -11.33 15.11 21.32
C THR B 691 -12.20 15.60 22.48
N LEU B 692 -11.78 16.64 23.21
CA LEU B 692 -12.33 16.85 24.55
C LEU B 692 -13.67 17.56 24.51
N GLY B 693 -14.66 16.96 25.17
CA GLY B 693 -15.98 17.53 25.31
C GLY B 693 -16.40 17.55 26.76
N PRO B 694 -17.67 17.86 27.01
CA PRO B 694 -18.10 18.07 28.39
C PRO B 694 -18.00 16.84 29.28
N GLY B 695 -18.11 15.64 28.71
CA GLY B 695 -18.06 14.41 29.47
C GLY B 695 -16.68 13.89 29.81
N HIS B 696 -15.62 14.60 29.41
CA HIS B 696 -14.26 14.17 29.69
C HIS B 696 -13.76 15.09 30.80
N GLY B 697 -14.19 14.81 32.02
CA GLY B 697 -13.91 15.68 33.13
C GLY B 697 -12.48 15.52 33.58
N PRO B 698 -11.91 16.58 34.16
CA PRO B 698 -10.52 16.51 34.60
C PRO B 698 -10.37 15.68 35.86
N LEU B 699 -9.14 15.23 36.09
CA LEU B 699 -8.86 14.52 37.32
C LEU B 699 -8.88 15.47 38.50
N GLY B 700 -8.34 16.68 38.33
CA GLY B 700 -8.06 17.57 39.44
C GLY B 700 -6.59 17.93 39.44
N PRO B 701 -6.08 18.38 40.58
CA PRO B 701 -4.67 18.82 40.63
C PRO B 701 -3.72 17.71 40.23
N ILE B 702 -2.83 18.01 39.27
CA ILE B 702 -1.87 17.05 38.76
CA ILE B 702 -1.86 17.06 38.74
C ILE B 702 -0.47 17.54 39.12
N VAL B 703 0.32 16.64 39.72
CA VAL B 703 1.70 16.91 40.04
C VAL B 703 2.54 16.42 38.87
N CYS B 704 3.33 17.31 38.29
CA CYS B 704 4.19 16.99 37.15
C CYS B 704 5.63 17.08 37.61
N ILE B 705 6.32 15.94 37.59
CA ILE B 705 7.70 15.84 38.07
C ILE B 705 8.58 15.46 36.89
N SER B 706 9.62 16.23 36.65
CA SER B 706 10.36 16.17 35.40
C SER B 706 11.85 15.98 35.64
N PRO B 707 12.57 15.45 34.67
CA PRO B 707 14.00 15.20 34.84
C PRO B 707 14.81 16.39 34.37
N TRP B 708 16.11 16.35 34.67
CA TRP B 708 16.95 17.49 34.32
C TRP B 708 17.34 17.50 32.85
N ASN B 709 17.29 16.35 32.16
CA ASN B 709 18.00 16.23 30.89
C ASN B 709 17.22 16.79 29.70
N PHE B 710 15.90 16.93 29.83
CA PHE B 710 15.09 17.69 28.90
C PHE B 710 14.34 18.74 29.70
N PRO B 711 15.07 19.74 30.20
CA PRO B 711 14.55 20.61 31.28
C PRO B 711 13.50 21.59 30.81
N LEU B 712 13.34 21.78 29.49
CA LEU B 712 12.21 22.53 28.95
C LEU B 712 11.20 21.64 28.26
N ALA B 713 11.67 20.69 27.43
CA ALA B 713 10.75 19.96 26.57
C ALA B 713 9.86 19.00 27.36
N ILE B 714 10.47 18.11 28.15
CA ILE B 714 9.65 17.17 28.92
C ILE B 714 8.89 17.90 30.01
N PHE B 715 9.53 18.89 30.64
CA PHE B 715 8.85 19.77 31.59
C PHE B 715 7.58 20.36 30.98
N THR B 716 7.70 21.00 29.80
CA THR B 716 6.53 21.64 29.17
C THR B 716 5.51 20.62 28.72
N GLY B 717 5.95 19.52 28.13
CA GLY B 717 4.99 18.54 27.61
C GLY B 717 4.05 18.01 28.67
N GLN B 718 4.58 17.60 29.82
CA GLN B 718 3.72 17.05 30.87
C GLN B 718 2.74 18.10 31.36
N ILE B 719 3.23 19.31 31.63
CA ILE B 719 2.40 20.38 32.16
C ILE B 719 1.33 20.77 31.17
N ALA B 720 1.71 20.94 29.89
CA ALA B 720 0.77 21.37 28.87
C ALA B 720 -0.37 20.37 28.71
N ALA B 721 -0.05 19.07 28.73
CA ALA B 721 -1.09 18.06 28.58
C ALA B 721 -2.05 18.09 29.76
N ALA B 722 -1.51 18.14 30.98
CA ALA B 722 -2.36 18.18 32.15
C ALA B 722 -3.25 19.41 32.12
N LEU B 723 -2.69 20.57 31.76
CA LEU B 723 -3.45 21.82 31.76
C LEU B 723 -4.55 21.76 30.72
N VAL B 724 -4.22 21.32 29.49
CA VAL B 724 -5.20 21.38 28.42
C VAL B 724 -6.31 20.37 28.65
N ALA B 725 -6.01 19.29 29.40
CA ALA B 725 -7.04 18.35 29.80
C ALA B 725 -7.91 18.90 30.93
N GLY B 726 -7.64 20.11 31.40
CA GLY B 726 -8.52 20.76 32.38
C GLY B 726 -8.07 20.66 33.81
N ASN B 727 -6.79 20.28 34.06
CA ASN B 727 -6.27 20.06 35.40
C ASN B 727 -5.31 21.19 35.77
N PRO B 728 -5.42 21.75 36.99
CA PRO B 728 -4.37 22.64 37.46
C PRO B 728 -3.14 21.82 37.78
N VAL B 729 -1.97 22.45 37.67
CA VAL B 729 -0.71 21.72 37.72
C VAL B 729 0.19 22.26 38.82
N LEU B 730 0.84 21.36 39.54
CA LEU B 730 1.95 21.70 40.41
C LEU B 730 3.19 21.19 39.68
N ALA B 731 4.05 22.09 39.25
CA ALA B 731 5.20 21.71 38.44
C ALA B 731 6.45 21.67 39.29
N LYS B 732 7.05 20.48 39.41
CA LYS B 732 8.25 20.28 40.21
C LYS B 732 9.41 19.93 39.28
N PRO B 733 10.23 20.90 38.87
CA PRO B 733 11.35 20.60 37.97
C PRO B 733 12.48 19.95 38.74
N ALA B 734 13.33 19.25 37.99
CA ALA B 734 14.51 18.66 38.61
C ALA B 734 15.35 19.73 39.30
N GLU B 735 16.01 19.33 40.40
CA GLU B 735 16.78 20.31 41.16
C GLU B 735 17.93 20.88 40.35
N GLU B 736 18.43 20.13 39.36
CA GLU B 736 19.60 20.62 38.62
C GLU B 736 19.25 21.75 37.68
N THR B 737 18.01 21.84 37.22
CA THR B 737 17.66 22.73 36.10
C THR B 737 16.39 23.53 36.38
N PRO B 738 16.36 24.28 37.46
CA PRO B 738 15.14 25.06 37.79
C PRO B 738 14.93 26.31 36.94
N LEU B 739 16.00 26.90 36.40
CA LEU B 739 15.85 28.20 35.76
C LEU B 739 15.03 28.10 34.48
N ILE B 740 15.35 27.14 33.61
CA ILE B 740 14.60 27.04 32.36
C ILE B 740 13.15 26.62 32.62
N ALA B 741 12.93 25.82 33.67
CA ALA B 741 11.58 25.48 34.08
C ALA B 741 10.81 26.73 34.51
N ALA B 742 11.44 27.58 35.34
CA ALA B 742 10.82 28.85 35.72
C ALA B 742 10.42 29.65 34.50
N GLU B 743 11.31 29.69 33.49
CA GLU B 743 10.99 30.45 32.29
C GLU B 743 9.83 29.83 31.52
N GLY B 744 9.76 28.49 31.46
CA GLY B 744 8.61 27.84 30.88
C GLY B 744 7.30 28.24 31.54
N VAL B 745 7.30 28.32 32.88
CA VAL B 745 6.11 28.72 33.61
C VAL B 745 5.79 30.19 33.34
N ARG B 746 6.82 31.05 33.26
CA ARG B 746 6.59 32.44 32.88
C ARG B 746 5.84 32.50 31.55
N ILE B 747 6.29 31.71 30.58
CA ILE B 747 5.71 31.80 29.24
C ILE B 747 4.29 31.25 29.22
N LEU B 748 4.05 30.12 29.89
CA LEU B 748 2.70 29.58 29.95
CA LEU B 748 2.70 29.58 29.94
C LEU B 748 1.74 30.55 30.63
N ARG B 749 2.18 31.18 31.73
CA ARG B 749 1.32 32.16 32.39
C ARG B 749 1.08 33.37 31.49
N GLU B 750 2.13 33.84 30.80
CA GLU B 750 1.95 34.98 29.89
C GLU B 750 0.97 34.65 28.79
N ALA B 751 0.93 33.39 28.37
CA ALA B 751 0.05 32.95 27.31
C ALA B 751 -1.38 32.73 27.77
N GLY B 752 -1.66 32.81 29.07
CA GLY B 752 -3.02 32.79 29.55
C GLY B 752 -3.34 31.78 30.63
N ILE B 753 -2.37 30.95 31.02
CA ILE B 753 -2.63 29.98 32.07
C ILE B 753 -2.68 30.76 33.39
N PRO B 754 -3.78 30.69 34.15
CA PRO B 754 -3.86 31.44 35.40
C PRO B 754 -2.85 30.94 36.41
N ALA B 755 -2.44 31.85 37.30
CA ALA B 755 -1.45 31.49 38.32
C ALA B 755 -1.94 30.35 39.21
N SER B 756 -3.24 30.33 39.50
CA SER B 756 -3.78 29.23 40.29
C SER B 756 -3.79 27.90 39.53
N ALA B 757 -3.74 27.93 38.20
CA ALA B 757 -3.69 26.70 37.43
C ALA B 757 -2.27 26.18 37.17
N LEU B 758 -1.24 26.99 37.42
CA LEU B 758 0.14 26.54 37.15
C LEU B 758 1.06 27.17 38.19
N GLN B 759 1.46 26.36 39.16
CA GLN B 759 2.39 26.77 40.20
C GLN B 759 3.70 26.01 40.02
N LEU B 760 4.81 26.69 40.27
CA LEU B 760 6.14 26.11 40.13
C LEU B 760 6.72 25.88 41.53
N LEU B 761 7.17 24.67 41.81
CA LEU B 761 7.77 24.33 43.10
C LEU B 761 9.18 23.81 42.89
N PRO B 762 10.17 24.68 42.80
CA PRO B 762 11.55 24.19 42.67
C PRO B 762 11.98 23.45 43.91
N GLY B 763 12.92 22.53 43.73
CA GLY B 763 13.51 21.83 44.85
C GLY B 763 13.88 20.40 44.48
N ASP B 764 14.26 19.64 45.51
CA ASP B 764 14.77 18.30 45.26
C ASP B 764 13.66 17.27 45.38
N GLY B 765 14.05 16.00 45.54
CA GLY B 765 13.07 14.92 45.56
C GLY B 765 12.10 15.00 46.74
N ARG B 766 12.53 15.65 47.83
CA ARG B 766 11.64 15.83 48.98
C ARG B 766 10.46 16.71 48.62
N VAL B 767 10.68 17.70 47.75
CA VAL B 767 9.58 18.53 47.28
C VAL B 767 8.65 17.71 46.39
N GLY B 768 9.23 16.92 45.48
CA GLY B 768 8.38 16.04 44.67
C GLY B 768 7.57 15.10 45.53
N ALA B 769 8.20 14.53 46.57
CA ALA B 769 7.51 13.57 47.41
C ALA B 769 6.37 14.23 48.20
N ALA B 770 6.59 15.46 48.69
CA ALA B 770 5.53 16.16 49.41
C ALA B 770 4.34 16.46 48.51
N LEU B 771 4.58 16.82 47.25
CA LEU B 771 3.47 17.07 46.33
C LEU B 771 2.69 15.78 46.06
N VAL B 772 3.40 14.67 45.85
CA VAL B 772 2.75 13.40 45.54
C VAL B 772 1.84 12.94 46.68
N ALA B 773 2.29 13.11 47.92
CA ALA B 773 1.56 12.65 49.09
C ALA B 773 0.42 13.57 49.50
N ALA B 774 0.32 14.76 48.88
CA ALA B 774 -0.67 15.74 49.31
C ALA B 774 -2.09 15.24 49.06
N ALA B 775 -2.98 15.58 50.00
CA ALA B 775 -4.31 14.99 50.04
C ALA B 775 -5.07 15.20 48.73
N GLU B 776 -4.94 16.39 48.13
CA GLU B 776 -5.76 16.75 46.98
C GLU B 776 -5.14 16.37 45.64
N THR B 777 -3.96 15.77 45.64
CA THR B 777 -3.32 15.39 44.38
C THR B 777 -4.14 14.29 43.71
N ALA B 778 -4.54 14.54 42.45
CA ALA B 778 -5.44 13.66 41.74
C ALA B 778 -4.77 12.86 40.64
N GLY B 779 -3.52 13.15 40.34
CA GLY B 779 -2.77 12.38 39.37
C GLY B 779 -1.34 12.85 39.36
N VAL B 780 -0.45 11.97 38.88
CA VAL B 780 0.97 12.29 38.84
C VAL B 780 1.53 11.94 37.49
N MET B 781 2.31 12.85 36.91
CA MET B 781 3.02 12.64 35.66
C MET B 781 4.50 12.74 35.99
N PHE B 782 5.19 11.61 35.88
CA PHE B 782 6.58 11.50 36.26
C PHE B 782 7.40 11.04 35.08
N THR B 783 8.53 11.71 34.86
CA THR B 783 9.58 11.25 33.96
C THR B 783 10.90 11.36 34.72
N GLY B 784 11.65 10.26 34.78
CA GLY B 784 12.88 10.17 35.54
C GLY B 784 13.29 8.72 35.69
N SER B 785 14.03 8.44 36.76
CA SER B 785 14.56 7.09 36.94
C SER B 785 13.47 6.11 37.36
N THR B 786 13.66 4.84 37.00
CA THR B 786 12.74 3.81 37.46
C THR B 786 12.72 3.74 38.99
N GLU B 787 13.88 3.87 39.63
CA GLU B 787 13.94 3.76 41.08
C GLU B 787 13.06 4.81 41.76
N VAL B 788 13.12 6.06 41.29
CA VAL B 788 12.28 7.12 41.85
C VAL B 788 10.81 6.85 41.55
N ALA B 789 10.51 6.40 40.32
CA ALA B 789 9.14 6.08 39.96
C ALA B 789 8.52 5.08 40.93
N ARG B 790 9.30 4.08 41.36
CA ARG B 790 8.76 3.08 42.28
C ARG B 790 8.35 3.71 43.59
N LEU B 791 9.12 4.70 44.06
CA LEU B 791 8.80 5.34 45.34
C LEU B 791 7.53 6.14 45.25
N ILE B 792 7.35 6.85 44.13
CA ILE B 792 6.11 7.57 43.87
C ILE B 792 4.94 6.61 43.80
N GLN B 793 5.10 5.55 43.03
CA GLN B 793 4.07 4.53 42.92
C GLN B 793 3.66 4.01 44.29
N ALA B 794 4.64 3.72 45.16
CA ALA B 794 4.30 3.27 46.50
C ALA B 794 3.50 4.31 47.28
N GLN B 795 3.91 5.58 47.20
CA GLN B 795 3.17 6.64 47.89
C GLN B 795 1.71 6.67 47.43
N LEU B 796 1.49 6.57 46.12
CA LEU B 796 0.15 6.74 45.58
C LEU B 796 -0.76 5.56 45.92
N ALA B 797 -0.19 4.35 46.02
CA ALA B 797 -1.00 3.17 46.33
C ALA B 797 -1.63 3.25 47.71
N ASP B 798 -1.11 4.10 48.59
CA ASP B 798 -1.73 4.28 49.89
C ASP B 798 -3.03 5.08 49.82
N ARG B 799 -3.28 5.79 48.71
CA ARG B 799 -4.42 6.69 48.62
C ARG B 799 -5.40 6.27 47.52
N LEU B 800 -6.59 6.85 47.59
CA LEU B 800 -7.60 6.73 46.56
C LEU B 800 -8.18 8.12 46.27
N SER B 801 -8.70 8.26 45.05
CA SER B 801 -9.46 9.46 44.71
C SER B 801 -10.72 9.54 45.57
N PRO B 802 -11.35 10.72 45.64
CA PRO B 802 -12.63 10.82 46.35
C PRO B 802 -13.69 9.84 45.86
N ALA B 803 -13.61 9.38 44.61
CA ALA B 803 -14.50 8.36 44.09
C ALA B 803 -14.07 6.94 44.44
N GLY B 804 -12.97 6.78 45.17
CA GLY B 804 -12.51 5.46 45.55
C GLY B 804 -11.79 4.73 44.44
N ARG B 805 -11.02 5.44 43.63
CA ARG B 805 -10.29 4.83 42.53
C ARG B 805 -8.82 5.18 42.63
N PRO B 806 -7.94 4.36 42.05
CA PRO B 806 -6.51 4.65 42.13
C PRO B 806 -6.16 5.98 41.47
N ILE B 807 -5.16 6.65 42.04
CA ILE B 807 -4.65 7.90 41.51
C ILE B 807 -3.80 7.57 40.29
N PRO B 808 -4.13 8.11 39.11
CA PRO B 808 -3.36 7.74 37.91
C PRO B 808 -1.92 8.22 37.99
N LEU B 809 -1.01 7.38 37.50
CA LEU B 809 0.41 7.72 37.45
C LEU B 809 0.88 7.41 36.04
N ILE B 810 1.46 8.40 35.38
CA ILE B 810 2.23 8.15 34.16
C ILE B 810 3.67 8.19 34.60
N ALA B 811 4.39 7.10 34.41
CA ALA B 811 5.78 7.01 34.87
C ALA B 811 6.66 6.54 33.71
N GLU B 812 7.37 7.48 33.13
CA GLU B 812 8.19 7.26 31.93
C GLU B 812 9.64 7.29 32.38
N THR B 813 10.32 6.15 32.24
CA THR B 813 11.53 5.88 33.02
C THR B 813 12.69 5.50 32.09
N GLY B 814 13.66 4.76 32.62
CA GLY B 814 14.95 4.66 31.97
C GLY B 814 14.96 3.66 30.84
N GLY B 815 16.12 3.56 30.18
CA GLY B 815 16.31 2.62 29.10
C GLY B 815 17.68 1.97 29.18
N GLN B 816 17.83 0.89 28.39
CA GLN B 816 19.12 0.23 28.22
C GLN B 816 19.20 -0.07 26.73
N ASN B 817 19.34 0.99 25.93
CA ASN B 817 18.97 0.97 24.52
C ASN B 817 20.10 0.40 23.67
N ALA B 818 19.74 -0.51 22.76
CA ALA B 818 20.70 -1.20 21.92
C ALA B 818 20.51 -0.80 20.48
N MET B 819 21.60 -0.93 19.72
CA MET B 819 21.55 -0.86 18.26
C MET B 819 22.24 -2.11 17.74
N ILE B 820 21.55 -2.83 16.84
CA ILE B 820 22.07 -4.02 16.19
C ILE B 820 22.48 -3.65 14.78
N VAL B 821 23.72 -4.01 14.40
CA VAL B 821 24.28 -3.70 13.10
C VAL B 821 24.74 -5.01 12.48
N ASP B 822 24.26 -5.31 11.28
CA ASP B 822 24.75 -6.50 10.58
C ASP B 822 25.81 -6.13 9.53
N SER B 823 26.30 -7.14 8.83
CA SER B 823 27.37 -6.91 7.87
C SER B 823 26.90 -6.23 6.58
N SER B 824 25.60 -6.01 6.41
CA SER B 824 25.14 -5.29 5.23
C SER B 824 25.08 -3.78 5.44
N ALA B 825 25.20 -3.32 6.68
CA ALA B 825 25.09 -1.90 6.97
C ALA B 825 26.31 -1.15 6.45
N LEU B 826 26.11 0.12 6.13
CA LEU B 826 27.18 0.97 5.65
C LEU B 826 27.92 1.56 6.85
N ALA B 827 29.22 1.26 6.98
CA ALA B 827 29.95 1.66 8.17
C ALA B 827 29.87 3.15 8.44
N GLU B 828 30.00 3.98 7.40
CA GLU B 828 29.98 5.43 7.61
C GLU B 828 28.66 5.89 8.24
N GLN B 829 27.54 5.35 7.76
CA GLN B 829 26.23 5.69 8.31
C GLN B 829 26.12 5.22 9.76
N VAL B 830 26.53 3.98 10.01
CA VAL B 830 26.49 3.44 11.37
C VAL B 830 27.27 4.35 12.31
N VAL B 831 28.49 4.70 11.92
CA VAL B 831 29.35 5.49 12.79
C VAL B 831 28.75 6.86 13.05
N GLY B 832 28.21 7.52 12.02
CA GLY B 832 27.54 8.77 12.24
C GLY B 832 26.38 8.64 13.21
N ASP B 833 25.61 7.56 13.08
CA ASP B 833 24.44 7.39 13.95
C ASP B 833 24.82 6.95 15.35
N VAL B 834 25.96 6.26 15.51
CA VAL B 834 26.41 5.90 16.85
C VAL B 834 26.96 7.11 17.58
N ILE B 835 27.74 7.95 16.88
CA ILE B 835 28.30 9.14 17.51
C ILE B 835 27.20 10.04 18.04
N THR B 836 26.17 10.28 17.23
CA THR B 836 25.03 11.06 17.71
C THR B 836 24.29 10.34 18.81
N SER B 837 23.89 9.09 18.57
CA SER B 837 23.03 8.41 19.54
C SER B 837 23.72 8.22 20.88
N ALA B 838 25.01 7.84 20.88
CA ALA B 838 25.69 7.50 22.12
C ALA B 838 26.27 8.71 22.85
N PHE B 839 26.78 9.71 22.11
CA PHE B 839 27.59 10.75 22.73
C PHE B 839 27.03 12.16 22.63
N ASP B 840 26.07 12.42 21.73
CA ASP B 840 25.34 13.68 21.76
C ASP B 840 24.77 13.88 23.16
N SER B 841 24.84 15.12 23.64
CA SER B 841 24.38 15.46 24.98
C SER B 841 25.13 14.69 26.05
N ALA B 842 26.38 14.29 25.74
CA ALA B 842 27.20 13.44 26.62
C ALA B 842 26.43 12.20 27.07
N GLY B 843 25.62 11.65 26.16
CA GLY B 843 24.87 10.45 26.48
C GLY B 843 23.77 10.66 27.49
N GLN B 844 23.41 11.90 27.76
CA GLN B 844 22.39 12.19 28.78
C GLN B 844 21.02 12.37 28.15
N ARG B 845 20.68 11.46 27.26
CA ARG B 845 19.32 11.29 26.75
C ARG B 845 18.80 9.95 27.25
N CYS B 846 17.53 9.90 27.67
CA CYS B 846 16.98 8.59 27.99
C CYS B 846 17.00 7.66 26.78
N SER B 847 16.91 8.23 25.57
CA SER B 847 16.94 7.50 24.32
C SER B 847 18.34 7.13 23.85
N ALA B 848 19.39 7.51 24.59
CA ALA B 848 20.77 7.37 24.12
C ALA B 848 21.15 5.91 23.91
N LEU B 849 22.01 5.68 22.91
CA LEU B 849 22.51 4.34 22.63
C LEU B 849 23.48 3.91 23.73
N ARG B 850 23.20 2.76 24.36
CA ARG B 850 24.01 2.22 25.46
C ARG B 850 24.81 1.00 25.05
N VAL B 851 24.25 0.19 24.14
CA VAL B 851 24.87 -1.08 23.74
C VAL B 851 24.86 -1.18 22.22
N LEU B 852 26.04 -1.09 21.61
CA LEU B 852 26.21 -1.28 20.18
C LEU B 852 26.57 -2.74 19.92
N CYS B 853 25.76 -3.40 19.10
CA CYS B 853 25.89 -4.83 18.81
C CYS B 853 26.32 -4.99 17.36
N LEU B 854 27.55 -5.46 17.16
CA LEU B 854 28.17 -5.49 15.85
C LEU B 854 28.37 -6.94 15.42
N GLN B 855 27.90 -7.27 14.22
CA GLN B 855 28.17 -8.59 13.68
C GLN B 855 29.68 -8.78 13.62
N GLU B 856 30.13 -9.99 14.00
CA GLU B 856 31.55 -10.21 14.28
C GLU B 856 32.43 -9.84 13.09
N ASP B 857 31.95 -10.09 11.88
CA ASP B 857 32.75 -9.93 10.68
C ASP B 857 33.08 -8.47 10.39
N VAL B 858 32.22 -7.54 10.82
CA VAL B 858 32.41 -6.12 10.56
C VAL B 858 32.80 -5.34 11.80
N ALA B 859 32.94 -6.01 12.96
CA ALA B 859 33.07 -5.27 14.22
C ALA B 859 34.35 -4.43 14.27
N ASP B 860 35.49 -5.03 13.91
CA ASP B 860 36.75 -4.30 14.00
C ASP B 860 36.78 -3.10 13.07
N ARG B 861 36.28 -3.26 11.84
CA ARG B 861 36.33 -2.14 10.90
C ARG B 861 35.45 -0.99 11.38
N ILE B 862 34.26 -1.31 11.86
CA ILE B 862 33.38 -0.27 12.39
C ILE B 862 33.99 0.38 13.63
N LEU B 863 34.61 -0.41 14.50
CA LEU B 863 35.19 0.17 15.72
C LEU B 863 36.35 1.08 15.39
N THR B 864 37.21 0.68 14.46
CA THR B 864 38.30 1.56 14.05
C THR B 864 37.76 2.87 13.51
N MET B 865 36.72 2.81 12.68
CA MET B 865 36.15 4.03 12.14
C MET B 865 35.51 4.87 13.24
N LEU B 866 34.77 4.22 14.14
CA LEU B 866 34.15 4.94 15.24
C LEU B 866 35.19 5.66 16.10
N LYS B 867 36.27 4.97 16.44
CA LYS B 867 37.31 5.60 17.25
C LYS B 867 37.97 6.76 16.51
N GLY B 868 38.18 6.63 15.20
CA GLY B 868 38.68 7.74 14.42
C GLY B 868 37.76 8.95 14.44
N ALA B 869 36.45 8.73 14.27
CA ALA B 869 35.49 9.82 14.31
C ALA B 869 35.43 10.45 15.70
N LEU B 870 35.54 9.63 16.75
CA LEU B 870 35.53 10.18 18.12
C LEU B 870 36.71 11.10 18.37
N HIS B 871 37.87 10.82 17.79
CA HIS B 871 39.01 11.70 18.00
C HIS B 871 38.81 13.08 17.39
N GLU B 872 37.80 13.26 16.55
CA GLU B 872 37.55 14.57 15.96
C GLU B 872 36.53 15.39 16.74
N LEU B 873 36.00 14.87 17.84
CA LEU B 873 35.00 15.60 18.62
C LEU B 873 35.67 16.61 19.55
N HIS B 874 35.03 17.75 19.73
CA HIS B 874 35.49 18.80 20.63
C HIS B 874 34.60 18.76 21.87
N ILE B 875 35.21 18.50 23.03
CA ILE B 875 34.50 18.44 24.31
C ILE B 875 34.84 19.68 25.11
N GLY B 876 33.81 20.38 25.58
CA GLY B 876 34.08 21.55 26.41
C GLY B 876 32.82 22.30 26.76
N ARG B 877 33.01 23.53 27.23
CA ARG B 877 31.90 24.38 27.59
C ARG B 877 31.11 24.74 26.32
N THR B 878 29.80 24.62 26.39
CA THR B 878 28.98 24.58 25.19
C THR B 878 28.59 25.94 24.64
N ASP B 879 29.18 27.02 25.14
CA ASP B 879 28.90 28.33 24.56
C ASP B 879 29.82 28.64 23.38
N ARG B 880 30.26 27.60 22.68
CA ARG B 880 30.98 27.75 21.42
C ARG B 880 30.36 26.79 20.40
N LEU B 881 30.09 27.31 19.20
CA LEU B 881 29.50 26.47 18.16
C LEU B 881 30.37 25.26 17.84
N SER B 882 31.69 25.39 17.98
CA SER B 882 32.61 24.30 17.67
C SER B 882 32.56 23.14 18.67
N VAL B 883 31.81 23.26 19.77
CA VAL B 883 31.78 22.22 20.79
C VAL B 883 30.75 21.16 20.41
N ASP B 884 31.18 19.91 20.39
CA ASP B 884 30.35 18.77 20.04
C ASP B 884 29.73 18.07 21.24
N VAL B 885 30.49 17.93 22.33
CA VAL B 885 30.03 17.22 23.52
C VAL B 885 30.26 18.14 24.72
N GLY B 886 29.21 18.35 25.49
CA GLY B 886 29.29 19.17 26.68
C GLY B 886 29.55 18.36 27.94
N PRO B 887 29.30 18.99 29.09
CA PRO B 887 29.56 18.33 30.38
C PRO B 887 28.43 17.41 30.80
N VAL B 888 28.73 16.59 31.81
CA VAL B 888 27.67 15.92 32.55
C VAL B 888 27.15 16.86 33.64
N ILE B 889 25.94 16.57 34.11
CA ILE B 889 25.18 17.64 34.77
C ILE B 889 25.75 18.02 36.13
N THR B 890 26.33 17.08 36.87
CA THR B 890 26.81 17.35 38.22
C THR B 890 28.02 16.49 38.52
N SER B 891 28.70 16.82 39.61
CA SER B 891 29.83 16.02 40.08
CA SER B 891 29.82 16.01 40.05
C SER B 891 29.35 14.64 40.50
N GLU B 892 28.17 14.57 41.12
CA GLU B 892 27.61 13.29 41.53
C GLU B 892 27.39 12.38 40.32
N ALA B 893 26.81 12.93 39.25
CA ALA B 893 26.62 12.15 38.02
C ALA B 893 27.97 11.68 37.47
N LYS B 894 28.95 12.58 37.43
CA LYS B 894 30.29 12.22 36.97
C LYS B 894 30.87 11.06 37.79
N ASP B 895 30.79 11.16 39.12
CA ASP B 895 31.30 10.09 39.98
C ASP B 895 30.57 8.78 39.71
N ASN B 896 29.28 8.85 39.43
CA ASN B 896 28.47 7.65 39.23
C ASN B 896 28.88 6.97 37.94
N ILE B 897 29.04 7.76 36.86
CA ILE B 897 29.49 7.23 35.59
C ILE B 897 30.89 6.63 35.73
N GLU B 898 31.80 7.37 36.38
CA GLU B 898 33.17 6.90 36.51
C GLU B 898 33.26 5.63 37.35
N LYS B 899 32.40 5.50 38.37
CA LYS B 899 32.40 4.27 39.16
C LYS B 899 32.05 3.06 38.29
N HIS B 900 31.14 3.25 37.34
CA HIS B 900 30.82 2.15 36.43
C HIS B 900 32.01 1.83 35.54
N ILE B 901 32.63 2.86 34.98
CA ILE B 901 33.77 2.65 34.09
C ILE B 901 34.87 1.92 34.83
N GLU B 902 35.18 2.37 36.05
CA GLU B 902 36.23 1.72 36.81
C GLU B 902 35.83 0.30 37.21
N ARG B 903 34.53 0.05 37.44
CA ARG B 903 34.13 -1.31 37.75
C ARG B 903 34.35 -2.22 36.57
N MET B 904 33.99 -1.75 35.37
CA MET B 904 34.23 -2.54 34.17
C MET B 904 35.71 -2.76 33.96
N ARG B 905 36.51 -1.71 34.13
CA ARG B 905 37.96 -1.85 34.00
C ARG B 905 38.49 -2.89 34.98
N GLY B 906 38.02 -2.85 36.22
CA GLY B 906 38.49 -3.79 37.22
C GLY B 906 38.05 -5.23 36.95
N LEU B 907 36.95 -5.41 36.23
CA LEU B 907 36.55 -6.75 35.83
C LEU B 907 37.33 -7.28 34.65
N GLY B 908 38.23 -6.47 34.08
CA GLY B 908 39.06 -6.88 32.96
C GLY B 908 38.49 -6.57 31.61
N ARG B 909 37.40 -5.81 31.54
CA ARG B 909 36.82 -5.42 30.27
C ARG B 909 37.66 -4.34 29.60
N LYS B 910 37.77 -4.41 28.28
CA LYS B 910 38.52 -3.40 27.55
C LYS B 910 37.76 -2.07 27.62
N VAL B 911 38.44 -1.04 28.12
CA VAL B 911 37.88 0.30 28.26
C VAL B 911 38.78 1.28 27.52
N GLU B 912 38.18 2.09 26.65
CA GLU B 912 38.90 3.10 25.89
C GLU B 912 38.19 4.44 26.02
N GLN B 913 38.96 5.51 26.23
CA GLN B 913 38.40 6.85 26.33
C GLN B 913 39.21 7.83 25.48
N ILE B 914 38.53 8.88 25.00
CA ILE B 914 39.25 9.95 24.33
C ILE B 914 39.76 10.98 25.33
N GLY B 915 40.51 11.97 24.85
CA GLY B 915 41.14 12.94 25.73
C GLY B 915 40.27 14.14 26.01
N LEU B 916 40.64 14.87 27.06
CA LEU B 916 39.93 16.07 27.48
C LEU B 916 40.92 17.22 27.61
N ALA B 917 40.58 18.37 27.04
CA ALA B 917 41.39 19.55 27.20
C ALA B 917 41.41 19.98 28.67
N SER B 918 42.50 20.65 29.07
CA SER B 918 42.63 21.09 30.45
C SER B 918 41.52 22.05 30.85
N GLU B 919 40.95 22.77 29.87
CA GLU B 919 39.87 23.70 30.16
C GLU B 919 38.63 23.02 30.73
N THR B 920 38.55 21.69 30.66
CA THR B 920 37.41 20.99 31.23
C THR B 920 37.48 20.89 32.75
N GLY B 921 38.64 21.17 33.36
CA GLY B 921 38.80 20.98 34.80
C GLY B 921 37.89 21.85 35.64
N VAL B 922 37.41 22.97 35.08
CA VAL B 922 36.54 23.88 35.82
C VAL B 922 35.09 23.42 35.83
N GLY B 923 34.75 22.41 35.04
CA GLY B 923 33.41 21.88 34.99
C GLY B 923 33.41 20.39 35.28
N THR B 924 32.31 19.69 34.98
CA THR B 924 32.21 18.25 35.25
C THR B 924 32.04 17.51 33.93
N PHE B 925 33.13 16.95 33.42
CA PHE B 925 33.09 16.29 32.13
C PHE B 925 33.51 14.84 32.27
N VAL B 926 32.91 13.98 31.45
CA VAL B 926 33.36 12.61 31.23
C VAL B 926 33.59 12.46 29.74
N PRO B 927 34.74 11.97 29.28
CA PRO B 927 34.96 11.83 27.85
C PRO B 927 34.17 10.66 27.29
N PRO B 928 33.84 10.67 25.99
CA PRO B 928 33.24 9.49 25.36
C PRO B 928 34.07 8.25 25.62
N THR B 929 33.39 7.19 26.05
CA THR B 929 34.02 5.98 26.54
C THR B 929 33.41 4.79 25.83
N ILE B 930 34.27 3.84 25.45
CA ILE B 930 33.84 2.61 24.78
C ILE B 930 34.32 1.45 25.64
N ILE B 931 33.39 0.57 26.01
CA ILE B 931 33.68 -0.60 26.84
C ILE B 931 33.22 -1.85 26.09
N GLU B 932 34.11 -2.82 25.95
CA GLU B 932 33.78 -4.07 25.27
C GLU B 932 33.24 -5.07 26.30
N LEU B 933 32.04 -5.56 26.05
CA LEU B 933 31.43 -6.55 26.95
C LEU B 933 31.54 -7.94 26.34
N GLU B 934 31.52 -8.95 27.22
CA GLU B 934 31.40 -10.34 26.80
C GLU B 934 29.94 -10.72 26.61
N LYS B 935 29.05 -10.18 27.42
CA LYS B 935 27.63 -10.47 27.32
C LYS B 935 26.87 -9.26 27.83
N LEU B 936 25.67 -9.05 27.27
CA LEU B 936 24.87 -7.91 27.72
C LEU B 936 24.59 -7.98 29.20
N SER B 937 24.47 -9.19 29.75
CA SER B 937 24.23 -9.35 31.18
C SER B 937 25.35 -8.75 32.03
N ASP B 938 26.51 -8.44 31.44
CA ASP B 938 27.53 -7.69 32.17
C ASP B 938 27.01 -6.33 32.61
N LEU B 939 25.96 -5.83 31.97
CA LEU B 939 25.39 -4.52 32.24
C LEU B 939 24.20 -4.71 33.17
N GLN B 940 24.27 -4.10 34.36
CA GLN B 940 23.25 -4.29 35.37
C GLN B 940 22.37 -3.06 35.61
N ARG B 941 22.74 -1.90 35.07
CA ARG B 941 22.02 -0.67 35.38
C ARG B 941 22.16 0.29 34.22
N GLU B 942 21.21 1.21 34.09
CA GLU B 942 21.34 2.31 33.15
C GLU B 942 22.46 3.23 33.61
N VAL B 943 23.47 3.44 32.78
CA VAL B 943 24.60 4.32 33.10
C VAL B 943 24.40 5.59 32.28
N PHE B 944 24.06 6.69 32.96
CA PHE B 944 23.49 7.86 32.27
C PHE B 944 24.62 8.84 31.92
N GLY B 945 25.39 8.45 30.92
CA GLY B 945 26.52 9.27 30.51
C GLY B 945 27.10 8.77 29.20
N PRO B 946 28.25 9.33 28.81
CA PRO B 946 28.80 9.05 27.47
C PRO B 946 29.59 7.76 27.44
N VAL B 947 28.90 6.65 27.70
CA VAL B 947 29.53 5.35 27.88
C VAL B 947 28.82 4.37 26.95
N LEU B 948 29.50 4.00 25.88
CA LEU B 948 28.97 3.06 24.90
C LEU B 948 29.58 1.70 25.14
N HIS B 949 28.73 0.69 25.31
CA HIS B 949 29.18 -0.68 25.44
C HIS B 949 29.06 -1.39 24.10
N VAL B 950 29.99 -2.31 23.83
CA VAL B 950 30.06 -2.96 22.54
C VAL B 950 29.96 -4.47 22.72
N ILE B 951 29.09 -5.09 21.94
CA ILE B 951 28.92 -6.53 21.90
C ILE B 951 29.15 -7.00 20.47
N ARG B 952 29.90 -8.08 20.33
CA ARG B 952 30.09 -8.73 19.04
C ARG B 952 29.24 -9.98 19.00
N TYR B 953 28.61 -10.25 17.85
CA TYR B 953 27.74 -11.42 17.76
C TYR B 953 27.90 -12.12 16.41
N ARG B 954 27.67 -13.42 16.41
CA ARG B 954 27.61 -14.18 15.17
C ARG B 954 26.19 -14.09 14.63
N ARG B 955 26.07 -13.96 13.30
CA ARG B 955 24.74 -13.77 12.71
C ARG B 955 23.79 -14.91 13.06
N ASP B 956 24.31 -16.12 13.23
CA ASP B 956 23.46 -17.24 13.64
C ASP B 956 22.86 -17.03 15.02
N ASP B 957 23.44 -16.15 15.83
CA ASP B 957 22.96 -15.89 17.18
C ASP B 957 22.09 -14.65 17.28
N LEU B 958 21.61 -14.12 16.15
CA LEU B 958 20.87 -12.87 16.17
C LEU B 958 19.63 -12.97 17.04
N ASP B 959 18.88 -14.08 16.93
CA ASP B 959 17.68 -14.21 17.73
C ASP B 959 18.00 -14.23 19.21
N ARG B 960 19.06 -14.95 19.59
CA ARG B 960 19.51 -14.96 20.99
C ARG B 960 19.96 -13.56 21.43
N LEU B 961 20.61 -12.83 20.53
CA LEU B 961 21.00 -11.46 20.86
C LEU B 961 19.77 -10.60 21.15
N VAL B 962 18.72 -10.72 20.34
CA VAL B 962 17.50 -9.94 20.59
C VAL B 962 16.95 -10.28 21.97
N ASP B 963 16.93 -11.58 22.32
CA ASP B 963 16.52 -11.99 23.65
C ASP B 963 17.37 -11.31 24.72
N ASP B 964 18.69 -11.27 24.49
CA ASP B 964 19.59 -10.64 25.46
C ASP B 964 19.24 -9.16 25.63
N VAL B 965 18.91 -8.48 24.53
CA VAL B 965 18.51 -7.08 24.65
C VAL B 965 17.24 -6.96 25.46
N ASN B 966 16.26 -7.83 25.17
CA ASN B 966 14.99 -7.77 25.90
C ASN B 966 15.16 -8.18 27.36
N ALA B 967 16.17 -8.99 27.65
CA ALA B 967 16.33 -9.57 28.97
C ALA B 967 16.73 -8.55 30.02
N THR B 968 17.17 -7.35 29.64
CA THR B 968 17.45 -6.31 30.63
C THR B 968 16.19 -5.91 31.38
N GLY B 969 15.00 -6.11 30.78
CA GLY B 969 13.76 -5.63 31.34
C GLY B 969 13.34 -4.25 30.85
N TYR B 970 14.23 -3.53 30.19
CA TYR B 970 13.92 -2.22 29.64
C TYR B 970 13.36 -2.37 28.24
N GLY B 971 12.86 -1.27 27.69
CA GLY B 971 12.30 -1.34 26.37
C GLY B 971 11.91 0.04 25.87
N LEU B 972 12.90 0.94 25.81
CA LEU B 972 12.67 2.32 25.42
C LEU B 972 12.98 2.49 23.94
N THR B 973 14.23 2.75 23.57
CA THR B 973 14.57 2.91 22.17
C THR B 973 15.43 1.74 21.69
N PHE B 974 15.44 1.56 20.37
CA PHE B 974 16.20 0.46 19.77
C PHE B 974 16.49 0.81 18.32
N GLY B 975 17.69 0.51 17.86
CA GLY B 975 18.08 0.79 16.50
C GLY B 975 18.57 -0.47 15.79
N LEU B 976 18.33 -0.52 14.49
CA LEU B 976 18.79 -1.62 13.65
C LEU B 976 19.35 -1.01 12.37
N HIS B 977 20.59 -1.38 12.04
CA HIS B 977 21.21 -0.98 10.77
C HIS B 977 21.40 -2.25 9.95
N THR B 978 20.67 -2.34 8.84
CA THR B 978 20.73 -3.44 7.90
C THR B 978 20.08 -2.99 6.61
N ARG B 979 20.52 -3.58 5.51
CA ARG B 979 19.86 -3.36 4.23
C ARG B 979 18.88 -4.47 3.88
N LEU B 980 18.74 -5.48 4.74
CA LEU B 980 18.07 -6.74 4.38
C LEU B 980 16.69 -6.81 5.01
N ASP B 981 15.66 -6.95 4.18
CA ASP B 981 14.28 -6.97 4.67
C ASP B 981 14.02 -8.15 5.61
N GLU B 982 14.63 -9.31 5.35
CA GLU B 982 14.42 -10.44 6.25
C GLU B 982 14.93 -10.13 7.65
N THR B 983 16.08 -9.46 7.75
CA THR B 983 16.61 -9.08 9.05
C THR B 983 15.74 -8.00 9.69
N ILE B 984 15.23 -7.06 8.91
CA ILE B 984 14.33 -6.06 9.47
C ILE B 984 13.08 -6.73 10.04
N ALA B 985 12.49 -7.65 9.28
CA ALA B 985 11.26 -8.31 9.74
C ALA B 985 11.52 -9.13 10.99
N HIS B 986 12.60 -9.92 10.98
CA HIS B 986 12.93 -10.74 12.14
C HIS B 986 13.16 -9.87 13.37
N VAL B 987 14.05 -8.88 13.26
CA VAL B 987 14.43 -8.14 14.45
C VAL B 987 13.26 -7.32 14.99
N THR B 988 12.54 -6.63 14.12
CA THR B 988 11.43 -5.80 14.60
C THR B 988 10.26 -6.62 15.11
N SER B 989 10.12 -7.88 14.67
CA SER B 989 9.05 -8.70 15.23
C SER B 989 9.40 -9.29 16.59
N ARG B 990 10.69 -9.32 16.96
CA ARG B 990 11.11 -9.96 18.20
C ARG B 990 11.58 -8.97 19.27
N ILE B 991 12.01 -7.77 18.90
CA ILE B 991 12.43 -6.78 19.89
C ILE B 991 11.21 -6.23 20.60
N LYS B 992 11.37 -5.90 21.87
CA LYS B 992 10.25 -5.39 22.68
C LYS B 992 10.60 -3.99 23.19
N ALA B 993 10.50 -3.01 22.31
CA ALA B 993 10.83 -1.64 22.67
C ALA B 993 9.78 -0.71 22.08
N GLY B 994 9.59 0.45 22.74
CA GLY B 994 8.52 1.36 22.34
C GLY B 994 8.83 2.21 21.13
N ASN B 995 10.11 2.44 20.83
CA ASN B 995 10.55 3.33 19.77
C ASN B 995 11.66 2.64 19.00
N LEU B 996 11.36 2.24 17.78
CA LEU B 996 12.28 1.52 16.92
C LEU B 996 12.75 2.46 15.82
N TYR B 997 14.00 2.29 15.40
CA TYR B 997 14.63 3.15 14.41
C TYR B 997 15.46 2.29 13.49
N ILE B 998 15.20 2.43 12.20
CA ILE B 998 15.82 1.59 11.18
C ILE B 998 16.67 2.46 10.27
N ASN B 999 17.98 2.20 10.29
CA ASN B 999 18.94 2.86 9.39
C ASN B 999 19.08 4.35 9.66
N ARG B 1000 18.94 4.73 10.93
CA ARG B 1000 19.06 6.11 11.37
C ARG B 1000 19.45 6.08 12.84
N ASN B 1001 19.67 7.26 13.42
CA ASN B 1001 19.97 7.32 14.85
C ASN B 1001 18.73 6.97 15.66
N ILE B 1002 18.89 6.82 16.97
CA ILE B 1002 17.82 6.38 17.84
C ILE B 1002 17.37 7.48 18.80
N ILE B 1003 17.73 8.73 18.54
CA ILE B 1003 17.50 9.84 19.45
C ILE B 1003 16.64 10.90 18.78
N GLY B 1004 16.20 11.89 19.57
CA GLY B 1004 15.43 13.00 19.04
C GLY B 1004 14.06 12.65 18.52
N ALA B 1005 13.30 11.84 19.26
CA ALA B 1005 11.94 11.54 18.86
C ALA B 1005 11.14 12.82 18.69
N VAL B 1006 10.35 12.86 17.63
CA VAL B 1006 9.60 14.05 17.22
C VAL B 1006 8.14 13.89 17.63
N VAL B 1007 7.61 14.89 18.31
CA VAL B 1007 6.23 14.87 18.78
C VAL B 1007 5.26 14.57 17.65
N GLY B 1008 4.36 13.62 17.88
CA GLY B 1008 3.34 13.29 16.89
C GLY B 1008 3.85 12.63 15.62
N VAL B 1009 5.15 12.35 15.54
CA VAL B 1009 5.77 11.66 14.42
C VAL B 1009 6.40 10.35 14.87
N GLN B 1010 7.25 10.40 15.90
CA GLN B 1010 7.62 9.23 16.70
C GLN B 1010 7.13 9.45 18.12
N PRO B 1011 5.84 9.21 18.37
CA PRO B 1011 5.33 9.22 19.75
C PRO B 1011 6.26 8.40 20.62
N PHE B 1012 6.64 8.95 21.76
CA PHE B 1012 7.81 8.47 22.48
C PHE B 1012 7.45 7.85 23.82
N GLY B 1013 8.00 6.69 24.09
CA GLY B 1013 7.83 6.04 25.38
C GLY B 1013 7.93 4.54 25.22
N GLY B 1014 8.33 3.88 26.30
CA GLY B 1014 8.52 2.44 26.23
C GLY B 1014 7.78 1.62 27.26
N ARG B 1015 8.19 0.36 27.40
CA ARG B 1015 7.50 -0.64 28.18
C ARG B 1015 8.47 -1.27 29.17
N GLY B 1016 7.95 -2.23 29.93
CA GLY B 1016 8.78 -2.87 30.93
C GLY B 1016 9.26 -1.86 31.94
N LEU B 1017 10.55 -1.91 32.26
CA LEU B 1017 11.14 -0.95 33.18
C LEU B 1017 11.22 0.45 32.61
N SER B 1018 10.84 0.65 31.35
CA SER B 1018 10.97 1.93 30.69
C SER B 1018 9.72 2.80 30.72
N GLY B 1019 8.55 2.26 31.04
CA GLY B 1019 7.37 3.14 31.07
C GLY B 1019 6.11 2.40 31.45
N THR B 1020 5.12 3.18 31.90
CA THR B 1020 3.75 2.71 32.01
C THR B 1020 2.96 3.02 30.75
N GLY B 1021 3.40 4.00 29.98
CA GLY B 1021 2.55 4.58 28.96
C GLY B 1021 1.44 5.37 29.63
N PRO B 1022 0.63 6.05 28.84
CA PRO B 1022 0.72 6.13 27.39
C PRO B 1022 1.88 7.02 26.95
N LYS B 1023 2.23 6.96 25.67
CA LYS B 1023 3.38 7.68 25.16
C LYS B 1023 3.12 9.18 25.13
N ALA B 1024 4.07 9.95 25.68
CA ALA B 1024 4.09 11.39 25.43
C ALA B 1024 4.21 11.66 23.93
N GLY B 1025 3.54 12.71 23.47
CA GLY B 1025 3.61 13.04 22.06
C GLY B 1025 2.83 12.09 21.19
N GLY B 1026 1.91 11.33 21.79
CA GLY B 1026 1.06 10.43 21.08
C GLY B 1026 -0.39 10.68 21.43
N PRO B 1027 -1.29 9.96 20.75
CA PRO B 1027 -2.71 10.30 20.81
C PRO B 1027 -3.45 9.69 21.99
N LEU B 1028 -2.83 8.80 22.75
CA LEU B 1028 -3.48 8.25 23.94
C LEU B 1028 -3.21 9.06 25.19
N TYR B 1029 -2.30 10.03 25.10
CA TYR B 1029 -1.76 10.68 26.28
C TYR B 1029 -2.82 11.47 27.04
N LEU B 1030 -3.56 12.34 26.35
CA LEU B 1030 -4.48 13.21 27.06
C LEU B 1030 -5.59 12.43 27.74
N GLY B 1031 -5.97 11.29 27.18
CA GLY B 1031 -7.05 10.50 27.73
C GLY B 1031 -6.75 9.94 29.10
N ARG B 1032 -5.47 9.87 29.47
CA ARG B 1032 -5.11 9.44 30.81
C ARG B 1032 -5.32 10.52 31.85
N LEU B 1033 -5.53 11.76 31.42
CA LEU B 1033 -5.58 12.91 32.31
C LEU B 1033 -7.00 13.40 32.52
N VAL B 1034 -7.99 12.59 32.14
CA VAL B 1034 -9.40 12.88 32.36
C VAL B 1034 -10.04 11.62 32.93
N THR B 1035 -11.20 11.80 33.58
CA THR B 1035 -11.81 10.65 34.23
C THR B 1035 -12.53 9.72 33.27
N THR B 1036 -12.89 10.20 32.09
CA THR B 1036 -13.46 9.35 31.04
C THR B 1036 -12.68 9.63 29.77
N ALA B 1037 -12.01 8.62 29.24
CA ALA B 1037 -11.11 8.91 28.14
C ALA B 1037 -11.91 9.07 26.85
N PRO B 1038 -11.50 10.01 25.99
CA PRO B 1038 -12.14 10.15 24.68
C PRO B 1038 -11.62 9.09 23.71
N VAL B 1039 -12.26 9.02 22.56
CA VAL B 1039 -11.76 8.21 21.45
C VAL B 1039 -10.76 9.06 20.70
N PRO B 1040 -9.47 8.71 20.70
CA PRO B 1040 -8.48 9.55 20.04
C PRO B 1040 -8.67 9.54 18.53
N PRO B 1041 -8.11 10.53 17.84
CA PRO B 1041 -8.13 10.52 16.37
C PRO B 1041 -7.51 9.25 15.81
N GLN B 1042 -8.13 8.72 14.76
CA GLN B 1042 -7.67 7.55 14.02
C GLN B 1042 -7.61 6.28 14.87
N HIS B 1043 -8.21 6.27 16.05
CA HIS B 1043 -8.00 5.18 17.01
C HIS B 1043 -9.10 4.14 16.81
N SER B 1044 -8.81 3.15 15.96
CA SER B 1044 -9.74 2.07 15.69
C SER B 1044 -8.98 0.95 14.99
N SER B 1045 -9.62 -0.21 14.89
CA SER B 1045 -9.02 -1.32 14.18
C SER B 1045 -10.13 -2.19 13.61
N VAL B 1046 -9.93 -2.68 12.39
CA VAL B 1046 -10.91 -3.59 11.79
C VAL B 1046 -10.74 -5.03 12.25
N HIS B 1047 -9.68 -5.33 12.98
CA HIS B 1047 -9.34 -6.69 13.42
CA HIS B 1047 -9.42 -6.71 13.37
C HIS B 1047 -10.06 -7.02 14.72
N THR B 1048 -10.50 -8.27 14.85
CA THR B 1048 -11.11 -8.75 16.08
C THR B 1048 -10.30 -9.92 16.59
N ASP B 1049 -9.90 -9.85 17.85
CA ASP B 1049 -9.06 -10.90 18.39
C ASP B 1049 -9.81 -12.22 18.32
N PRO B 1050 -9.20 -13.28 17.79
CA PRO B 1050 -9.96 -14.53 17.62
C PRO B 1050 -10.25 -15.22 18.94
N VAL B 1051 -9.42 -15.01 19.95
CA VAL B 1051 -9.68 -15.63 21.24
C VAL B 1051 -10.86 -14.95 21.93
N LEU B 1052 -10.92 -13.62 21.81
CA LEU B 1052 -12.12 -12.89 22.23
C LEU B 1052 -13.36 -13.49 21.59
N LEU B 1053 -13.31 -13.76 20.29
CA LEU B 1053 -14.48 -14.31 19.61
C LEU B 1053 -14.88 -15.66 20.19
N ASP B 1054 -13.89 -16.52 20.48
CA ASP B 1054 -14.19 -17.83 21.05
C ASP B 1054 -14.76 -17.69 22.45
N PHE B 1055 -14.26 -16.72 23.21
CA PHE B 1055 -14.77 -16.46 24.55
C PHE B 1055 -16.24 -16.04 24.49
N ALA B 1056 -16.57 -15.15 23.55
CA ALA B 1056 -17.96 -14.70 23.40
C ALA B 1056 -18.88 -15.86 23.09
N LYS B 1057 -18.47 -16.77 22.19
CA LYS B 1057 -19.32 -17.92 21.90
C LYS B 1057 -19.47 -18.81 23.12
N TRP B 1058 -18.39 -18.98 23.88
CA TRP B 1058 -18.46 -19.73 25.12
C TRP B 1058 -19.46 -19.10 26.09
N LEU B 1059 -19.43 -17.78 26.21
CA LEU B 1059 -20.39 -17.09 27.09
C LEU B 1059 -21.81 -17.25 26.57
N ASP B 1060 -22.00 -17.16 25.25
CA ASP B 1060 -23.29 -17.45 24.63
C ASP B 1060 -23.79 -18.84 25.03
N GLY B 1061 -22.88 -19.82 25.06
CA GLY B 1061 -23.29 -21.19 25.33
C GLY B 1061 -23.86 -21.39 26.72
N LYS B 1062 -23.34 -20.67 27.70
CA LYS B 1062 -23.80 -20.82 29.09
C LYS B 1062 -24.85 -19.79 29.49
N GLY B 1063 -25.42 -19.07 28.54
CA GLY B 1063 -26.48 -18.14 28.86
C GLY B 1063 -26.03 -16.85 29.50
N ALA B 1064 -24.71 -16.56 29.50
CA ALA B 1064 -24.20 -15.32 30.09
C ALA B 1064 -24.36 -14.21 29.05
N ARG B 1065 -25.61 -13.79 28.87
CA ARG B 1065 -25.95 -13.00 27.67
C ARG B 1065 -25.42 -11.57 27.76
N ALA B 1066 -25.50 -10.95 28.94
CA ALA B 1066 -24.95 -9.61 29.09
C ALA B 1066 -23.43 -9.63 28.96
N GLU B 1067 -22.78 -10.65 29.49
CA GLU B 1067 -21.33 -10.72 29.39
C GLU B 1067 -20.90 -10.97 27.96
N ALA B 1068 -21.61 -11.85 27.25
CA ALA B 1068 -21.30 -12.12 25.84
C ALA B 1068 -21.44 -10.85 25.01
N GLU B 1069 -22.50 -10.06 25.25
CA GLU B 1069 -22.63 -8.77 24.59
C GLU B 1069 -21.45 -7.86 24.92
N ALA B 1070 -21.10 -7.77 26.20
CA ALA B 1070 -19.94 -6.97 26.59
C ALA B 1070 -18.67 -7.45 25.88
N ALA B 1071 -18.52 -8.77 25.74
CA ALA B 1071 -17.34 -9.29 25.06
C ALA B 1071 -17.33 -8.89 23.58
N ARG B 1072 -18.47 -9.05 22.91
CA ARG B 1072 -18.53 -8.63 21.51
C ARG B 1072 -18.24 -7.16 21.36
N ASN B 1073 -18.79 -6.32 22.25
CA ASN B 1073 -18.54 -4.89 22.17
C ASN B 1073 -17.08 -4.55 22.40
N ALA B 1074 -16.43 -5.25 23.33
CA ALA B 1074 -15.00 -5.04 23.54
C ALA B 1074 -14.21 -5.44 22.29
N GLY B 1075 -14.58 -6.57 21.67
CA GLY B 1075 -13.86 -7.00 20.49
C GLY B 1075 -13.91 -5.96 19.39
N SER B 1076 -15.02 -5.25 19.29
CA SER B 1076 -15.16 -4.25 18.25
C SER B 1076 -14.45 -2.96 18.63
N SER B 1077 -14.57 -2.53 19.88
CA SER B 1077 -13.99 -1.24 20.26
C SER B 1077 -12.48 -1.28 20.46
N SER B 1078 -11.92 -2.46 20.66
CA SER B 1078 -10.48 -2.60 20.76
C SER B 1078 -9.81 -2.03 19.51
N ALA B 1079 -8.71 -1.33 19.72
CA ALA B 1079 -7.93 -0.84 18.60
C ALA B 1079 -6.68 -1.67 18.37
N LEU B 1080 -6.61 -2.85 19.00
CA LEU B 1080 -5.52 -3.78 18.72
C LEU B 1080 -5.42 -4.01 17.23
N GLY B 1081 -4.21 -3.89 16.70
CA GLY B 1081 -4.01 -4.06 15.28
C GLY B 1081 -3.97 -2.78 14.48
N LEU B 1082 -4.28 -1.64 15.10
CA LEU B 1082 -4.10 -0.36 14.44
CA LEU B 1082 -4.10 -0.35 14.45
C LEU B 1082 -2.69 -0.26 13.87
N ASP B 1083 -2.59 0.26 12.66
CA ASP B 1083 -1.30 0.28 11.96
C ASP B 1083 -1.32 1.48 11.01
N LEU B 1084 -0.72 2.58 11.44
CA LEU B 1084 -0.84 3.86 10.76
C LEU B 1084 0.53 4.38 10.36
N GLU B 1085 0.56 5.12 9.26
CA GLU B 1085 1.71 5.94 8.90
C GLU B 1085 1.38 7.39 9.25
N LEU B 1086 2.23 8.00 10.06
CA LEU B 1086 2.04 9.36 10.53
C LEU B 1086 2.74 10.35 9.59
N PRO B 1087 2.15 11.52 9.39
CA PRO B 1087 2.79 12.51 8.52
C PRO B 1087 4.10 12.99 9.09
N GLY B 1088 5.08 13.18 8.22
CA GLY B 1088 6.40 13.58 8.64
C GLY B 1088 7.26 14.02 7.48
N PRO B 1089 8.58 14.06 7.66
CA PRO B 1089 9.46 14.51 6.58
C PRO B 1089 9.54 13.47 5.47
N VAL B 1090 9.90 13.96 4.28
CA VAL B 1090 10.24 13.04 3.20
C VAL B 1090 11.48 12.23 3.59
N GLY B 1091 11.64 11.10 2.92
CA GLY B 1091 12.79 10.26 3.17
C GLY B 1091 12.71 9.49 4.46
N GLU B 1092 11.54 9.48 5.09
CA GLU B 1092 11.30 8.72 6.30
C GLU B 1092 9.89 8.16 6.25
N ARG B 1093 9.73 6.98 6.82
CA ARG B 1093 8.40 6.39 7.05
C ARG B 1093 8.26 6.19 8.54
N ASN B 1094 7.23 6.82 9.10
CA ASN B 1094 7.03 6.85 10.54
C ASN B 1094 5.73 6.14 10.86
N LEU B 1095 5.83 4.98 11.49
CA LEU B 1095 4.72 4.06 11.70
C LEU B 1095 4.36 4.04 13.17
N TYR B 1096 3.06 3.82 13.42
CA TYR B 1096 2.51 3.80 14.76
C TYR B 1096 1.53 2.65 14.82
N THR B 1097 1.74 1.71 15.74
CA THR B 1097 0.97 0.48 15.77
C THR B 1097 0.57 0.16 17.20
N LEU B 1098 -0.57 -0.50 17.34
CA LEU B 1098 -1.06 -0.93 18.64
C LEU B 1098 -1.01 -2.45 18.73
N HIS B 1099 -0.32 -2.95 19.76
CA HIS B 1099 -0.13 -4.35 19.99
C HIS B 1099 -0.71 -4.71 21.34
N ALA B 1100 -0.80 -6.00 21.62
CA ALA B 1100 -1.20 -6.40 22.96
C ALA B 1100 -0.16 -5.91 23.96
N ARG B 1101 -0.63 -5.63 25.19
CA ARG B 1101 0.30 -5.30 26.26
C ARG B 1101 1.14 -6.50 26.68
N GLY B 1102 0.54 -7.69 26.72
CA GLY B 1102 1.22 -8.90 27.17
C GLY B 1102 0.34 -9.73 28.07
N ARG B 1103 0.77 -9.98 29.30
CA ARG B 1103 -0.06 -10.69 30.27
C ARG B 1103 -0.59 -9.70 31.29
N ILE B 1104 -1.91 -9.69 31.47
CA ILE B 1104 -2.57 -8.75 32.38
C ILE B 1104 -2.94 -9.52 33.65
N LEU B 1105 -2.65 -8.94 34.81
CA LEU B 1105 -3.11 -9.50 36.07
C LEU B 1105 -4.57 -9.14 36.29
N LEU B 1106 -5.41 -10.13 36.49
CA LEU B 1106 -6.83 -9.91 36.74
C LEU B 1106 -7.08 -10.22 38.21
N VAL B 1107 -7.67 -9.26 38.90
CA VAL B 1107 -8.02 -9.42 40.32
C VAL B 1107 -9.53 -9.27 40.41
N PRO B 1108 -10.30 -10.31 40.09
CA PRO B 1108 -11.76 -10.22 40.14
C PRO B 1108 -12.29 -10.44 41.56
N ALA B 1109 -13.53 -10.00 41.75
CA ALA B 1109 -14.31 -10.33 42.94
C ALA B 1109 -15.47 -11.26 42.66
N THR B 1110 -16.15 -11.09 41.53
CA THR B 1110 -17.32 -11.87 41.19
C THR B 1110 -17.13 -12.53 39.83
N GLU B 1111 -17.97 -13.55 39.59
CA GLU B 1111 -17.92 -14.26 38.31
C GLU B 1111 -18.14 -13.31 37.13
N SER B 1112 -19.21 -12.50 37.19
CA SER B 1112 -19.48 -11.56 36.11
C SER B 1112 -18.34 -10.57 35.95
N GLY B 1113 -17.76 -10.11 37.06
CA GLY B 1113 -16.62 -9.21 36.99
C GLY B 1113 -15.44 -9.85 36.27
N LEU B 1114 -15.16 -11.12 36.60
CA LEU B 1114 -14.12 -11.87 35.91
C LEU B 1114 -14.42 -11.96 34.41
N TYR B 1115 -15.67 -12.24 34.04
CA TYR B 1115 -15.99 -12.35 32.63
C TYR B 1115 -15.76 -11.03 31.89
N HIS B 1116 -16.11 -9.91 32.54
CA HIS B 1116 -15.89 -8.59 31.93
C HIS B 1116 -14.41 -8.27 31.84
N GLN B 1117 -13.62 -8.66 32.86
CA GLN B 1117 -12.18 -8.44 32.82
C GLN B 1117 -11.53 -9.26 31.71
N LEU B 1118 -11.91 -10.53 31.59
CA LEU B 1118 -11.40 -11.37 30.51
C LEU B 1118 -11.75 -10.78 29.16
N ALA B 1119 -13.00 -10.35 28.99
CA ALA B 1119 -13.42 -9.73 27.74
C ALA B 1119 -12.51 -8.58 27.36
N ALA B 1120 -12.24 -7.68 28.31
CA ALA B 1120 -11.39 -6.52 28.02
C ALA B 1120 -9.98 -6.94 27.65
N ALA B 1121 -9.39 -7.83 28.45
CA ALA B 1121 -8.02 -8.26 28.19
C ALA B 1121 -7.91 -9.08 26.91
N LEU B 1122 -8.89 -9.96 26.63
CA LEU B 1122 -8.78 -10.79 25.43
C LEU B 1122 -8.99 -9.96 24.17
N ALA B 1123 -9.92 -9.01 24.23
CA ALA B 1123 -10.19 -8.18 23.05
C ALA B 1123 -8.98 -7.36 22.63
N THR B 1124 -8.05 -7.10 23.55
CA THR B 1124 -6.85 -6.33 23.28
C THR B 1124 -5.63 -7.22 23.11
N GLY B 1125 -5.86 -8.52 22.91
CA GLY B 1125 -4.79 -9.43 22.51
C GLY B 1125 -3.98 -10.03 23.61
N ASN B 1126 -4.34 -9.79 24.86
CA ASN B 1126 -3.50 -10.14 26.00
C ASN B 1126 -3.82 -11.55 26.48
N SER B 1127 -2.85 -12.14 27.17
CA SER B 1127 -3.13 -13.26 28.04
C SER B 1127 -3.39 -12.72 29.44
N VAL B 1128 -3.78 -13.61 30.35
CA VAL B 1128 -4.13 -13.18 31.70
C VAL B 1128 -3.56 -14.12 32.74
N ALA B 1129 -3.33 -13.57 33.93
CA ALA B 1129 -3.11 -14.34 35.14
C ALA B 1129 -4.18 -13.90 36.12
N ILE B 1130 -5.03 -14.84 36.53
CA ILE B 1130 -6.18 -14.52 37.38
C ILE B 1130 -5.80 -14.84 38.81
N ASP B 1131 -6.11 -13.91 39.71
CA ASP B 1131 -5.86 -14.10 41.13
C ASP B 1131 -6.56 -15.34 41.66
N ALA B 1132 -5.79 -16.35 42.06
CA ALA B 1132 -6.37 -17.59 42.56
C ALA B 1132 -7.18 -17.35 43.83
N ALA B 1133 -6.81 -16.35 44.62
CA ALA B 1133 -7.49 -16.09 45.88
C ALA B 1133 -8.93 -15.64 45.67
N SER B 1134 -9.30 -15.28 44.44
CA SER B 1134 -10.68 -14.92 44.15
C SER B 1134 -11.62 -16.11 44.32
N GLY B 1135 -11.11 -17.33 44.27
CA GLY B 1135 -11.93 -18.52 44.41
C GLY B 1135 -12.89 -18.76 43.27
N LEU B 1136 -12.64 -18.16 42.11
CA LEU B 1136 -13.56 -18.18 40.99
C LEU B 1136 -13.20 -19.24 39.94
N GLN B 1137 -12.35 -20.21 40.30
CA GLN B 1137 -11.90 -21.20 39.33
C GLN B 1137 -13.06 -21.91 38.65
N ALA B 1138 -14.12 -22.21 39.41
CA ALA B 1138 -15.25 -22.95 38.84
C ALA B 1138 -15.94 -22.20 37.72
N SER B 1139 -15.81 -20.87 37.68
CA SER B 1139 -16.48 -20.07 36.66
C SER B 1139 -15.93 -20.30 35.27
N LEU B 1140 -14.73 -20.86 35.15
CA LEU B 1140 -14.10 -21.11 33.86
C LEU B 1140 -14.11 -22.59 33.49
N LYS B 1141 -15.04 -23.36 34.03
CA LYS B 1141 -15.16 -24.75 33.65
C LYS B 1141 -15.59 -24.85 32.19
N ASN B 1142 -14.95 -25.76 31.45
CA ASN B 1142 -15.28 -26.07 30.06
C ASN B 1142 -14.86 -24.99 29.08
N LEU B 1143 -13.92 -24.12 29.49
CA LEU B 1143 -13.40 -23.10 28.60
C LEU B 1143 -12.83 -23.75 27.35
N PRO B 1144 -13.09 -23.21 26.16
CA PRO B 1144 -12.41 -23.71 24.95
C PRO B 1144 -10.91 -23.57 25.11
N GLN B 1145 -10.18 -24.54 24.57
CA GLN B 1145 -8.73 -24.57 24.69
C GLN B 1145 -8.10 -23.33 24.06
N THR B 1146 -8.76 -22.73 23.07
CA THR B 1146 -8.24 -21.50 22.48
C THR B 1146 -8.21 -20.39 23.51
N VAL B 1147 -9.22 -20.33 24.38
CA VAL B 1147 -9.18 -19.33 25.43
C VAL B 1147 -8.29 -19.77 26.58
N GLY B 1148 -8.35 -21.06 26.94
CA GLY B 1148 -7.55 -21.56 28.05
C GLY B 1148 -6.05 -21.36 27.85
N LEU B 1149 -5.58 -21.44 26.61
CA LEU B 1149 -4.16 -21.22 26.34
C LEU B 1149 -3.70 -19.82 26.75
N ARG B 1150 -4.63 -18.87 26.85
CA ARG B 1150 -4.35 -17.51 27.27
C ARG B 1150 -4.53 -17.30 28.76
N VAL B 1151 -5.01 -18.30 29.50
CA VAL B 1151 -5.47 -18.10 30.87
C VAL B 1151 -4.59 -18.90 31.81
N SER B 1152 -4.05 -18.23 32.82
CA SER B 1152 -3.39 -18.89 33.92
C SER B 1152 -3.98 -18.37 35.22
N TRP B 1153 -3.80 -19.15 36.28
CA TRP B 1153 -4.21 -18.76 37.62
C TRP B 1153 -2.94 -18.57 38.46
N SER B 1154 -2.92 -17.49 39.25
CA SER B 1154 -1.73 -17.14 40.04
C SER B 1154 -2.07 -17.10 41.51
N LYS B 1155 -1.33 -17.89 42.31
CA LYS B 1155 -1.31 -17.80 43.76
C LYS B 1155 -0.08 -17.07 44.27
N ASP B 1156 0.64 -16.39 43.38
CA ASP B 1156 1.86 -15.69 43.77
C ASP B 1156 2.12 -14.68 42.64
N TRP B 1157 1.58 -13.46 42.80
CA TRP B 1157 1.65 -12.48 41.72
C TRP B 1157 3.08 -12.11 41.40
N ALA B 1158 3.93 -11.94 42.43
CA ALA B 1158 5.28 -11.48 42.16
C ALA B 1158 6.12 -12.54 41.46
N ALA B 1159 5.87 -13.82 41.74
CA ALA B 1159 6.62 -14.88 41.09
C ALA B 1159 6.14 -15.16 39.68
N ASP B 1160 4.92 -14.77 39.34
CA ASP B 1160 4.27 -15.15 38.09
C ASP B 1160 4.34 -14.08 37.02
N GLY B 1161 4.87 -12.89 37.33
CA GLY B 1161 5.03 -11.85 36.36
C GLY B 1161 6.29 -12.06 35.54
N PRO B 1162 6.75 -11.01 34.83
CA PRO B 1162 6.18 -9.66 34.87
C PRO B 1162 4.87 -9.55 34.10
N PHE B 1163 3.97 -8.73 34.62
CA PHE B 1163 2.74 -8.40 33.92
C PHE B 1163 2.90 -7.07 33.21
N ALA B 1164 1.88 -6.70 32.43
CA ALA B 1164 1.90 -5.46 31.67
C ALA B 1164 0.70 -4.58 31.96
N GLY B 1165 -0.05 -4.89 33.02
CA GLY B 1165 -1.23 -4.12 33.39
C GLY B 1165 -2.03 -4.95 34.38
N ALA B 1166 -3.04 -4.30 34.97
CA ALA B 1166 -3.86 -5.01 35.93
C ALA B 1166 -5.29 -4.48 35.88
N LEU B 1167 -6.25 -5.38 36.02
CA LEU B 1167 -7.66 -5.01 36.14
C LEU B 1167 -8.14 -5.54 37.49
N VAL B 1168 -8.79 -4.67 38.26
CA VAL B 1168 -9.15 -4.96 39.64
C VAL B 1168 -10.64 -4.69 39.82
N GLU B 1169 -11.32 -5.59 40.53
CA GLU B 1169 -12.73 -5.42 40.88
C GLU B 1169 -12.86 -5.47 42.39
N GLY B 1170 -13.60 -4.54 42.97
CA GLY B 1170 -13.85 -4.57 44.40
C GLY B 1170 -14.31 -3.22 44.91
N ASP B 1171 -14.64 -3.21 46.21
CA ASP B 1171 -14.96 -1.95 46.87
C ASP B 1171 -13.68 -1.15 47.12
N ALA B 1172 -13.85 0.04 47.72
CA ALA B 1172 -12.73 0.96 47.86
C ALA B 1172 -11.60 0.36 48.67
N GLU B 1173 -11.91 -0.30 49.79
CA GLU B 1173 -10.81 -0.83 50.59
C GLU B 1173 -10.11 -1.99 49.88
N ARG B 1174 -10.88 -2.83 49.18
CA ARG B 1174 -10.27 -3.90 48.38
C ARG B 1174 -9.36 -3.31 47.32
N ILE B 1175 -9.82 -2.27 46.63
CA ILE B 1175 -9.02 -1.61 45.60
C ILE B 1175 -7.71 -1.11 46.18
N ARG B 1176 -7.77 -0.43 47.34
CA ARG B 1176 -6.56 0.09 47.96
C ARG B 1176 -5.60 -1.04 48.32
N ALA B 1177 -6.10 -2.12 48.91
CA ALA B 1177 -5.21 -3.21 49.31
C ALA B 1177 -4.56 -3.86 48.09
N VAL B 1178 -5.35 -4.06 47.03
CA VAL B 1178 -4.82 -4.63 45.81
C VAL B 1178 -3.81 -3.69 45.18
N ASN B 1179 -4.13 -2.40 45.18
CA ASN B 1179 -3.23 -1.42 44.58
C ASN B 1179 -1.91 -1.35 45.33
N LYS B 1180 -1.95 -1.44 46.66
CA LYS B 1180 -0.72 -1.53 47.45
C LYS B 1180 0.08 -2.78 47.10
N ALA B 1181 -0.60 -3.93 46.98
CA ALA B 1181 0.11 -5.16 46.64
C ALA B 1181 0.72 -5.09 45.25
N ILE B 1182 0.03 -4.45 44.30
CA ILE B 1182 0.58 -4.32 42.95
C ILE B 1182 1.79 -3.39 42.95
N ALA B 1183 1.74 -2.31 43.74
CA ALA B 1183 2.87 -1.40 43.80
C ALA B 1183 4.11 -2.10 44.36
N ALA B 1184 3.92 -3.15 45.15
CA ALA B 1184 5.03 -3.88 45.72
C ALA B 1184 5.61 -4.94 44.79
N LEU B 1185 5.06 -5.12 43.61
CA LEU B 1185 5.57 -6.17 42.73
C LEU B 1185 6.91 -5.75 42.15
N PRO B 1186 7.84 -6.69 42.01
CA PRO B 1186 9.11 -6.36 41.33
C PRO B 1186 8.86 -6.11 39.86
N GLY B 1187 9.85 -5.48 39.23
CA GLY B 1187 9.80 -5.31 37.79
C GLY B 1187 9.05 -4.06 37.37
N PRO B 1188 8.28 -4.15 36.28
CA PRO B 1188 7.66 -2.95 35.73
C PRO B 1188 6.54 -2.43 36.62
N LEU B 1189 6.33 -1.12 36.55
CA LEU B 1189 5.19 -0.48 37.21
C LEU B 1189 3.96 -0.77 36.39
N LEU B 1190 2.98 -1.43 37.01
CA LEU B 1190 1.79 -1.81 36.28
C LEU B 1190 0.79 -0.66 36.21
N LEU B 1191 0.22 -0.48 35.02
CA LEU B 1191 -0.94 0.40 34.83
C LEU B 1191 -2.17 -0.34 35.32
N VAL B 1192 -2.73 0.11 36.44
CA VAL B 1192 -3.84 -0.54 37.12
C VAL B 1192 -5.13 0.19 36.79
N GLN B 1193 -6.18 -0.57 36.49
CA GLN B 1193 -7.54 -0.04 36.35
C GLN B 1193 -8.46 -0.78 37.30
N ALA B 1194 -9.29 -0.04 38.03
CA ALA B 1194 -10.16 -0.66 39.03
C ALA B 1194 -11.59 -0.18 38.85
N ALA B 1195 -12.53 -1.02 39.29
CA ALA B 1195 -13.95 -0.69 39.23
C ALA B 1195 -14.66 -1.49 40.30
N SER B 1196 -15.79 -0.97 40.78
CA SER B 1196 -16.61 -1.77 41.67
C SER B 1196 -17.46 -2.72 40.85
N SER B 1197 -18.01 -3.74 41.51
CA SER B 1197 -18.91 -4.65 40.82
C SER B 1197 -20.09 -3.87 40.23
N GLY B 1198 -20.60 -2.88 40.97
CA GLY B 1198 -21.69 -2.07 40.46
C GLY B 1198 -21.31 -1.30 39.22
N GLU B 1199 -20.10 -0.73 39.21
CA GLU B 1199 -19.67 0.05 38.04
C GLU B 1199 -19.52 -0.84 36.82
N ILE B 1200 -18.99 -2.07 37.01
CA ILE B 1200 -18.88 -2.99 35.88
C ILE B 1200 -20.25 -3.28 35.28
N ALA B 1201 -21.26 -3.45 36.13
CA ALA B 1201 -22.59 -3.82 35.66
C ALA B 1201 -23.26 -2.71 34.88
N ARG B 1202 -22.97 -1.45 35.20
CA ARG B 1202 -23.71 -0.34 34.64
C ARG B 1202 -22.91 0.53 33.67
N ASN B 1203 -21.59 0.44 33.67
CA ASN B 1203 -20.75 1.23 32.76
C ASN B 1203 -20.01 0.29 31.81
N PRO B 1204 -20.40 0.26 30.53
CA PRO B 1204 -19.67 -0.60 29.57
C PRO B 1204 -18.19 -0.25 29.43
N ASP B 1205 -17.80 0.97 29.82
CA ASP B 1205 -16.43 1.43 29.73
C ASP B 1205 -15.76 1.50 31.10
N ALA B 1206 -16.24 0.70 32.05
CA ALA B 1206 -15.62 0.68 33.38
C ALA B 1206 -14.13 0.42 33.30
N TYR B 1207 -13.71 -0.47 32.40
CA TYR B 1207 -12.30 -0.67 32.07
C TYR B 1207 -12.06 -0.10 30.68
N CYS B 1208 -10.99 0.67 30.53
CA CYS B 1208 -10.69 1.38 29.30
C CYS B 1208 -9.71 0.56 28.46
N LEU B 1209 -10.09 0.28 27.22
CA LEU B 1209 -9.23 -0.53 26.37
C LEU B 1209 -7.99 0.22 25.89
N ASN B 1210 -7.94 1.54 26.04
CA ASN B 1210 -6.78 2.30 25.59
C ASN B 1210 -5.53 1.87 26.34
N TRP B 1211 -5.69 1.44 27.58
CA TRP B 1211 -4.55 1.12 28.43
C TRP B 1211 -4.14 -0.33 28.36
N LEU B 1212 -4.89 -1.14 27.61
CA LEU B 1212 -4.65 -2.56 27.48
C LEU B 1212 -3.94 -2.92 26.18
N VAL B 1213 -3.55 -1.93 25.38
CA VAL B 1213 -2.68 -2.16 24.25
C VAL B 1213 -1.38 -1.41 24.49
N GLU B 1214 -0.33 -1.86 23.80
CA GLU B 1214 0.96 -1.21 23.84
C GLU B 1214 1.20 -0.48 22.52
N GLU B 1215 1.60 0.78 22.61
CA GLU B 1215 1.96 1.56 21.43
C GLU B 1215 3.42 1.29 21.06
N VAL B 1216 3.66 1.13 19.76
CA VAL B 1216 5.01 0.99 19.23
C VAL B 1216 5.17 1.96 18.07
N SER B 1217 6.23 2.77 18.12
CA SER B 1217 6.58 3.70 17.06
C SER B 1217 7.79 3.14 16.33
N ALA B 1218 7.78 3.21 15.01
CA ALA B 1218 8.93 2.79 14.22
C ALA B 1218 9.22 3.85 13.17
N SER B 1219 10.48 4.28 13.10
CA SER B 1219 10.89 5.29 12.14
C SER B 1219 11.94 4.69 11.22
N ILE B 1220 11.63 4.63 9.93
CA ILE B 1220 12.49 4.00 8.93
C ILE B 1220 13.05 5.10 8.04
N ASN B 1221 14.38 5.18 7.95
CA ASN B 1221 15.04 6.10 7.03
C ASN B 1221 14.99 5.48 5.63
N THR B 1222 14.04 5.92 4.81
CA THR B 1222 13.87 5.40 3.47
C THR B 1222 14.79 6.04 2.46
N ALA B 1223 15.67 6.93 2.91
CA ALA B 1223 16.70 7.50 2.06
C ALA B 1223 18.06 6.86 2.28
N ALA B 1224 18.12 5.80 3.08
CA ALA B 1224 19.40 5.27 3.53
C ALA B 1224 20.22 4.67 2.39
N ALA B 1225 19.60 4.32 1.25
CA ALA B 1225 20.37 3.78 0.15
C ALA B 1225 21.06 4.84 -0.70
N GLY B 1226 20.91 6.12 -0.33
CA GLY B 1226 21.56 7.19 -1.06
C GLY B 1226 20.62 8.11 -1.82
N GLY B 1227 19.31 7.90 -1.72
CA GLY B 1227 18.37 8.75 -2.43
C GLY B 1227 16.96 8.36 -2.03
N ASN B 1228 16.00 9.12 -2.57
CA ASN B 1228 14.60 9.02 -2.14
C ASN B 1228 13.76 8.59 -3.33
N ALA B 1229 13.24 7.36 -3.27
CA ALA B 1229 12.45 6.82 -4.37
C ALA B 1229 11.22 7.68 -4.66
N SER B 1230 10.47 8.03 -3.62
CA SER B 1230 9.25 8.82 -3.80
C SER B 1230 9.54 10.13 -4.52
N LEU B 1231 10.59 10.83 -4.11
CA LEU B 1231 10.88 12.12 -4.73
C LEU B 1231 11.43 12.00 -6.13
N MET B 1232 11.79 10.80 -6.59
CA MET B 1232 12.21 10.65 -7.98
C MET B 1232 11.06 10.95 -8.93
N ALA B 1233 9.82 10.74 -8.49
CA ALA B 1233 8.64 11.00 -9.30
C ALA B 1233 8.08 12.41 -9.10
N ILE B 1234 8.81 13.28 -8.41
CA ILE B 1234 8.34 14.62 -8.08
C ILE B 1234 9.27 15.64 -8.71
N GLY B 1235 8.77 16.35 -9.70
CA GLY B 1235 9.51 17.41 -10.37
C GLY B 1235 8.60 18.57 -10.74
#